data_6PZA
#
_entry.id   6PZA
#
_cell.length_a   1.00
_cell.length_b   1.00
_cell.length_c   1.00
_cell.angle_alpha   90.00
_cell.angle_beta   90.00
_cell.angle_gamma   90.00
#
_symmetry.space_group_name_H-M   'P 1'
#
loop_
_entity.id
_entity.type
_entity.pdbx_description
1 polymer 'ATP-binding cassette sub-family C member 8'
2 polymer 'ATP-sensitive inward rectifier potassium channel 11'
3 non-polymer 5-chloro-N-(2-{4-[(cyclohexylcarbamoyl)sulfamoyl]phenyl}ethyl)-2-methoxybenzamide
4 non-polymer "ADENOSINE-5'-TRIPHOSPHATE"
#
loop_
_entity_poly.entity_id
_entity_poly.type
_entity_poly.pdbx_seq_one_letter_code
_entity_poly.pdbx_strand_id
1 'polypeptide(L)'
;MPLAFCGTENHSAAYRVDQGVLNNGCFVDALNVVPHVFLLFITFPILFIGWGSQSSKVHIHHSTWLHFPGHNLRWILTFI
LLFVLVCEIAEGILSDGVTESRHLHLYMPAGMAFMAAITSVVYYHNIETSNFPKLLIALLIYWTLAFITKTIKFVKFYDH
AIGFSQLRFCLTGLLVILYGMLLLVEVNVIRVRRYIFFKTPREVKPPEDLQDLGVRFLQPFVNLLSKGTYWWMNAFIKTA
HKKPIDLRAIAKLPIAMRALTNYQRLCVAFDAQARKDTQSPQGARAIWRALCHAFGRRLILSSTFRILADLLGFAGPLCI
FGIVDHLGKENHVFQPKTQFLGVYFVSSQEFLGNAYVLAVLLFLALLLQRTFLQASYYVAIETGINLRGAIQTKIYNKIM
HMSTSNLSMGEMTAGQICNLVAIDTNQLMWFFFLCPNLWTMPVQIIVGVILLYYILGVSALIGAAVIILLAPVQYFVATK
LSQAQRTTLEHSNERLKQTNEMLRGMKLLKLYAWESIFCSRVEVTRRKEMTSLRAFAVYTSISIFMNTAIPIAAVLITFV
GHVSFFKESDLSPSVAFASLSLFHILVTPLFLLSSVVRSTVKALVSVQKLSEFLSSAEIREEQCAPREPAPQGQAGKYQA
VPLKVVNRKRPAREEVRDLLGPLQRLAPSMDGDADNFCVQIIGGFFTWTPDGIPTLSNITIRIPRGQLTMIVGQVGCGKS
SLLLATLGEMQKVSGAVFWNSNLPDSEGEDPSSPERETAAGSDIRSRGPVAYASQKPWLLNATVEENITFESPFNKQRYK
MVIEACSLQPDIDILPHGDQTQIGERGINLSGGQRQRISVARALYQQTNVVFLDDPFSALDVHLSDHLMQAGILELLRDD
KRTVVLVTHKLQYLPHADWIIAMKDGTIQREGTLKDFQRSECQLFEHWKTLMNRQDQELEKETVMERKASEPSQGLPRAM
SSRDGLLLDEEEEEEEAAESEEDDNLSSVLHQRAKIPWRACTKYLSSAGILLLSLLVFSQLLKHMVLVAIDYWLAKWTDS
ALVLSPAARNCSLSQECDLDQSVYAMVFTLLCSLGIVLCLVTSVTVEWTGLKVAKRLHRSLLNRIILAPMRFFETTPLGS
ILNRFSSDCNTIDQHIPSTLECLSRSTLLCVSALTVISYVTPVFLVALLPLAVVCYFIQKYFRVASRDLQQLDDTTQLPL
VSHFAETVEGLTTIRAFRYEARFQQKLLEYTDSNNIASLFLTAANRWLEVCMEYIGACVVLIAAATSISNSLHRELSAGL
VGLGLTYALMVSNYLNWMVRNLADMEIQLGAVKRIHALLKTEAESYEGLLAPSLIPKNWPDQGKIQIQNLSVRYDSSLKP
VLKHVNTLISPGQKIGICGRTGSGKSSFSLAFFRMVDMFEGRIIIDGIDIAKLPLHTLRSRLSIILQDPVLFSGTIRFNL
DPEKKCSDSTLWEALEIAQLKLVVKALPGGLDAIITEGGENFSQGQRQLFCLARAFVRKTSIFIMDEATASIDMATENIL
QKVVMTAFADRTVVTIAHRVHTILSADLVMVLKRGAILEFDKPETLLSQKDSVFASFVRADK
;
C
2 'polypeptide(L)'
;MLSRKGIIPEEYVLTRLAEDPTEPRYRTRERRARFVSKKGNCNVAHKNIREQGRFLQDVFTTLVDLKWPHTLLIFTMSFL
CSWLLFAMVWWLIAFAHGDLAPGEGTNVPCVTSIHSFSSAFLFSIEVQVTIGFGGRMVTEECPLAILILIVQNIVGLMIN
AIMLGCIFMKTAQAHRRAETLIFSKHAVITPRHGRLCFMLRVGDLRKSMIISATIHMQVVRKTTSPEGEVVPLHQVDIPM
ENGVGGNSIFLVAPLIIYHVIDSNSPLYDLAPSDLHHHQDLEIIVILEGVVETTGITTQARTSYLADEILWGQRFVPIVA
EEDGRYSVDYSKFGNTVKVPTPLCTARQLDEDRSLLDALTLASSRGPLRKRSVAVAKAKPKFSISPDSLS
;
D
#
loop_
_chem_comp.id
_chem_comp.type
_chem_comp.name
_chem_comp.formula
ATP non-polymer ADENOSINE-5'-TRIPHOSPHATE 'C10 H16 N5 O13 P3'
GBM non-polymer 5-chloro-N-(2-{4-[(cyclohexylcarbamoyl)sulfamoyl]phenyl}ethyl)-2-methoxybenzamide 'C23 H28 Cl N3 O5 S'
#
# COMPACT_ATOMS: atom_id res chain seq x y z
N MET A 1 -51.34 49.83 -1.62
CA MET A 1 -49.91 49.70 -1.31
C MET A 1 -49.22 48.46 -1.92
N PRO A 2 -49.26 48.33 -3.27
CA PRO A 2 -48.85 47.06 -3.89
C PRO A 2 -47.34 46.93 -4.00
N LEU A 3 -46.88 45.89 -4.70
CA LEU A 3 -45.46 45.68 -4.90
C LEU A 3 -44.90 46.66 -5.91
N ALA A 4 -44.55 47.86 -5.46
CA ALA A 4 -43.97 48.85 -6.35
C ALA A 4 -42.52 48.54 -6.61
N PHE A 5 -42.07 48.82 -7.84
CA PHE A 5 -40.65 48.69 -8.16
C PHE A 5 -39.85 49.75 -7.43
N CYS A 6 -40.19 51.01 -7.64
CA CYS A 6 -39.59 52.11 -6.90
C CYS A 6 -40.28 52.24 -5.55
N GLY A 7 -40.05 53.35 -4.86
CA GLY A 7 -40.73 53.56 -3.60
C GLY A 7 -42.22 53.81 -3.81
N THR A 8 -43.03 53.21 -2.95
CA THR A 8 -44.44 53.52 -2.89
C THR A 8 -44.75 54.67 -1.93
N GLU A 9 -43.72 55.37 -1.46
CA GLU A 9 -43.90 56.51 -0.60
C GLU A 9 -44.17 57.77 -1.43
N ASN A 10 -44.74 58.77 -0.75
CA ASN A 10 -45.01 60.10 -1.30
C ASN A 10 -45.93 60.06 -2.53
N HIS A 11 -46.78 59.04 -2.58
CA HIS A 11 -47.69 58.74 -3.70
C HIS A 11 -46.95 58.67 -5.03
N SER A 12 -46.03 57.70 -5.10
CA SER A 12 -45.26 57.35 -6.30
C SER A 12 -44.46 58.54 -6.82
N ALA A 13 -43.90 59.33 -5.90
CA ALA A 13 -43.14 60.50 -6.34
C ALA A 13 -41.72 60.15 -6.75
N ALA A 14 -41.28 58.91 -6.55
CA ALA A 14 -39.98 58.49 -7.04
C ALA A 14 -40.03 58.08 -8.50
N TYR A 15 -41.22 57.99 -9.09
CA TYR A 15 -41.39 57.74 -10.51
C TYR A 15 -41.39 58.99 -11.35
N ARG A 16 -41.23 60.16 -10.74
CA ARG A 16 -41.24 61.43 -11.46
C ARG A 16 -40.02 61.52 -12.36
N VAL A 17 -40.24 61.39 -13.66
CA VAL A 17 -39.14 61.33 -14.63
C VAL A 17 -38.63 62.72 -14.98
N ASP A 18 -39.12 63.75 -14.31
CA ASP A 18 -38.52 65.06 -14.43
C ASP A 18 -37.16 65.08 -13.73
N GLN A 19 -36.45 66.20 -13.91
CA GLN A 19 -35.01 66.32 -13.66
C GLN A 19 -34.25 65.15 -14.29
N GLY A 20 -34.36 65.04 -15.60
CA GLY A 20 -33.59 64.05 -16.33
C GLY A 20 -34.16 62.64 -16.25
N VAL A 21 -33.90 61.84 -17.27
CA VAL A 21 -34.34 60.45 -17.22
C VAL A 21 -33.43 59.62 -16.35
N LEU A 22 -32.13 59.91 -16.37
CA LEU A 22 -31.17 59.12 -15.63
C LEU A 22 -30.94 59.62 -14.21
N ASN A 23 -31.25 60.89 -13.91
CA ASN A 23 -31.02 61.37 -12.55
C ASN A 23 -32.10 60.94 -11.58
N ASN A 24 -33.13 60.24 -12.05
CA ASN A 24 -34.04 59.53 -11.15
C ASN A 24 -33.33 58.27 -10.68
N GLY A 25 -33.06 58.20 -9.37
CA GLY A 25 -32.25 57.13 -8.80
C GLY A 25 -32.84 55.75 -8.89
N CYS A 26 -34.12 55.64 -9.27
CA CYS A 26 -34.74 54.35 -9.50
C CYS A 26 -34.70 53.93 -10.95
N PHE A 27 -34.56 54.88 -11.88
CA PHE A 27 -34.51 54.51 -13.30
C PHE A 27 -33.18 53.91 -13.69
N VAL A 28 -32.09 54.29 -13.00
CA VAL A 28 -30.82 53.67 -13.30
C VAL A 28 -30.81 52.20 -12.88
N ASP A 29 -31.51 51.85 -11.79
CA ASP A 29 -31.67 50.45 -11.47
C ASP A 29 -32.58 49.75 -12.45
N ALA A 30 -33.57 50.47 -12.98
CA ALA A 30 -34.41 49.93 -14.05
C ALA A 30 -33.62 49.65 -15.31
N LEU A 31 -32.58 50.44 -15.58
CA LEU A 31 -31.70 50.14 -16.70
C LEU A 31 -30.90 48.87 -16.43
N ASN A 32 -30.46 48.67 -15.19
CA ASN A 32 -29.65 47.50 -14.87
C ASN A 32 -30.42 46.21 -14.96
N VAL A 33 -31.75 46.23 -14.87
CA VAL A 33 -32.54 45.03 -15.11
C VAL A 33 -32.46 44.60 -16.58
N VAL A 34 -32.24 45.55 -17.50
CA VAL A 34 -32.36 45.26 -18.94
C VAL A 34 -31.33 44.26 -19.46
N PRO A 35 -30.00 44.42 -19.24
CA PRO A 35 -29.07 43.48 -19.90
C PRO A 35 -29.13 42.08 -19.31
N HIS A 36 -29.51 41.94 -18.05
CA HIS A 36 -29.56 40.62 -17.45
C HIS A 36 -30.73 39.80 -17.99
N VAL A 37 -31.92 40.41 -18.09
CA VAL A 37 -33.03 39.70 -18.72
C VAL A 37 -32.83 39.59 -20.22
N PHE A 38 -31.98 40.43 -20.82
CA PHE A 38 -31.59 40.22 -22.21
C PHE A 38 -30.84 38.90 -22.38
N LEU A 39 -29.88 38.62 -21.50
CA LEU A 39 -29.13 37.37 -21.62
C LEU A 39 -29.98 36.15 -21.32
N LEU A 40 -30.82 36.22 -20.28
CA LEU A 40 -31.72 35.11 -20.01
C LEU A 40 -32.66 34.83 -21.18
N PHE A 41 -33.18 35.87 -21.79
CA PHE A 41 -34.18 35.65 -22.80
C PHE A 41 -33.60 35.48 -24.19
N ILE A 42 -32.28 35.56 -24.33
CA ILE A 42 -31.60 35.12 -25.56
C ILE A 42 -30.83 33.82 -25.35
N THR A 43 -30.63 33.37 -24.11
CA THR A 43 -29.92 32.12 -23.88
C THR A 43 -30.77 31.06 -23.21
N PHE A 44 -32.06 31.27 -23.06
CA PHE A 44 -32.82 30.07 -22.72
C PHE A 44 -33.09 29.16 -23.93
N PRO A 45 -33.45 29.65 -25.13
CA PRO A 45 -33.60 28.69 -26.25
C PRO A 45 -32.33 27.98 -26.63
N ILE A 46 -31.16 28.63 -26.52
CA ILE A 46 -29.89 27.97 -26.79
C ILE A 46 -29.65 26.80 -25.84
N LEU A 47 -29.85 27.03 -24.53
CA LEU A 47 -29.56 25.99 -23.55
C LEU A 47 -30.55 24.84 -23.58
N PHE A 48 -31.83 25.11 -23.83
CA PHE A 48 -32.78 23.99 -23.83
C PHE A 48 -32.68 23.14 -25.07
N ILE A 49 -32.36 23.73 -26.23
CA ILE A 49 -32.07 22.94 -27.42
C ILE A 49 -30.84 22.08 -27.19
N GLY A 50 -29.83 22.64 -26.53
CA GLY A 50 -28.63 21.89 -26.21
C GLY A 50 -28.90 20.73 -25.26
N TRP A 51 -29.72 20.97 -24.24
CA TRP A 51 -30.05 19.93 -23.25
C TRP A 51 -30.91 18.82 -23.83
N GLY A 52 -31.78 19.15 -24.77
CA GLY A 52 -32.56 18.12 -25.47
C GLY A 52 -31.71 17.21 -26.33
N SER A 53 -30.71 17.76 -26.99
CA SER A 53 -29.85 16.96 -27.86
C SER A 53 -28.95 16.01 -27.08
N GLN A 54 -28.64 16.32 -25.82
CA GLN A 54 -28.07 15.29 -24.96
C GLN A 54 -29.09 14.26 -24.50
N SER A 55 -30.38 14.61 -24.51
CA SER A 55 -31.38 13.59 -24.18
C SER A 55 -31.76 12.73 -25.38
N SER A 56 -31.18 12.98 -26.55
CA SER A 56 -31.32 12.12 -27.72
C SER A 56 -30.08 11.31 -28.03
N LYS A 57 -28.89 11.90 -27.86
CA LYS A 57 -27.62 11.24 -28.16
C LYS A 57 -26.57 11.72 -27.17
N VAL A 58 -26.23 10.89 -26.20
CA VAL A 58 -25.31 11.26 -25.13
C VAL A 58 -24.11 10.32 -25.06
N HIS A 59 -23.85 9.57 -26.14
CA HIS A 59 -22.75 8.61 -26.12
C HIS A 59 -21.41 9.31 -26.23
N ILE A 60 -21.34 10.39 -27.01
CA ILE A 60 -20.08 11.08 -27.28
C ILE A 60 -19.86 12.22 -26.30
N HIS A 61 -20.63 12.23 -25.21
CA HIS A 61 -20.59 13.33 -24.25
C HIS A 61 -19.32 13.33 -23.39
N HIS A 62 -18.50 12.29 -23.47
CA HIS A 62 -17.22 12.25 -22.76
C HIS A 62 -16.07 12.04 -23.73
N SER A 63 -16.03 12.82 -24.81
CA SER A 63 -15.11 12.54 -25.90
C SER A 63 -13.98 13.55 -26.03
N THR A 64 -14.29 14.83 -26.23
CA THR A 64 -13.23 15.79 -26.56
C THR A 64 -13.62 17.19 -26.13
N TRP A 65 -12.70 17.85 -25.45
CA TRP A 65 -12.89 19.17 -24.86
C TRP A 65 -11.76 20.08 -25.27
N LEU A 66 -12.08 21.34 -25.50
CA LEU A 66 -11.04 22.35 -25.70
C LEU A 66 -11.50 23.60 -24.97
N HIS A 67 -10.76 23.99 -23.95
CA HIS A 67 -11.05 25.23 -23.27
C HIS A 67 -10.56 26.38 -24.11
N PHE A 68 -11.33 27.46 -24.12
CA PHE A 68 -10.91 28.65 -24.83
C PHE A 68 -9.75 29.30 -24.08
N PRO A 69 -8.94 30.10 -24.77
CA PRO A 69 -7.86 30.82 -24.08
C PRO A 69 -8.44 31.83 -23.11
N GLY A 70 -7.77 31.98 -21.98
CA GLY A 70 -8.37 32.78 -20.93
C GLY A 70 -9.52 32.10 -20.26
N HIS A 71 -9.33 30.89 -19.71
CA HIS A 71 -10.45 30.15 -19.16
C HIS A 71 -10.44 30.17 -17.64
N ASN A 72 -9.27 30.07 -17.02
CA ASN A 72 -9.23 29.98 -15.57
C ASN A 72 -9.59 31.31 -14.93
N LEU A 73 -9.11 32.42 -15.50
CA LEU A 73 -9.46 33.71 -14.92
C LEU A 73 -10.89 34.12 -15.25
N ARG A 74 -11.47 33.57 -16.31
CA ARG A 74 -12.91 33.68 -16.52
C ARG A 74 -13.70 33.16 -15.34
N TRP A 75 -13.38 31.95 -14.88
CA TRP A 75 -14.14 31.33 -13.81
C TRP A 75 -13.92 31.99 -12.46
N ILE A 76 -12.70 32.45 -12.16
CA ILE A 76 -12.51 33.08 -10.86
C ILE A 76 -13.14 34.47 -10.82
N LEU A 77 -13.25 35.14 -11.96
CA LEU A 77 -14.00 36.39 -11.96
C LEU A 77 -15.49 36.16 -11.82
N THR A 78 -16.01 35.05 -12.34
CA THR A 78 -17.42 34.75 -12.08
C THR A 78 -17.67 34.40 -10.62
N PHE A 79 -16.73 33.71 -9.95
CA PHE A 79 -16.95 33.40 -8.54
C PHE A 79 -16.91 34.65 -7.68
N ILE A 80 -15.97 35.56 -7.92
CA ILE A 80 -15.91 36.70 -7.02
C ILE A 80 -16.92 37.77 -7.40
N LEU A 81 -17.46 37.77 -8.62
CA LEU A 81 -18.59 38.66 -8.82
C LEU A 81 -19.88 38.04 -8.29
N LEU A 82 -19.96 36.70 -8.24
CA LEU A 82 -21.06 36.07 -7.49
C LEU A 82 -20.99 36.40 -6.02
N PHE A 83 -19.78 36.50 -5.47
CA PHE A 83 -19.65 36.84 -4.07
C PHE A 83 -20.13 38.25 -3.78
N VAL A 84 -19.76 39.22 -4.61
CA VAL A 84 -20.25 40.57 -4.35
C VAL A 84 -21.70 40.78 -4.72
N LEU A 85 -22.26 39.97 -5.63
CA LEU A 85 -23.70 40.06 -5.88
C LEU A 85 -24.52 39.50 -4.74
N VAL A 86 -24.01 38.49 -4.04
CA VAL A 86 -24.63 38.07 -2.79
C VAL A 86 -24.52 39.19 -1.75
N CYS A 87 -23.40 39.93 -1.77
CA CYS A 87 -23.26 41.07 -0.88
C CYS A 87 -24.23 42.21 -1.22
N GLU A 88 -24.50 42.46 -2.51
CA GLU A 88 -25.48 43.51 -2.79
C GLU A 88 -26.91 43.08 -2.51
N ILE A 89 -27.21 41.79 -2.64
CA ILE A 89 -28.48 41.28 -2.14
C ILE A 89 -28.58 41.53 -0.64
N ALA A 90 -27.50 41.25 0.08
CA ALA A 90 -27.47 41.50 1.52
C ALA A 90 -27.61 42.99 1.83
N GLU A 91 -26.94 43.83 1.04
CA GLU A 91 -27.08 45.27 1.23
C GLU A 91 -28.48 45.73 0.86
N GLY A 92 -29.05 45.14 -0.19
CA GLY A 92 -30.37 45.55 -0.64
C GLY A 92 -31.49 45.20 0.31
N ILE A 93 -31.47 43.99 0.87
CA ILE A 93 -32.48 43.60 1.85
C ILE A 93 -32.37 44.46 3.09
N LEU A 94 -31.15 44.70 3.55
CA LEU A 94 -30.94 45.44 4.78
C LEU A 94 -31.18 46.93 4.62
N SER A 95 -31.15 47.46 3.39
CA SER A 95 -31.46 48.87 3.18
C SER A 95 -32.94 49.13 2.94
N ASP A 96 -33.60 48.26 2.16
CA ASP A 96 -35.02 48.43 1.91
C ASP A 96 -35.88 48.05 3.09
N GLY A 97 -35.33 47.39 4.10
CA GLY A 97 -36.09 47.05 5.29
C GLY A 97 -36.08 48.11 6.37
N VAL A 98 -36.21 49.38 5.99
CA VAL A 98 -36.26 50.47 6.96
C VAL A 98 -37.40 51.44 6.69
N THR A 99 -38.24 51.18 5.70
CA THR A 99 -39.29 52.10 5.29
C THR A 99 -40.61 51.35 5.21
N GLU A 100 -41.69 52.09 4.94
CA GLU A 100 -43.02 51.51 4.95
C GLU A 100 -43.30 50.69 3.70
N SER A 101 -42.68 51.02 2.58
CA SER A 101 -42.97 50.39 1.31
C SER A 101 -42.08 49.15 1.14
N ARG A 102 -42.01 48.60 -0.07
CA ARG A 102 -41.15 47.46 -0.36
C ARG A 102 -39.79 47.87 -0.92
N HIS A 103 -39.75 48.88 -1.80
CA HIS A 103 -38.54 49.44 -2.41
C HIS A 103 -37.72 48.37 -3.13
N LEU A 104 -38.31 47.85 -4.19
CA LEU A 104 -37.71 46.70 -4.87
C LEU A 104 -36.55 47.07 -5.79
N HIS A 105 -36.20 48.34 -5.93
CA HIS A 105 -35.09 48.67 -6.81
C HIS A 105 -33.74 48.59 -6.11
N LEU A 106 -33.70 48.03 -4.91
CA LEU A 106 -32.44 47.73 -4.27
C LEU A 106 -32.02 46.27 -4.42
N TYR A 107 -32.96 45.36 -4.64
CA TYR A 107 -32.58 43.95 -4.72
C TYR A 107 -33.34 43.16 -5.78
N MET A 108 -34.01 43.82 -6.71
CA MET A 108 -34.32 43.18 -7.98
C MET A 108 -33.18 43.22 -8.99
N PRO A 109 -32.41 44.32 -9.18
CA PRO A 109 -31.30 44.23 -10.14
C PRO A 109 -30.18 43.31 -9.68
N ALA A 110 -29.85 43.30 -8.40
CA ALA A 110 -28.79 42.42 -7.92
C ALA A 110 -29.19 40.96 -7.96
N GLY A 111 -30.47 40.68 -7.73
CA GLY A 111 -30.93 39.29 -7.79
C GLY A 111 -30.94 38.73 -9.19
N MET A 112 -31.43 39.50 -10.15
CA MET A 112 -31.40 39.05 -11.54
C MET A 112 -30.01 39.11 -12.13
N ALA A 113 -29.10 39.93 -11.59
CA ALA A 113 -27.70 39.86 -12.03
C ALA A 113 -27.02 38.58 -11.56
N PHE A 114 -27.40 38.09 -10.37
CA PHE A 114 -26.89 36.82 -9.87
C PHE A 114 -27.27 35.66 -10.77
N MET A 115 -28.55 35.57 -11.13
CA MET A 115 -28.98 34.51 -12.03
C MET A 115 -28.44 34.69 -13.44
N ALA A 116 -28.17 35.94 -13.85
CA ALA A 116 -27.59 36.15 -15.17
C ALA A 116 -26.13 35.72 -15.23
N ALA A 117 -25.39 35.94 -14.15
CA ALA A 117 -23.99 35.52 -14.14
C ALA A 117 -23.87 34.01 -14.07
N ILE A 118 -24.77 33.34 -13.34
CA ILE A 118 -24.78 31.89 -13.32
C ILE A 118 -25.15 31.34 -14.70
N THR A 119 -26.16 31.92 -15.35
CA THR A 119 -26.49 31.47 -16.69
C THR A 119 -25.44 31.91 -17.71
N SER A 120 -24.67 32.95 -17.44
CA SER A 120 -23.62 33.28 -18.39
C SER A 120 -22.38 32.41 -18.23
N VAL A 121 -22.28 31.62 -17.16
CA VAL A 121 -21.21 30.63 -17.11
C VAL A 121 -21.69 29.25 -17.54
N VAL A 122 -22.99 28.96 -17.41
CA VAL A 122 -23.53 27.71 -17.96
C VAL A 122 -23.52 27.76 -19.48
N TYR A 123 -23.87 28.93 -20.03
CA TYR A 123 -23.77 29.15 -21.47
C TYR A 123 -22.35 29.05 -21.95
N TYR A 124 -21.40 29.60 -21.18
CA TYR A 124 -19.99 29.48 -21.54
C TYR A 124 -19.51 28.05 -21.44
N HIS A 125 -20.05 27.28 -20.50
CA HIS A 125 -19.65 25.89 -20.38
C HIS A 125 -20.28 25.04 -21.48
N ASN A 126 -21.55 25.28 -21.82
CA ASN A 126 -22.14 24.57 -22.93
C ASN A 126 -21.58 24.98 -24.28
N ILE A 127 -20.85 26.09 -24.36
CA ILE A 127 -20.14 26.47 -25.57
C ILE A 127 -18.64 26.18 -25.47
N GLU A 128 -18.13 25.81 -24.31
CA GLU A 128 -16.75 25.37 -24.29
C GLU A 128 -16.62 23.89 -24.59
N THR A 129 -17.66 23.12 -24.27
CA THR A 129 -17.67 21.71 -24.63
C THR A 129 -17.76 21.54 -26.14
N SER A 130 -18.61 22.32 -26.78
CA SER A 130 -18.79 22.27 -28.23
C SER A 130 -18.04 23.45 -28.83
N ASN A 131 -16.97 23.17 -29.56
CA ASN A 131 -16.17 24.24 -30.15
C ASN A 131 -16.97 24.94 -31.23
N PHE A 132 -17.68 25.98 -30.82
CA PHE A 132 -18.50 26.78 -31.73
C PHE A 132 -18.44 28.21 -31.25
N PRO A 133 -17.30 28.88 -31.44
CA PRO A 133 -17.05 30.13 -30.73
C PRO A 133 -17.84 31.32 -31.25
N LYS A 134 -18.42 31.24 -32.46
CA LYS A 134 -19.21 32.36 -32.95
C LYS A 134 -20.51 32.56 -32.21
N LEU A 135 -20.91 31.63 -31.35
CA LEU A 135 -22.16 31.78 -30.63
C LEU A 135 -21.94 32.41 -29.26
N LEU A 136 -20.71 32.74 -28.88
CA LEU A 136 -20.52 33.61 -27.72
C LEU A 136 -20.23 35.05 -28.15
N ILE A 137 -20.69 35.43 -29.34
CA ILE A 137 -20.83 36.85 -29.64
C ILE A 137 -21.91 37.44 -28.77
N ALA A 138 -22.98 36.68 -28.55
CA ALA A 138 -24.09 37.10 -27.69
C ALA A 138 -23.63 37.37 -26.28
N LEU A 139 -22.67 36.59 -25.79
CA LEU A 139 -22.19 36.78 -24.45
C LEU A 139 -21.26 37.98 -24.33
N LEU A 140 -20.46 38.27 -25.36
CA LEU A 140 -19.59 39.44 -25.26
C LEU A 140 -20.39 40.73 -25.44
N ILE A 141 -21.45 40.71 -26.24
CA ILE A 141 -22.24 41.93 -26.34
C ILE A 141 -23.07 42.12 -25.08
N TYR A 142 -23.40 41.03 -24.38
CA TYR A 142 -23.94 41.13 -23.03
C TYR A 142 -23.01 41.85 -22.08
N TRP A 143 -21.72 41.47 -22.05
CA TRP A 143 -20.84 42.06 -21.04
C TRP A 143 -20.54 43.51 -21.36
N THR A 144 -20.45 43.89 -22.63
CA THR A 144 -20.28 45.31 -22.90
C THR A 144 -21.57 46.07 -22.62
N LEU A 145 -22.73 45.42 -22.75
CA LEU A 145 -23.98 46.09 -22.44
C LEU A 145 -24.14 46.27 -20.95
N ALA A 146 -23.83 45.23 -20.17
CA ALA A 146 -23.93 45.30 -18.72
C ALA A 146 -22.88 46.20 -18.10
N PHE A 147 -21.69 46.28 -18.71
CA PHE A 147 -20.69 47.24 -18.24
C PHE A 147 -21.13 48.68 -18.42
N ILE A 148 -21.78 49.00 -19.55
CA ILE A 148 -22.27 50.35 -19.80
C ILE A 148 -23.34 50.77 -18.80
N THR A 149 -24.25 49.86 -18.46
CA THR A 149 -25.34 50.24 -17.55
C THR A 149 -24.85 50.46 -16.13
N LYS A 150 -23.89 49.67 -15.65
CA LYS A 150 -23.35 49.99 -14.34
C LYS A 150 -22.35 51.14 -14.38
N THR A 151 -21.77 51.44 -15.54
CA THR A 151 -21.00 52.67 -15.68
C THR A 151 -21.91 53.88 -15.51
N ILE A 152 -23.13 53.81 -16.06
CA ILE A 152 -24.14 54.84 -15.88
C ILE A 152 -24.45 55.04 -14.40
N LYS A 153 -24.69 53.93 -13.69
CA LYS A 153 -25.06 54.00 -12.29
C LYS A 153 -23.92 54.51 -11.42
N PHE A 154 -22.68 54.14 -11.75
CA PHE A 154 -21.55 54.58 -10.94
C PHE A 154 -21.23 56.04 -11.12
N VAL A 155 -21.30 56.56 -12.36
CA VAL A 155 -21.01 57.98 -12.53
C VAL A 155 -22.15 58.86 -12.02
N LYS A 156 -23.38 58.34 -11.94
CA LYS A 156 -24.43 59.09 -11.29
C LYS A 156 -24.30 59.06 -9.78
N PHE A 157 -23.74 57.99 -9.21
CA PHE A 157 -23.39 58.03 -7.80
C PHE A 157 -22.32 59.06 -7.51
N TYR A 158 -21.39 59.27 -8.44
CA TYR A 158 -20.40 60.31 -8.22
C TYR A 158 -21.01 61.70 -8.40
N ASP A 159 -22.03 61.81 -9.25
CA ASP A 159 -22.68 63.10 -9.46
C ASP A 159 -23.70 63.42 -8.36
N HIS A 160 -24.26 62.40 -7.72
CA HIS A 160 -25.09 62.64 -6.54
C HIS A 160 -24.27 62.74 -5.26
N ALA A 161 -22.94 62.64 -5.38
CA ALA A 161 -21.98 62.89 -4.30
C ALA A 161 -22.19 61.95 -3.10
N ILE A 162 -22.35 60.66 -3.39
CA ILE A 162 -22.37 59.67 -2.32
C ILE A 162 -20.97 59.51 -1.73
N GLY A 163 -19.99 59.23 -2.56
CA GLY A 163 -18.64 58.98 -2.09
C GLY A 163 -18.50 57.57 -1.54
N PHE A 164 -17.28 57.25 -1.12
CA PHE A 164 -16.99 55.90 -0.62
C PHE A 164 -17.52 55.63 0.78
N SER A 165 -18.21 56.59 1.39
CA SER A 165 -18.68 56.41 2.77
C SER A 165 -19.82 55.40 2.83
N GLN A 166 -20.84 55.57 1.98
CA GLN A 166 -21.91 54.59 1.92
C GLN A 166 -21.43 53.34 1.20
N LEU A 167 -22.11 52.24 1.46
CA LEU A 167 -21.57 50.93 1.09
C LEU A 167 -21.75 50.61 -0.38
N ARG A 168 -22.92 50.93 -0.95
CA ARG A 168 -23.22 50.49 -2.31
C ARG A 168 -22.38 51.21 -3.34
N PHE A 169 -21.81 52.36 -3.00
CA PHE A 169 -20.82 53.00 -3.86
C PHE A 169 -19.57 52.14 -4.01
N CYS A 170 -19.05 51.64 -2.88
CA CYS A 170 -17.85 50.80 -2.92
C CYS A 170 -18.09 49.50 -3.67
N LEU A 171 -19.22 48.84 -3.41
CA LEU A 171 -19.52 47.60 -4.12
C LEU A 171 -19.72 47.82 -5.62
N THR A 172 -20.35 48.92 -6.01
CA THR A 172 -20.62 49.15 -7.43
C THR A 172 -19.35 49.46 -8.19
N GLY A 173 -18.45 50.22 -7.58
CA GLY A 173 -17.15 50.44 -8.19
C GLY A 173 -16.35 49.17 -8.31
N LEU A 174 -16.49 48.28 -7.32
CA LEU A 174 -15.85 46.97 -7.41
C LEU A 174 -16.43 46.14 -8.54
N LEU A 175 -17.76 46.11 -8.70
CA LEU A 175 -18.26 45.26 -9.77
C LEU A 175 -18.36 45.96 -11.13
N VAL A 176 -18.13 47.28 -11.20
CA VAL A 176 -17.89 47.88 -12.51
C VAL A 176 -16.58 47.35 -13.10
N ILE A 177 -15.51 47.34 -12.32
CA ILE A 177 -14.25 46.83 -12.83
C ILE A 177 -14.29 45.32 -13.00
N LEU A 178 -15.21 44.62 -12.32
CA LEU A 178 -15.41 43.21 -12.61
C LEU A 178 -15.91 42.98 -14.02
N TYR A 179 -16.99 43.65 -14.41
CA TYR A 179 -17.53 43.39 -15.74
C TYR A 179 -16.64 43.97 -16.82
N GLY A 180 -15.94 45.05 -16.51
CA GLY A 180 -14.95 45.56 -17.44
C GLY A 180 -13.79 44.60 -17.65
N MET A 181 -13.33 43.96 -16.59
CA MET A 181 -12.14 43.12 -16.72
C MET A 181 -12.44 41.80 -17.42
N LEU A 182 -13.62 41.22 -17.23
CA LEU A 182 -13.90 40.00 -17.96
C LEU A 182 -14.51 40.25 -19.33
N LEU A 183 -14.99 41.48 -19.60
CA LEU A 183 -15.20 41.88 -20.99
C LEU A 183 -13.88 41.84 -21.74
N LEU A 184 -12.81 42.29 -21.09
CA LEU A 184 -11.47 42.24 -21.66
C LEU A 184 -11.01 40.79 -21.85
N VAL A 185 -11.46 39.88 -20.98
CA VAL A 185 -11.23 38.46 -21.19
C VAL A 185 -11.92 37.99 -22.47
N GLU A 186 -13.13 38.49 -22.73
CA GLU A 186 -13.86 38.10 -23.92
C GLU A 186 -13.20 38.55 -25.22
N VAL A 187 -12.62 39.74 -25.25
CA VAL A 187 -11.91 40.15 -26.46
C VAL A 187 -10.56 39.47 -26.59
N ASN A 188 -10.03 38.89 -25.52
CA ASN A 188 -8.88 37.99 -25.68
C ASN A 188 -9.27 36.76 -26.49
N VAL A 189 -10.49 36.25 -26.29
CA VAL A 189 -10.96 35.11 -27.08
C VAL A 189 -11.10 35.51 -28.55
N ILE A 190 -11.67 36.70 -28.81
CA ILE A 190 -11.75 37.26 -30.15
C ILE A 190 -10.36 37.36 -30.77
N ARG A 191 -9.38 37.81 -29.99
CA ARG A 191 -8.04 38.01 -30.53
C ARG A 191 -7.34 36.70 -30.83
N VAL A 192 -7.40 35.73 -29.92
CA VAL A 192 -6.60 34.51 -30.09
C VAL A 192 -7.21 33.60 -31.14
N ARG A 193 -8.45 33.18 -30.93
CA ARG A 193 -9.03 32.21 -31.84
C ARG A 193 -9.63 32.82 -33.09
N ARG A 194 -9.75 34.14 -33.15
CA ARG A 194 -9.82 34.89 -34.41
C ARG A 194 -11.06 34.54 -35.24
N TYR A 195 -12.18 34.32 -34.57
CA TYR A 195 -13.34 33.78 -35.26
C TYR A 195 -14.28 34.82 -35.83
N ILE A 196 -14.41 35.99 -35.21
CA ILE A 196 -15.53 36.87 -35.51
C ILE A 196 -15.27 37.70 -36.75
N PHE A 197 -14.26 38.55 -36.71
CA PHE A 197 -14.05 39.54 -37.76
C PHE A 197 -12.83 39.27 -38.63
N PHE A 198 -12.20 38.11 -38.48
CA PHE A 198 -10.92 37.86 -39.12
C PHE A 198 -11.09 36.87 -40.27
N LYS A 199 -10.33 37.09 -41.35
CA LYS A 199 -10.56 36.38 -42.60
C LYS A 199 -10.14 34.93 -42.56
N THR A 200 -9.27 34.54 -41.64
CA THR A 200 -8.84 33.15 -41.50
C THR A 200 -8.83 32.80 -40.02
N PRO A 201 -9.70 31.91 -39.55
CA PRO A 201 -9.72 31.57 -38.13
C PRO A 201 -8.61 30.59 -37.76
N ARG A 202 -7.98 30.84 -36.63
CA ARG A 202 -7.08 29.86 -36.05
C ARG A 202 -7.91 28.79 -35.35
N GLU A 203 -7.68 27.54 -35.71
CA GLU A 203 -8.49 26.43 -35.21
C GLU A 203 -7.59 25.44 -34.50
N VAL A 204 -7.90 25.18 -33.22
CA VAL A 204 -7.11 24.29 -32.40
C VAL A 204 -7.89 23.00 -32.20
N LYS A 205 -7.17 21.94 -31.89
CA LYS A 205 -7.70 20.63 -31.63
C LYS A 205 -7.64 20.33 -30.14
N PRO A 206 -8.47 19.41 -29.64
CA PRO A 206 -8.30 18.95 -28.28
C PRO A 206 -6.96 18.24 -28.12
N PRO A 207 -6.37 18.29 -26.93
CA PRO A 207 -5.01 17.77 -26.75
C PRO A 207 -4.96 16.25 -26.86
N GLU A 208 -3.74 15.75 -27.09
CA GLU A 208 -3.55 14.33 -27.42
C GLU A 208 -3.85 13.44 -26.23
N ASP A 209 -3.65 13.93 -25.01
CA ASP A 209 -3.97 13.15 -23.82
C ASP A 209 -5.47 12.89 -23.68
N LEU A 210 -6.30 13.86 -24.06
CA LEU A 210 -7.74 13.64 -24.05
C LEU A 210 -8.18 12.74 -25.20
N GLN A 211 -7.57 12.90 -26.39
CA GLN A 211 -8.01 12.19 -27.58
C GLN A 211 -7.65 10.71 -27.57
N ASP A 212 -6.81 10.26 -26.64
CA ASP A 212 -6.56 8.84 -26.49
C ASP A 212 -7.82 8.13 -26.01
N LEU A 213 -7.92 6.84 -26.32
CA LEU A 213 -9.18 6.13 -26.20
C LEU A 213 -9.53 5.87 -24.73
N GLY A 214 -8.63 5.21 -24.01
CA GLY A 214 -8.92 4.98 -22.60
C GLY A 214 -8.12 5.88 -21.70
N VAL A 215 -8.72 6.98 -21.25
CA VAL A 215 -8.18 7.83 -20.18
C VAL A 215 -9.39 8.19 -19.32
N ARG A 216 -9.49 7.60 -18.14
CA ARG A 216 -10.58 7.91 -17.23
C ARG A 216 -10.24 9.08 -16.33
N PHE A 217 -8.99 9.15 -15.87
CA PHE A 217 -8.54 10.19 -14.96
C PHE A 217 -8.38 11.47 -15.75
N LEU A 218 -9.50 12.16 -15.96
CA LEU A 218 -9.53 13.32 -16.83
C LEU A 218 -9.47 14.62 -16.04
N GLN A 219 -8.91 14.58 -14.85
CA GLN A 219 -8.82 15.74 -13.98
C GLN A 219 -7.89 16.86 -14.48
N PRO A 220 -6.72 16.61 -15.10
CA PRO A 220 -5.94 17.75 -15.59
C PRO A 220 -6.55 18.50 -16.78
N PHE A 221 -7.61 17.99 -17.41
CA PHE A 221 -8.27 18.73 -18.47
C PHE A 221 -9.78 18.76 -18.22
N VAL A 222 -10.20 19.67 -17.36
CA VAL A 222 -11.60 19.92 -17.06
C VAL A 222 -11.67 21.32 -16.49
N ASN A 223 -12.86 21.91 -16.48
CA ASN A 223 -13.02 23.29 -16.02
C ASN A 223 -12.75 23.41 -14.52
N LEU A 224 -12.67 24.67 -14.07
CA LEU A 224 -12.11 24.95 -12.75
C LEU A 224 -13.03 24.50 -11.62
N LEU A 225 -14.35 24.57 -11.82
CA LEU A 225 -15.26 24.11 -10.78
C LEU A 225 -15.18 22.59 -10.61
N SER A 226 -15.01 21.86 -11.71
CA SER A 226 -14.83 20.42 -11.56
C SER A 226 -13.47 20.05 -11.01
N LYS A 227 -12.47 20.91 -11.15
CA LYS A 227 -11.23 20.67 -10.44
C LYS A 227 -11.38 20.96 -8.96
N GLY A 228 -12.31 21.83 -8.60
CA GLY A 228 -12.49 22.21 -7.22
C GLY A 228 -13.36 21.25 -6.45
N THR A 229 -14.42 20.76 -7.07
CA THR A 229 -15.42 19.96 -6.38
C THR A 229 -15.46 18.51 -6.85
N TYR A 230 -14.56 18.12 -7.76
CA TYR A 230 -14.39 16.75 -8.26
C TYR A 230 -15.68 16.18 -8.84
N TRP A 231 -16.24 16.91 -9.78
CA TRP A 231 -17.50 16.50 -10.36
C TRP A 231 -17.32 15.35 -11.32
N TRP A 232 -16.16 15.26 -11.97
CA TRP A 232 -15.89 14.20 -12.93
C TRP A 232 -15.83 12.84 -12.29
N MET A 233 -15.55 12.79 -10.98
CA MET A 233 -15.48 11.54 -10.23
C MET A 233 -16.81 10.78 -10.24
N ASN A 234 -17.93 11.51 -10.37
CA ASN A 234 -19.26 10.94 -10.22
C ASN A 234 -19.51 9.80 -11.21
N ALA A 235 -19.27 10.04 -12.50
CA ALA A 235 -19.46 8.99 -13.48
C ALA A 235 -18.50 7.82 -13.28
N PHE A 236 -17.34 8.05 -12.66
CA PHE A 236 -16.51 6.93 -12.24
C PHE A 236 -17.08 6.25 -11.00
N ILE A 237 -17.37 7.04 -9.95
CA ILE A 237 -17.62 6.46 -8.64
C ILE A 237 -18.96 5.75 -8.60
N LYS A 238 -19.95 6.29 -9.31
CA LYS A 238 -21.24 5.62 -9.43
C LYS A 238 -21.18 4.38 -10.31
N THR A 239 -20.22 4.31 -11.23
CA THR A 239 -20.02 3.11 -12.03
C THR A 239 -19.50 1.96 -11.17
N ALA A 240 -18.69 2.29 -10.16
CA ALA A 240 -18.02 1.31 -9.31
C ALA A 240 -18.98 0.45 -8.51
N HIS A 241 -20.24 0.83 -8.39
CA HIS A 241 -21.20 0.05 -7.63
C HIS A 241 -21.82 -1.07 -8.44
N LYS A 242 -21.91 -0.91 -9.76
CA LYS A 242 -22.44 -1.96 -10.63
C LYS A 242 -21.38 -2.99 -10.99
N LYS A 243 -20.31 -2.54 -11.66
CA LYS A 243 -19.18 -3.38 -12.02
C LYS A 243 -17.98 -3.03 -11.15
N PRO A 244 -17.23 -4.02 -10.68
CA PRO A 244 -16.05 -3.73 -9.85
C PRO A 244 -14.94 -3.10 -10.67
N ILE A 245 -13.93 -2.59 -9.96
CA ILE A 245 -12.87 -1.79 -10.56
C ILE A 245 -11.73 -2.73 -10.93
N ASP A 246 -11.73 -3.17 -12.19
CA ASP A 246 -10.58 -3.87 -12.73
C ASP A 246 -9.51 -2.86 -13.13
N LEU A 247 -8.29 -3.36 -13.37
CA LEU A 247 -7.20 -2.48 -13.77
C LEU A 247 -7.38 -1.93 -15.18
N ARG A 248 -8.26 -2.53 -15.98
CA ARG A 248 -8.66 -1.92 -17.24
C ARG A 248 -9.68 -0.80 -17.02
N ALA A 249 -10.41 -0.82 -15.91
CA ALA A 249 -11.39 0.23 -15.65
C ALA A 249 -10.75 1.52 -15.18
N ILE A 250 -9.57 1.44 -14.58
CA ILE A 250 -8.80 2.63 -14.28
C ILE A 250 -8.17 3.17 -15.56
N ALA A 251 -7.64 4.38 -15.48
CA ALA A 251 -7.17 5.11 -16.65
C ALA A 251 -5.87 4.54 -17.20
N LYS A 252 -5.44 5.09 -18.33
CA LYS A 252 -4.09 4.81 -18.78
C LYS A 252 -3.09 5.62 -17.97
N LEU A 253 -3.00 6.95 -18.23
CA LEU A 253 -2.99 8.14 -17.37
C LEU A 253 -2.59 9.31 -18.28
N PRO A 254 -2.90 10.57 -17.93
CA PRO A 254 -2.54 11.69 -18.83
C PRO A 254 -1.05 11.92 -18.94
N ILE A 255 -0.67 12.74 -19.92
CA ILE A 255 0.74 12.93 -20.27
C ILE A 255 1.51 13.61 -19.15
N ALA A 256 0.87 14.58 -18.47
CA ALA A 256 1.51 15.33 -17.39
C ALA A 256 1.97 14.49 -16.20
N MET A 257 1.46 13.28 -16.03
CA MET A 257 1.88 12.44 -14.92
C MET A 257 2.56 11.15 -15.33
N ARG A 258 2.83 10.94 -16.62
CA ARG A 258 3.47 9.70 -17.04
C ARG A 258 4.90 9.67 -16.53
N ALA A 259 5.33 8.47 -16.12
CA ALA A 259 6.61 8.33 -15.43
C ALA A 259 7.77 8.72 -16.33
N LEU A 260 7.62 8.54 -17.65
CA LEU A 260 8.68 8.95 -18.56
C LEU A 260 8.78 10.46 -18.62
N THR A 261 7.62 11.15 -18.60
CA THR A 261 7.60 12.61 -18.74
C THR A 261 8.19 13.30 -17.52
N ASN A 262 7.82 12.86 -16.32
CA ASN A 262 8.42 13.43 -15.12
C ASN A 262 9.89 13.09 -15.01
N TYR A 263 10.30 11.94 -15.54
CA TYR A 263 11.71 11.58 -15.57
C TYR A 263 12.49 12.49 -16.52
N GLN A 264 11.90 12.85 -17.67
CA GLN A 264 12.54 13.80 -18.57
C GLN A 264 12.73 15.16 -17.90
N ARG A 265 11.70 15.63 -17.19
CA ARG A 265 11.78 16.94 -16.55
C ARG A 265 12.81 16.95 -15.44
N LEU A 266 12.88 15.88 -14.66
CA LEU A 266 13.86 15.81 -13.58
C LEU A 266 15.29 15.69 -14.12
N CYS A 267 15.48 14.99 -15.24
CA CYS A 267 16.82 14.88 -15.81
C CYS A 267 17.30 16.17 -16.45
N VAL A 268 16.38 16.97 -17.01
CA VAL A 268 16.73 18.31 -17.47
C VAL A 268 17.24 19.17 -16.32
N ALA A 269 16.58 19.06 -15.16
CA ALA A 269 17.00 19.82 -13.98
C ALA A 269 18.38 19.41 -13.50
N PHE A 270 18.66 18.11 -13.43
CA PHE A 270 19.98 17.64 -13.01
C PHE A 270 21.08 18.08 -13.97
N ASP A 271 20.82 17.97 -15.28
CA ASP A 271 21.83 18.32 -16.27
C ASP A 271 22.12 19.82 -16.29
N ALA A 272 21.07 20.64 -16.09
CA ALA A 272 21.27 22.08 -16.04
C ALA A 272 22.07 22.52 -14.83
N GLN A 273 21.82 21.90 -13.67
CA GLN A 273 22.55 22.27 -12.46
C GLN A 273 24.01 21.85 -12.49
N ALA A 274 24.28 20.59 -12.87
CA ALA A 274 25.66 20.10 -12.89
C ALA A 274 26.51 20.72 -13.99
N ARG A 275 25.91 21.33 -15.01
CA ARG A 275 26.69 22.07 -15.99
C ARG A 275 27.07 23.46 -15.48
N LYS A 276 26.10 24.18 -14.91
CA LYS A 276 26.35 25.55 -14.48
C LYS A 276 27.14 25.62 -13.18
N ASP A 277 27.02 24.60 -12.32
CA ASP A 277 27.69 24.60 -11.04
C ASP A 277 28.93 23.72 -11.08
N THR A 278 29.83 23.96 -10.13
CA THR A 278 31.11 23.27 -10.06
C THR A 278 31.07 22.05 -9.14
N GLN A 279 29.89 21.45 -8.95
CA GLN A 279 29.79 20.25 -8.14
C GLN A 279 30.31 19.06 -8.94
N SER A 280 31.25 18.33 -8.35
CA SER A 280 31.78 17.11 -8.96
C SER A 280 30.86 15.90 -8.79
N PRO A 281 30.19 15.66 -7.65
CA PRO A 281 29.11 14.67 -7.65
C PRO A 281 27.76 15.30 -7.93
N GLN A 282 26.81 14.43 -8.28
CA GLN A 282 25.39 14.74 -8.13
C GLN A 282 24.93 14.26 -6.75
N GLY A 283 25.51 14.88 -5.72
CA GLY A 283 25.37 14.43 -4.35
C GLY A 283 24.06 14.83 -3.70
N ALA A 284 24.13 15.09 -2.38
CA ALA A 284 22.92 15.32 -1.61
C ALA A 284 22.29 16.67 -1.95
N ARG A 285 23.08 17.74 -1.88
CA ARG A 285 22.56 19.06 -2.21
C ARG A 285 22.17 19.17 -3.67
N ALA A 286 22.82 18.42 -4.56
CA ALA A 286 22.48 18.46 -5.98
C ALA A 286 21.09 17.89 -6.23
N ILE A 287 20.77 16.76 -5.61
CA ILE A 287 19.43 16.17 -5.77
C ILE A 287 18.38 17.06 -5.13
N TRP A 288 18.74 17.70 -4.02
CA TRP A 288 17.80 18.53 -3.27
C TRP A 288 17.43 19.79 -4.05
N ARG A 289 18.43 20.48 -4.60
CA ARG A 289 18.20 21.61 -5.50
C ARG A 289 17.39 21.20 -6.74
N ALA A 290 17.65 20.00 -7.26
CA ALA A 290 17.03 19.57 -8.50
C ALA A 290 15.53 19.28 -8.34
N LEU A 291 15.13 18.68 -7.22
CA LEU A 291 13.72 18.39 -6.99
C LEU A 291 12.90 19.67 -6.85
N CYS A 292 13.43 20.65 -6.11
CA CYS A 292 12.73 21.93 -5.96
C CYS A 292 12.64 22.67 -7.29
N HIS A 293 13.73 22.66 -8.07
CA HIS A 293 13.75 23.33 -9.37
C HIS A 293 12.78 22.72 -10.36
N ALA A 294 12.50 21.42 -10.25
CA ALA A 294 11.59 20.80 -11.20
C ALA A 294 10.13 20.85 -10.77
N PHE A 295 9.85 20.91 -9.47
CA PHE A 295 8.48 20.78 -8.97
C PHE A 295 8.04 21.94 -8.10
N GLY A 296 8.84 23.00 -8.01
CA GLY A 296 8.42 24.17 -7.25
C GLY A 296 7.24 24.89 -7.87
N ARG A 297 7.08 24.79 -9.19
CA ARG A 297 6.01 25.50 -9.89
C ARG A 297 4.63 24.96 -9.55
N ARG A 298 4.54 23.77 -8.97
CA ARG A 298 3.29 23.24 -8.42
C ARG A 298 3.24 23.31 -6.92
N LEU A 299 4.38 23.15 -6.25
CA LEU A 299 4.37 23.08 -4.79
C LEU A 299 4.09 24.45 -4.18
N ILE A 300 4.54 25.52 -4.82
CA ILE A 300 4.19 26.87 -4.40
C ILE A 300 2.69 27.11 -4.58
N LEU A 301 2.09 26.52 -5.61
CA LEU A 301 0.65 26.64 -5.83
C LEU A 301 -0.13 25.95 -4.71
N SER A 302 0.31 24.77 -4.28
CA SER A 302 -0.35 24.08 -3.16
C SER A 302 -0.24 24.89 -1.88
N SER A 303 0.93 25.48 -1.63
CA SER A 303 1.12 26.31 -0.45
C SER A 303 0.27 27.57 -0.52
N THR A 304 0.07 28.12 -1.71
CA THR A 304 -0.77 29.31 -1.87
C THR A 304 -2.22 29.02 -1.51
N PHE A 305 -2.76 27.91 -2.00
CA PHE A 305 -4.10 27.49 -1.62
C PHE A 305 -4.20 27.18 -0.13
N ARG A 306 -3.11 26.68 0.46
CA ARG A 306 -3.15 26.34 1.87
C ARG A 306 -3.14 27.58 2.76
N ILE A 307 -2.41 28.62 2.38
CA ILE A 307 -2.39 29.86 3.16
C ILE A 307 -3.75 30.55 3.10
N LEU A 308 -4.36 30.59 1.91
CA LEU A 308 -5.70 31.15 1.78
C LEU A 308 -6.73 30.33 2.53
N ALA A 309 -6.54 29.03 2.61
CA ALA A 309 -7.42 28.19 3.40
C ALA A 309 -7.26 28.46 4.89
N ASP A 310 -6.05 28.81 5.33
CA ASP A 310 -5.83 29.12 6.73
C ASP A 310 -6.49 30.43 7.14
N LEU A 311 -6.39 31.47 6.30
CA LEU A 311 -7.01 32.76 6.63
C LEU A 311 -8.53 32.68 6.59
N LEU A 312 -9.10 31.99 5.61
CA LEU A 312 -10.53 31.78 5.57
C LEU A 312 -10.99 30.78 6.62
N GLY A 313 -10.08 30.04 7.22
CA GLY A 313 -10.43 29.28 8.41
C GLY A 313 -10.72 30.16 9.60
N PHE A 314 -9.92 31.20 9.80
CA PHE A 314 -10.16 32.10 10.91
C PHE A 314 -11.30 33.06 10.68
N ALA A 315 -11.90 33.09 9.48
CA ALA A 315 -13.18 33.75 9.32
C ALA A 315 -14.35 32.85 9.71
N GLY A 316 -14.12 31.82 10.49
CA GLY A 316 -15.19 31.08 11.12
C GLY A 316 -15.44 31.54 12.54
N PRO A 317 -14.41 31.48 13.41
CA PRO A 317 -14.58 32.02 14.77
C PRO A 317 -14.78 33.51 14.85
N LEU A 318 -14.25 34.27 13.89
CA LEU A 318 -14.54 35.69 13.84
C LEU A 318 -16.01 35.95 13.56
N CYS A 319 -16.63 35.14 12.71
CA CYS A 319 -18.05 35.30 12.43
C CYS A 319 -18.92 34.89 13.61
N ILE A 320 -18.50 33.89 14.38
CA ILE A 320 -19.22 33.55 15.60
C ILE A 320 -19.17 34.70 16.59
N PHE A 321 -18.01 35.36 16.70
CA PHE A 321 -17.88 36.50 17.60
C PHE A 321 -18.79 37.66 17.20
N GLY A 322 -18.85 37.96 15.91
CA GLY A 322 -19.73 39.02 15.45
C GLY A 322 -21.20 38.72 15.61
N ILE A 323 -21.61 37.49 15.31
CA ILE A 323 -23.00 37.07 15.45
C ILE A 323 -23.47 37.14 16.90
N VAL A 324 -22.71 36.56 17.82
CA VAL A 324 -23.18 36.49 19.20
C VAL A 324 -23.06 37.83 19.91
N ASP A 325 -22.14 38.70 19.49
CA ASP A 325 -22.08 40.04 20.07
C ASP A 325 -23.26 40.88 19.62
N HIS A 326 -23.68 40.75 18.37
CA HIS A 326 -24.88 41.46 17.94
C HIS A 326 -26.14 40.82 18.50
N LEU A 327 -26.09 39.54 18.82
CA LEU A 327 -27.26 38.88 19.35
C LEU A 327 -27.47 39.22 20.82
N GLY A 328 -26.41 39.60 21.51
CA GLY A 328 -26.54 40.31 22.76
C GLY A 328 -26.90 41.77 22.53
N LYS A 329 -27.24 42.44 23.64
CA LYS A 329 -27.56 43.87 23.68
C LYS A 329 -28.77 44.21 22.81
N GLU A 330 -29.87 43.48 23.03
CA GLU A 330 -31.24 43.90 22.79
C GLU A 330 -31.67 44.12 21.34
N ASN A 331 -30.73 44.08 20.39
CA ASN A 331 -30.95 44.37 18.95
C ASN A 331 -31.64 45.72 18.77
N HIS A 332 -30.96 46.77 19.22
CA HIS A 332 -31.62 48.02 19.54
C HIS A 332 -31.90 48.87 18.30
N VAL A 333 -30.89 49.14 17.48
CA VAL A 333 -31.02 50.16 16.44
C VAL A 333 -31.70 49.59 15.20
N PHE A 334 -31.01 48.68 14.51
CA PHE A 334 -31.50 47.96 13.33
C PHE A 334 -32.04 48.89 12.23
N GLN A 335 -31.36 50.02 12.02
CA GLN A 335 -31.80 50.98 11.01
C GLN A 335 -30.61 51.84 10.55
N PRO A 336 -30.61 52.26 9.29
CA PRO A 336 -29.47 53.03 8.77
C PRO A 336 -29.58 54.54 8.96
N LYS A 337 -28.41 55.16 9.09
CA LYS A 337 -28.32 56.59 9.35
C LYS A 337 -28.42 57.42 8.08
N THR A 338 -27.73 57.00 7.02
CA THR A 338 -27.61 57.82 5.82
C THR A 338 -28.90 57.81 5.00
N GLN A 339 -29.24 58.97 4.46
CA GLN A 339 -30.45 59.13 3.64
C GLN A 339 -30.09 60.07 2.49
N PHE A 340 -29.73 59.49 1.35
CA PHE A 340 -29.38 60.25 0.15
C PHE A 340 -30.52 60.12 -0.84
N LEU A 341 -31.12 61.27 -1.20
CA LEU A 341 -32.21 61.38 -2.18
C LEU A 341 -33.42 60.54 -1.76
N GLY A 342 -33.72 60.53 -0.47
CA GLY A 342 -34.85 59.78 0.04
C GLY A 342 -34.66 58.28 0.12
N VAL A 343 -33.50 57.76 -0.26
CA VAL A 343 -33.19 56.35 -0.20
C VAL A 343 -32.14 56.14 0.89
N TYR A 344 -32.29 55.08 1.68
CA TYR A 344 -31.38 54.80 2.77
C TYR A 344 -30.24 53.92 2.29
N PHE A 345 -29.00 54.37 2.49
CA PHE A 345 -27.82 53.57 2.19
C PHE A 345 -27.27 52.99 3.48
N VAL A 346 -27.06 51.67 3.49
CA VAL A 346 -26.62 50.99 4.69
C VAL A 346 -25.16 51.31 4.94
N SER A 347 -24.86 51.82 6.13
CA SER A 347 -23.48 52.05 6.51
C SER A 347 -22.76 50.72 6.68
N SER A 348 -21.48 50.69 6.26
CA SER A 348 -20.75 49.43 6.19
C SER A 348 -20.51 48.82 7.57
N GLN A 349 -20.45 49.65 8.62
CA GLN A 349 -20.40 49.13 9.97
C GLN A 349 -21.68 48.41 10.34
N GLU A 350 -22.82 48.97 9.96
CA GLU A 350 -24.10 48.30 10.16
C GLU A 350 -24.25 47.08 9.26
N PHE A 351 -23.54 47.05 8.13
CA PHE A 351 -23.58 45.87 7.27
C PHE A 351 -22.88 44.68 7.90
N LEU A 352 -21.58 44.81 8.16
CA LEU A 352 -20.79 43.74 8.73
C LEU A 352 -21.00 43.56 10.23
N GLY A 353 -21.91 44.33 10.83
CA GLY A 353 -22.35 44.11 12.18
C GLY A 353 -23.73 43.49 12.28
N ASN A 354 -24.38 43.20 11.16
CA ASN A 354 -25.70 42.59 11.17
C ASN A 354 -25.60 41.11 11.53
N ALA A 355 -26.75 40.45 11.60
CA ALA A 355 -26.82 39.08 12.08
C ALA A 355 -26.89 38.07 10.94
N TYR A 356 -27.88 38.18 10.06
CA TYR A 356 -28.01 37.23 8.96
C TYR A 356 -26.96 37.44 7.89
N VAL A 357 -26.59 38.70 7.64
CA VAL A 357 -25.58 39.02 6.63
C VAL A 357 -24.23 38.45 7.04
N LEU A 358 -23.91 38.55 8.32
CA LEU A 358 -22.68 37.98 8.81
C LEU A 358 -22.75 36.46 8.82
N ALA A 359 -23.96 35.91 8.96
CA ALA A 359 -24.13 34.46 8.89
C ALA A 359 -23.94 33.94 7.47
N VAL A 360 -24.48 34.65 6.48
CA VAL A 360 -24.29 34.25 5.08
C VAL A 360 -22.83 34.45 4.67
N LEU A 361 -22.17 35.46 5.24
CA LEU A 361 -20.74 35.64 5.02
C LEU A 361 -19.95 34.48 5.61
N LEU A 362 -20.38 33.98 6.78
CA LEU A 362 -19.79 32.78 7.35
C LEU A 362 -19.97 31.59 6.42
N PHE A 363 -21.15 31.44 5.82
CA PHE A 363 -21.39 30.34 4.90
C PHE A 363 -20.51 30.41 3.67
N LEU A 364 -20.37 31.60 3.07
CA LEU A 364 -19.53 31.71 1.88
C LEU A 364 -18.04 31.65 2.21
N ALA A 365 -17.65 31.93 3.45
CA ALA A 365 -16.25 31.73 3.81
C ALA A 365 -15.93 30.27 3.95
N LEU A 366 -16.87 29.47 4.44
CA LEU A 366 -16.61 28.04 4.55
C LEU A 366 -16.61 27.35 3.20
N LEU A 367 -17.43 27.82 2.25
CA LEU A 367 -17.37 27.22 0.91
C LEU A 367 -16.11 27.60 0.15
N LEU A 368 -15.29 28.52 0.65
CA LEU A 368 -13.99 28.74 0.05
C LEU A 368 -12.83 28.19 0.86
N GLN A 369 -12.93 28.18 2.20
CA GLN A 369 -11.94 27.49 3.00
C GLN A 369 -11.89 26.02 2.65
N ARG A 370 -13.04 25.38 2.67
CA ARG A 370 -13.15 23.95 2.51
C ARG A 370 -13.24 23.54 1.05
N THR A 371 -12.79 24.37 0.15
CA THR A 371 -12.49 23.99 -1.22
C THR A 371 -11.05 24.31 -1.58
N PHE A 372 -10.52 25.45 -1.12
CA PHE A 372 -9.07 25.67 -1.25
C PHE A 372 -8.27 24.71 -0.41
N LEU A 373 -8.81 24.24 0.71
CA LEU A 373 -8.08 23.27 1.50
C LEU A 373 -7.98 21.94 0.76
N GLN A 374 -9.04 21.56 0.06
CA GLN A 374 -9.00 20.33 -0.70
C GLN A 374 -8.16 20.45 -1.96
N ALA A 375 -8.17 21.62 -2.61
CA ALA A 375 -7.27 21.82 -3.73
C ALA A 375 -5.83 21.84 -3.27
N SER A 376 -5.58 22.35 -2.07
CA SER A 376 -4.23 22.31 -1.51
C SER A 376 -3.78 20.90 -1.20
N TYR A 377 -4.65 20.09 -0.61
CA TYR A 377 -4.33 18.68 -0.39
C TYR A 377 -3.95 17.96 -1.66
N TYR A 378 -4.79 18.10 -2.69
CA TYR A 378 -4.58 17.30 -3.90
C TYR A 378 -3.38 17.74 -4.72
N VAL A 379 -3.10 19.04 -4.76
CA VAL A 379 -1.92 19.48 -5.51
C VAL A 379 -0.65 19.03 -4.80
N ALA A 380 -0.68 19.04 -3.46
CA ALA A 380 0.44 18.48 -2.70
C ALA A 380 0.54 16.97 -2.91
N ILE A 381 -0.59 16.27 -3.00
CA ILE A 381 -0.55 14.83 -3.25
C ILE A 381 -0.04 14.53 -4.65
N GLU A 382 -0.56 15.25 -5.65
CA GLU A 382 -0.24 14.93 -7.03
C GLU A 382 1.22 15.23 -7.38
N THR A 383 1.80 16.27 -6.79
CA THR A 383 3.22 16.51 -7.00
C THR A 383 4.06 15.50 -6.25
N GLY A 384 3.59 15.03 -5.09
CA GLY A 384 4.28 13.97 -4.39
C GLY A 384 4.28 12.65 -5.14
N ILE A 385 3.18 12.33 -5.83
CA ILE A 385 3.10 11.09 -6.58
C ILE A 385 3.97 11.15 -7.81
N ASN A 386 4.09 12.33 -8.43
CA ASN A 386 5.01 12.46 -9.55
C ASN A 386 6.46 12.43 -9.10
N LEU A 387 6.76 12.73 -7.83
CA LEU A 387 8.08 12.37 -7.34
C LEU A 387 8.29 10.86 -7.30
N ARG A 388 7.28 10.09 -6.85
CA ARG A 388 7.42 8.64 -6.81
C ARG A 388 7.73 8.08 -8.19
N GLY A 389 7.05 8.58 -9.21
CA GLY A 389 7.34 8.22 -10.58
C GLY A 389 8.75 8.52 -11.03
N ALA A 390 9.16 9.79 -10.94
CA ALA A 390 10.46 10.18 -11.47
C ALA A 390 11.63 9.65 -10.65
N ILE A 391 11.46 9.48 -9.33
CA ILE A 391 12.58 9.01 -8.54
C ILE A 391 12.77 7.50 -8.63
N GLN A 392 11.68 6.73 -8.79
CA GLN A 392 11.83 5.30 -9.05
C GLN A 392 12.49 5.04 -10.39
N THR A 393 12.14 5.82 -11.41
CA THR A 393 12.79 5.64 -12.71
C THR A 393 14.24 6.06 -12.66
N LYS A 394 14.57 7.08 -11.86
CA LYS A 394 15.94 7.51 -11.69
C LYS A 394 16.77 6.46 -10.95
N ILE A 395 16.21 5.86 -9.90
CA ILE A 395 16.88 4.79 -9.16
C ILE A 395 17.15 3.61 -10.07
N TYR A 396 16.18 3.25 -10.90
CA TYR A 396 16.31 2.11 -11.80
C TYR A 396 17.28 2.39 -12.94
N ASN A 397 17.42 3.65 -13.35
CA ASN A 397 18.41 3.98 -14.36
C ASN A 397 19.81 3.74 -13.83
N LYS A 398 20.06 4.06 -12.57
CA LYS A 398 21.35 3.73 -11.95
C LYS A 398 21.38 2.33 -11.34
N ILE A 399 20.35 1.52 -11.53
CA ILE A 399 20.53 0.09 -11.38
C ILE A 399 21.12 -0.49 -12.65
N MET A 400 20.71 0.02 -13.80
CA MET A 400 21.20 -0.34 -15.13
C MET A 400 22.62 0.08 -15.39
N HIS A 401 23.36 0.62 -14.44
CA HIS A 401 24.76 0.92 -14.63
C HIS A 401 25.60 0.49 -13.44
N MET A 402 25.00 -0.12 -12.43
CA MET A 402 25.74 -0.46 -11.22
C MET A 402 26.62 -1.67 -11.46
N SER A 403 27.89 -1.57 -11.09
CA SER A 403 28.81 -2.70 -11.22
C SER A 403 28.48 -3.78 -10.21
N THR A 404 28.75 -5.02 -10.60
CA THR A 404 28.64 -6.15 -9.67
C THR A 404 29.99 -6.45 -9.02
N SER A 405 30.60 -5.41 -8.47
CA SER A 405 31.90 -5.52 -7.84
C SER A 405 31.76 -6.11 -6.43
N ASN A 406 32.90 -6.33 -5.79
CA ASN A 406 32.93 -6.66 -4.37
C ASN A 406 32.92 -5.42 -3.48
N LEU A 407 32.87 -4.23 -4.08
CA LEU A 407 32.81 -2.97 -3.35
C LEU A 407 31.51 -2.22 -3.58
N SER A 408 30.97 -2.24 -4.80
CA SER A 408 29.64 -1.67 -5.02
C SER A 408 28.55 -2.65 -4.61
N MET A 409 28.49 -3.80 -5.29
CA MET A 409 27.51 -4.81 -4.95
C MET A 409 27.94 -5.63 -3.75
N GLY A 410 29.24 -5.62 -3.44
CA GLY A 410 29.74 -6.31 -2.26
C GLY A 410 29.39 -5.64 -0.95
N GLU A 411 28.82 -4.44 -0.98
CA GLU A 411 28.35 -3.76 0.23
C GLU A 411 26.85 -3.88 0.41
N MET A 412 26.06 -3.61 -0.63
CA MET A 412 24.61 -3.55 -0.52
C MET A 412 23.97 -4.63 -1.39
N THR A 413 23.28 -5.56 -0.73
CA THR A 413 22.58 -6.62 -1.43
C THR A 413 21.26 -6.10 -1.97
N ALA A 414 20.48 -6.98 -2.60
CA ALA A 414 19.22 -6.58 -3.18
C ALA A 414 18.15 -6.27 -2.13
N GLY A 415 18.32 -6.79 -0.91
CA GLY A 415 17.42 -6.41 0.16
C GLY A 415 17.56 -4.95 0.56
N GLN A 416 18.78 -4.42 0.49
CA GLN A 416 19.00 -3.01 0.77
C GLN A 416 18.30 -2.13 -0.27
N ILE A 417 18.39 -2.50 -1.55
CA ILE A 417 17.83 -1.66 -2.60
C ILE A 417 16.33 -1.84 -2.72
N CYS A 418 15.78 -2.98 -2.31
CA CYS A 418 14.33 -3.13 -2.29
C CYS A 418 13.72 -2.32 -1.16
N ASN A 419 14.35 -2.35 0.02
CA ASN A 419 13.94 -1.47 1.11
C ASN A 419 14.16 -0.02 0.75
N LEU A 420 15.17 0.26 -0.08
CA LEU A 420 15.38 1.61 -0.61
C LEU A 420 14.18 2.06 -1.44
N VAL A 421 13.76 1.25 -2.40
CA VAL A 421 12.60 1.66 -3.20
C VAL A 421 11.37 1.85 -2.32
N ALA A 422 11.01 0.83 -1.54
CA ALA A 422 9.82 0.90 -0.69
C ALA A 422 9.82 1.94 0.44
N ILE A 423 10.65 1.75 1.47
CA ILE A 423 10.61 2.60 2.66
C ILE A 423 11.10 4.03 2.38
N ASP A 424 12.27 4.15 1.75
CA ASP A 424 12.90 5.44 1.51
C ASP A 424 12.10 6.37 0.61
N THR A 425 11.70 5.89 -0.57
CA THR A 425 11.00 6.77 -1.51
C THR A 425 9.59 7.10 -1.05
N ASN A 426 8.94 6.20 -0.30
CA ASN A 426 7.61 6.53 0.23
C ASN A 426 7.71 7.60 1.30
N GLN A 427 8.76 7.61 2.11
CA GLN A 427 8.82 8.68 3.09
C GLN A 427 9.35 9.97 2.48
N LEU A 428 10.04 9.89 1.34
CA LEU A 428 10.32 11.11 0.59
C LEU A 428 9.07 11.64 -0.10
N MET A 429 8.20 10.73 -0.56
CA MET A 429 6.90 11.14 -1.09
C MET A 429 6.02 11.77 -0.01
N TRP A 430 6.01 11.18 1.19
CA TRP A 430 5.26 11.73 2.31
C TRP A 430 5.81 13.07 2.78
N PHE A 431 7.06 13.38 2.50
CA PHE A 431 7.51 14.74 2.78
C PHE A 431 6.91 15.74 1.81
N PHE A 432 6.77 15.38 0.53
CA PHE A 432 6.10 16.33 -0.35
C PHE A 432 4.59 16.28 -0.23
N PHE A 433 4.03 15.42 0.61
CA PHE A 433 2.63 15.60 0.96
C PHE A 433 2.48 16.66 2.04
N LEU A 434 3.38 16.65 3.01
CA LEU A 434 3.33 17.52 4.17
C LEU A 434 4.11 18.80 3.97
N CYS A 435 4.56 19.08 2.75
CA CYS A 435 5.38 20.25 2.51
C CYS A 435 4.66 21.60 2.63
N PRO A 436 3.38 21.78 2.23
CA PRO A 436 2.72 23.05 2.56
C PRO A 436 2.48 23.26 4.04
N ASN A 437 2.54 22.22 4.87
CA ASN A 437 2.31 22.40 6.30
C ASN A 437 3.45 23.17 6.94
N LEU A 438 4.70 22.89 6.59
CA LEU A 438 5.79 23.63 7.19
C LEU A 438 5.89 25.07 6.67
N TRP A 439 5.15 25.43 5.64
CA TRP A 439 5.04 26.83 5.25
C TRP A 439 3.83 27.52 5.85
N THR A 440 2.75 26.78 6.10
CA THR A 440 1.50 27.41 6.52
C THR A 440 1.18 27.21 7.99
N MET A 441 1.29 25.98 8.52
CA MET A 441 1.02 25.70 9.93
C MET A 441 1.71 26.62 10.94
N PRO A 442 2.90 27.19 10.68
CA PRO A 442 3.32 28.31 11.51
C PRO A 442 2.48 29.57 11.36
N VAL A 443 2.05 29.92 10.15
CA VAL A 443 1.19 31.10 9.98
C VAL A 443 -0.18 30.86 10.62
N GLN A 444 -0.69 29.62 10.51
CA GLN A 444 -1.92 29.23 11.20
C GLN A 444 -1.82 29.43 12.71
N ILE A 445 -0.75 28.93 13.32
CA ILE A 445 -0.59 29.03 14.77
C ILE A 445 -0.34 30.48 15.20
N ILE A 446 0.45 31.24 14.42
CA ILE A 446 0.80 32.60 14.82
C ILE A 446 -0.41 33.52 14.74
N VAL A 447 -1.16 33.45 13.63
CA VAL A 447 -2.37 34.26 13.51
C VAL A 447 -3.43 33.73 14.49
N GLY A 448 -3.37 32.44 14.81
CA GLY A 448 -4.25 31.91 15.83
C GLY A 448 -4.00 32.44 17.22
N VAL A 449 -2.72 32.51 17.62
CA VAL A 449 -2.38 33.05 18.94
C VAL A 449 -2.69 34.54 19.02
N ILE A 450 -2.46 35.28 17.93
CA ILE A 450 -2.68 36.72 17.93
C ILE A 450 -4.16 37.08 18.09
N LEU A 451 -5.02 36.55 17.23
CA LEU A 451 -6.40 36.98 17.35
C LEU A 451 -7.16 36.26 18.46
N LEU A 452 -6.62 35.17 19.01
CA LEU A 452 -7.19 34.66 20.25
C LEU A 452 -6.85 35.59 21.41
N TYR A 453 -5.77 36.35 21.31
CA TYR A 453 -5.51 37.37 22.30
C TYR A 453 -6.40 38.59 22.14
N TYR A 454 -6.74 38.95 20.90
CA TYR A 454 -7.66 40.08 20.71
C TYR A 454 -9.07 39.75 21.18
N ILE A 455 -9.51 38.50 21.01
CA ILE A 455 -10.86 38.15 21.41
C ILE A 455 -11.00 38.16 22.93
N LEU A 456 -10.13 37.43 23.62
CA LEU A 456 -10.33 37.21 25.05
C LEU A 456 -9.37 38.01 25.91
N GLY A 457 -8.07 37.83 25.76
CA GLY A 457 -7.13 38.53 26.59
C GLY A 457 -5.98 37.64 26.95
N VAL A 458 -5.31 37.98 28.05
CA VAL A 458 -4.06 37.33 28.41
C VAL A 458 -4.30 35.94 28.98
N SER A 459 -5.51 35.63 29.46
CA SER A 459 -5.83 34.29 29.91
C SER A 459 -5.87 33.30 28.75
N ALA A 460 -6.23 33.78 27.56
CA ALA A 460 -6.11 32.99 26.35
C ALA A 460 -4.66 32.70 26.00
N LEU A 461 -3.73 33.56 26.40
CA LEU A 461 -2.32 33.25 26.20
C LEU A 461 -1.84 32.16 27.16
N ILE A 462 -2.45 32.07 28.35
CA ILE A 462 -2.16 30.92 29.21
C ILE A 462 -2.71 29.66 28.58
N GLY A 463 -3.88 29.75 27.94
CA GLY A 463 -4.45 28.62 27.24
C GLY A 463 -3.67 28.24 26.00
N ALA A 464 -3.16 29.24 25.27
CA ALA A 464 -2.35 28.98 24.10
C ALA A 464 -0.96 28.46 24.47
N ALA A 465 -0.49 28.77 25.67
CA ALA A 465 0.74 28.17 26.17
C ALA A 465 0.56 26.70 26.52
N VAL A 466 -0.66 26.30 26.90
CA VAL A 466 -0.93 24.90 27.17
C VAL A 466 -0.87 24.08 25.88
N ILE A 467 -1.58 24.50 24.84
CA ILE A 467 -1.59 23.74 23.60
C ILE A 467 -0.24 23.84 22.88
N ILE A 468 0.46 24.97 23.00
CA ILE A 468 1.79 25.04 22.41
C ILE A 468 2.84 24.32 23.25
N LEU A 469 2.45 23.79 24.41
CA LEU A 469 3.20 22.77 25.13
C LEU A 469 2.44 21.45 25.09
N LEU A 470 1.73 21.21 23.99
CA LEU A 470 1.15 19.91 23.68
C LEU A 470 1.61 19.39 22.33
N ALA A 471 2.39 20.16 21.59
CA ALA A 471 3.16 19.66 20.46
C ALA A 471 4.45 18.94 20.88
N PRO A 472 5.26 19.43 21.85
CA PRO A 472 6.43 18.62 22.22
C PRO A 472 6.08 17.35 22.96
N VAL A 473 4.98 17.35 23.73
CA VAL A 473 4.55 16.14 24.41
C VAL A 473 4.11 15.10 23.39
N GLN A 474 3.40 15.52 22.34
CA GLN A 474 3.06 14.61 21.25
C GLN A 474 4.30 14.14 20.51
N TYR A 475 5.34 14.98 20.42
CA TYR A 475 6.57 14.58 19.73
C TYR A 475 7.35 13.53 20.52
N PHE A 476 7.51 13.72 21.82
CA PHE A 476 8.26 12.74 22.61
C PHE A 476 7.49 11.44 22.79
N VAL A 477 6.17 11.49 22.87
CA VAL A 477 5.39 10.26 22.92
C VAL A 477 5.49 9.52 21.59
N ALA A 478 5.52 10.26 20.48
CA ALA A 478 5.67 9.60 19.18
C ALA A 478 7.08 9.06 18.97
N THR A 479 8.09 9.68 19.59
CA THR A 479 9.44 9.16 19.49
C THR A 479 9.56 7.83 20.24
N LYS A 480 9.04 7.79 21.46
CA LYS A 480 9.00 6.53 22.22
C LYS A 480 8.12 5.50 21.53
N LEU A 481 7.07 5.95 20.84
CA LEU A 481 6.21 5.03 20.09
C LEU A 481 6.95 4.39 18.93
N SER A 482 7.75 5.17 18.20
CA SER A 482 8.51 4.64 17.08
C SER A 482 9.61 3.70 17.55
N GLN A 483 10.21 3.98 18.71
CA GLN A 483 11.20 3.06 19.28
C GLN A 483 10.58 1.72 19.63
N ALA A 484 9.43 1.76 20.31
CA ALA A 484 8.74 0.53 20.69
C ALA A 484 8.25 -0.24 19.47
N GLN A 485 7.76 0.47 18.45
CA GLN A 485 7.30 -0.20 17.24
C GLN A 485 8.46 -0.81 16.47
N ARG A 486 9.61 -0.13 16.48
CA ARG A 486 10.82 -0.66 15.84
C ARG A 486 11.24 -1.97 16.46
N THR A 487 11.37 -2.00 17.79
CA THR A 487 11.81 -3.21 18.48
C THR A 487 10.77 -4.33 18.36
N THR A 488 9.48 -3.98 18.42
CA THR A 488 8.42 -4.98 18.30
C THR A 488 8.39 -5.63 16.92
N LEU A 489 8.51 -4.82 15.87
CA LEU A 489 8.38 -5.36 14.51
C LEU A 489 9.59 -6.18 14.10
N GLU A 490 10.81 -5.74 14.47
CA GLU A 490 11.97 -6.55 14.15
C GLU A 490 12.11 -7.75 15.10
N HIS A 491 11.30 -7.82 16.15
CA HIS A 491 11.20 -9.02 16.95
C HIS A 491 10.22 -10.01 16.33
N SER A 492 9.09 -9.50 15.84
CA SER A 492 8.08 -10.38 15.23
C SER A 492 8.49 -10.86 13.84
N ASN A 493 9.48 -10.21 13.22
CA ASN A 493 10.11 -10.79 12.04
C ASN A 493 10.77 -12.13 12.37
N GLU A 494 11.47 -12.19 13.49
CA GLU A 494 12.07 -13.45 13.93
C GLU A 494 11.00 -14.48 14.29
N ARG A 495 9.89 -14.03 14.88
CA ARG A 495 8.77 -14.92 15.16
C ARG A 495 8.16 -15.47 13.87
N LEU A 496 8.03 -14.63 12.84
CA LEU A 496 7.42 -15.09 11.60
C LEU A 496 8.35 -16.01 10.82
N LYS A 497 9.66 -15.80 10.90
CA LYS A 497 10.59 -16.75 10.30
C LYS A 497 10.59 -18.08 11.03
N GLN A 498 10.46 -18.04 12.36
CA GLN A 498 10.35 -19.25 13.16
C GLN A 498 9.04 -19.99 12.86
N THR A 499 7.95 -19.25 12.64
CA THR A 499 6.70 -19.86 12.25
C THR A 499 6.76 -20.41 10.84
N ASN A 500 7.56 -19.79 9.96
CA ASN A 500 7.75 -20.32 8.62
C ASN A 500 8.53 -21.62 8.64
N GLU A 501 9.52 -21.72 9.51
CA GLU A 501 10.28 -22.96 9.65
C GLU A 501 9.50 -24.04 10.42
N MET A 502 8.44 -23.68 11.13
CA MET A 502 7.59 -24.64 11.79
C MET A 502 6.33 -25.00 11.02
N LEU A 503 5.99 -24.25 9.97
CA LEU A 503 4.85 -24.57 9.12
C LEU A 503 5.26 -25.08 7.76
N ARG A 504 6.55 -25.03 7.41
CA ARG A 504 6.99 -25.61 6.15
C ARG A 504 7.20 -27.11 6.30
N GLY A 505 7.79 -27.53 7.42
CA GLY A 505 7.97 -28.95 7.69
C GLY A 505 6.81 -29.52 8.46
N MET A 506 5.61 -29.43 7.90
CA MET A 506 4.42 -29.88 8.62
C MET A 506 4.36 -31.39 8.67
N LYS A 507 4.66 -32.07 7.56
CA LYS A 507 4.62 -33.52 7.52
C LYS A 507 5.75 -34.13 8.35
N LEU A 508 6.93 -33.50 8.32
CA LEU A 508 8.09 -34.04 9.02
C LEU A 508 7.93 -33.89 10.53
N LEU A 509 7.36 -32.77 10.98
CA LEU A 509 7.14 -32.58 12.42
C LEU A 509 5.93 -33.34 12.92
N LYS A 510 4.94 -33.59 12.07
CA LYS A 510 3.82 -34.40 12.50
C LYS A 510 4.17 -35.88 12.55
N LEU A 511 5.18 -36.30 11.79
CA LEU A 511 5.55 -37.72 11.75
C LEU A 511 6.18 -38.16 13.07
N TYR A 512 7.02 -37.30 13.65
CA TYR A 512 7.62 -37.60 14.93
C TYR A 512 6.77 -37.10 16.11
N ALA A 513 5.50 -36.77 15.85
CA ALA A 513 4.53 -36.28 16.85
C ALA A 513 5.03 -35.00 17.54
N TRP A 514 5.49 -34.05 16.73
CA TRP A 514 6.12 -32.85 17.25
C TRP A 514 5.43 -31.60 16.73
N GLU A 515 4.10 -31.58 16.77
CA GLU A 515 3.37 -30.35 16.50
C GLU A 515 3.13 -29.55 17.76
N SER A 516 2.99 -30.23 18.90
CA SER A 516 2.72 -29.55 20.16
C SER A 516 3.97 -28.90 20.73
N ILE A 517 5.10 -29.62 20.69
CA ILE A 517 6.35 -29.10 21.27
C ILE A 517 6.89 -27.93 20.46
N PHE A 518 6.75 -27.98 19.13
CA PHE A 518 7.20 -26.89 18.29
C PHE A 518 6.27 -25.69 18.33
N CYS A 519 4.98 -25.92 18.62
CA CYS A 519 4.07 -24.82 18.93
C CYS A 519 4.50 -24.07 20.19
N SER A 520 5.04 -24.79 21.18
CA SER A 520 5.55 -24.13 22.38
C SER A 520 6.79 -23.30 22.07
N ARG A 521 7.66 -23.79 21.18
CA ARG A 521 8.82 -23.00 20.78
C ARG A 521 8.45 -21.78 19.96
N VAL A 522 7.24 -21.76 19.38
CA VAL A 522 6.70 -20.53 18.80
C VAL A 522 6.09 -19.63 19.87
N GLU A 523 5.40 -20.22 20.85
CA GLU A 523 4.63 -19.43 21.82
C GLU A 523 5.53 -18.62 22.76
N VAL A 524 6.74 -19.11 23.02
CA VAL A 524 7.68 -18.36 23.86
C VAL A 524 8.13 -17.08 23.17
N THR A 525 8.46 -17.18 21.88
CA THR A 525 8.83 -16.01 21.09
C THR A 525 7.65 -15.05 20.93
N ARG A 526 6.43 -15.58 20.89
CA ARG A 526 5.24 -14.75 20.82
C ARG A 526 5.04 -13.91 22.08
N ARG A 527 5.30 -14.48 23.26
CA ARG A 527 5.09 -13.74 24.49
C ARG A 527 6.16 -12.68 24.73
N LYS A 528 7.36 -12.86 24.17
CA LYS A 528 8.31 -11.75 24.17
C LYS A 528 7.82 -10.61 23.27
N GLU A 529 7.26 -10.96 22.10
CA GLU A 529 6.62 -9.97 21.25
C GLU A 529 5.39 -9.36 21.91
N MET A 530 4.74 -10.09 22.81
CA MET A 530 3.57 -9.57 23.51
C MET A 530 3.95 -8.54 24.56
N THR A 531 5.10 -8.72 25.21
CA THR A 531 5.62 -7.67 26.09
C THR A 531 5.93 -6.40 25.31
N SER A 532 6.54 -6.54 24.14
CA SER A 532 6.82 -5.39 23.29
C SER A 532 5.53 -4.73 22.80
N LEU A 533 4.51 -5.53 22.51
CA LEU A 533 3.24 -4.98 22.06
C LEU A 533 2.47 -4.28 23.18
N ARG A 534 2.67 -4.69 24.43
CA ARG A 534 2.08 -3.97 25.55
C ARG A 534 2.69 -2.59 25.72
N ALA A 535 4.01 -2.46 25.52
CA ALA A 535 4.64 -1.16 25.55
C ALA A 535 4.19 -0.29 24.39
N PHE A 536 3.91 -0.90 23.24
CA PHE A 536 3.29 -0.17 22.13
C PHE A 536 1.93 0.38 22.52
N ALA A 537 1.14 -0.41 23.25
CA ALA A 537 -0.19 0.01 23.64
C ALA A 537 -0.17 1.12 24.68
N VAL A 538 0.80 1.11 25.59
CA VAL A 538 0.98 2.20 26.54
C VAL A 538 1.31 3.51 25.83
N TYR A 539 2.27 3.46 24.92
CA TYR A 539 2.70 4.68 24.24
C TYR A 539 1.72 5.14 23.17
N THR A 540 0.73 4.34 22.81
CA THR A 540 -0.28 4.86 21.91
C THR A 540 -1.57 5.22 22.62
N SER A 541 -1.73 4.85 23.90
CA SER A 541 -2.85 5.40 24.64
C SER A 541 -2.61 6.87 24.98
N ILE A 542 -1.35 7.23 25.24
CA ILE A 542 -1.04 8.59 25.65
C ILE A 542 -1.14 9.54 24.47
N SER A 543 -0.96 9.04 23.23
CA SER A 543 -1.24 9.88 22.07
C SER A 543 -2.73 10.16 21.97
N ILE A 544 -3.56 9.16 22.23
CA ILE A 544 -5.01 9.39 22.27
C ILE A 544 -5.36 10.29 23.45
N PHE A 545 -4.70 10.07 24.59
CA PHE A 545 -4.97 10.84 25.80
C PHE A 545 -4.59 12.31 25.63
N MET A 546 -3.41 12.59 25.06
CA MET A 546 -3.02 13.96 24.82
C MET A 546 -3.89 14.63 23.76
N ASN A 547 -4.26 13.90 22.72
CA ASN A 547 -5.11 14.47 21.66
C ASN A 547 -6.47 14.88 22.21
N THR A 548 -6.97 14.17 23.22
CA THR A 548 -8.32 14.41 23.72
C THR A 548 -8.35 14.92 25.16
N ALA A 549 -7.21 15.29 25.74
CA ALA A 549 -7.23 15.93 27.05
C ALA A 549 -6.23 17.07 27.22
N ILE A 550 -5.47 17.42 26.19
CA ILE A 550 -4.81 18.72 26.15
C ILE A 550 -5.79 19.86 25.85
N PRO A 551 -6.74 19.78 24.91
CA PRO A 551 -7.64 20.93 24.73
C PRO A 551 -8.60 21.16 25.89
N ILE A 552 -9.03 20.11 26.58
CA ILE A 552 -9.97 20.30 27.68
C ILE A 552 -9.28 20.97 28.87
N ALA A 553 -8.05 20.53 29.16
CA ALA A 553 -7.26 21.22 30.18
C ALA A 553 -6.90 22.63 29.74
N ALA A 554 -6.74 22.85 28.44
CA ALA A 554 -6.50 24.20 27.94
C ALA A 554 -7.69 25.11 28.16
N VAL A 555 -8.90 24.63 27.87
CA VAL A 555 -10.10 25.43 28.04
C VAL A 555 -10.37 25.68 29.52
N LEU A 556 -10.14 24.68 30.37
CA LEU A 556 -10.35 24.82 31.81
C LEU A 556 -9.41 25.86 32.40
N ILE A 557 -8.13 25.79 32.05
CA ILE A 557 -7.16 26.78 32.53
C ILE A 557 -7.46 28.17 31.97
N THR A 558 -8.00 28.24 30.76
CA THR A 558 -8.30 29.52 30.13
C THR A 558 -9.37 30.31 30.87
N PHE A 559 -10.57 29.75 31.00
CA PHE A 559 -11.68 30.50 31.58
C PHE A 559 -11.58 30.64 33.09
N VAL A 560 -11.00 29.66 33.79
CA VAL A 560 -10.79 29.81 35.22
C VAL A 560 -9.78 30.91 35.51
N GLY A 561 -8.78 31.04 34.64
CA GLY A 561 -7.87 32.17 34.76
C GLY A 561 -8.56 33.50 34.49
N HIS A 562 -9.38 33.56 33.44
CA HIS A 562 -9.97 34.82 33.02
C HIS A 562 -10.97 35.38 34.03
N VAL A 563 -11.61 34.52 34.80
CA VAL A 563 -12.56 34.97 35.81
C VAL A 563 -11.94 35.00 37.21
N SER A 564 -11.36 33.89 37.66
CA SER A 564 -10.84 33.87 39.02
C SER A 564 -9.53 34.62 39.15
N PHE A 565 -8.57 34.34 38.27
CA PHE A 565 -7.25 34.95 38.41
C PHE A 565 -7.20 36.36 37.83
N PHE A 566 -7.96 36.65 36.79
CA PHE A 566 -7.84 37.93 36.11
C PHE A 566 -8.81 38.97 36.66
N LYS A 567 -10.11 38.67 36.66
CA LYS A 567 -11.20 39.61 36.99
C LYS A 567 -11.13 40.88 36.16
N GLU A 568 -10.90 40.72 34.86
CA GLU A 568 -10.70 41.87 33.98
C GLU A 568 -11.94 42.21 33.16
N SER A 569 -12.38 41.28 32.32
CA SER A 569 -13.49 41.52 31.40
C SER A 569 -14.41 40.30 31.47
N ASP A 570 -15.54 40.45 32.15
CA ASP A 570 -16.43 39.33 32.37
C ASP A 570 -17.17 38.96 31.09
N LEU A 571 -17.56 37.69 31.00
CA LEU A 571 -18.19 37.16 29.80
C LEU A 571 -19.58 37.77 29.66
N SER A 572 -19.94 38.40 28.53
CA SER A 572 -19.49 38.32 27.11
C SER A 572 -19.46 36.90 26.54
N PRO A 573 -20.64 36.38 26.20
CA PRO A 573 -20.70 35.02 25.61
C PRO A 573 -20.04 34.92 24.26
N SER A 574 -20.06 36.01 23.48
CA SER A 574 -19.42 36.00 22.16
C SER A 574 -17.93 35.76 22.27
N VAL A 575 -17.31 36.34 23.28
CA VAL A 575 -15.89 36.14 23.55
C VAL A 575 -15.60 34.68 23.91
N ALA A 576 -16.45 34.07 24.72
CA ALA A 576 -16.23 32.69 25.16
C ALA A 576 -16.31 31.69 24.00
N PHE A 577 -17.33 31.79 23.16
CA PHE A 577 -17.48 30.81 22.10
C PHE A 577 -16.59 31.06 20.91
N ALA A 578 -16.19 32.30 20.66
CA ALA A 578 -15.14 32.55 19.67
C ALA A 578 -13.83 31.90 20.10
N SER A 579 -13.54 31.92 21.40
CA SER A 579 -12.34 31.26 21.90
C SER A 579 -12.43 29.75 21.79
N LEU A 580 -13.61 29.15 22.01
CA LEU A 580 -13.74 27.71 21.86
C LEU A 580 -13.53 27.26 20.43
N SER A 581 -14.15 27.95 19.47
CA SER A 581 -14.00 27.55 18.08
C SER A 581 -12.58 27.79 17.57
N LEU A 582 -11.89 28.81 18.08
CA LEU A 582 -10.48 28.98 17.78
C LEU A 582 -9.63 27.85 18.33
N PHE A 583 -9.99 27.30 19.48
CA PHE A 583 -9.20 26.18 20.00
C PHE A 583 -9.35 24.93 19.14
N HIS A 584 -10.52 24.69 18.55
CA HIS A 584 -10.66 23.52 17.71
C HIS A 584 -9.89 23.67 16.40
N ILE A 585 -9.96 24.84 15.78
CA ILE A 585 -9.18 25.10 14.58
C ILE A 585 -7.68 25.17 14.89
N LEU A 586 -7.29 25.40 16.13
CA LEU A 586 -5.89 25.24 16.51
C LEU A 586 -5.51 23.83 16.97
N VAL A 587 -6.44 23.02 17.47
CA VAL A 587 -6.03 21.69 17.93
C VAL A 587 -5.69 20.76 16.77
N THR A 588 -6.37 20.91 15.64
CA THR A 588 -6.06 20.08 14.48
C THR A 588 -4.62 20.19 13.93
N PRO A 589 -4.00 21.36 13.76
CA PRO A 589 -2.65 21.33 13.20
C PRO A 589 -1.58 20.92 14.18
N LEU A 590 -1.87 20.94 15.48
CA LEU A 590 -0.79 20.88 16.47
C LEU A 590 -0.25 19.47 16.60
N PHE A 591 -1.15 18.49 16.75
CA PHE A 591 -0.73 17.10 16.81
C PHE A 591 -0.11 16.65 15.50
N LEU A 592 -0.68 17.10 14.38
CA LEU A 592 -0.13 16.82 13.06
C LEU A 592 1.17 17.54 12.77
N LEU A 593 1.46 18.63 13.48
CA LEU A 593 2.75 19.29 13.32
C LEU A 593 3.89 18.45 13.90
N SER A 594 3.62 17.68 14.94
CA SER A 594 4.60 16.70 15.40
C SER A 594 4.94 15.69 14.31
N SER A 595 3.92 15.18 13.60
CA SER A 595 4.18 14.27 12.49
C SER A 595 4.90 14.95 11.34
N VAL A 596 4.68 16.25 11.14
CA VAL A 596 5.39 16.99 10.09
C VAL A 596 6.88 17.07 10.39
N VAL A 597 7.24 17.38 11.65
CA VAL A 597 8.63 17.47 12.06
C VAL A 597 9.34 16.12 11.91
N ARG A 598 8.65 15.03 12.24
CA ARG A 598 9.18 13.69 12.02
C ARG A 598 9.44 13.43 10.55
N SER A 599 8.52 13.84 9.67
CA SER A 599 8.70 13.60 8.24
C SER A 599 9.81 14.46 7.66
N THR A 600 10.07 15.65 8.24
CA THR A 600 11.19 16.45 7.75
C THR A 600 12.53 15.82 8.08
N VAL A 601 12.68 15.28 9.29
CA VAL A 601 13.93 14.62 9.67
C VAL A 601 14.17 13.39 8.82
N LYS A 602 13.13 12.60 8.59
CA LYS A 602 13.27 11.42 7.73
C LYS A 602 13.53 11.78 6.27
N ALA A 603 13.03 12.92 5.80
CA ALA A 603 13.30 13.34 4.43
C ALA A 603 14.76 13.68 4.20
N LEU A 604 15.39 14.34 5.18
CA LEU A 604 16.81 14.66 5.04
C LEU A 604 17.66 13.40 5.05
N VAL A 605 17.33 12.45 5.94
CA VAL A 605 18.00 11.16 6.00
C VAL A 605 17.78 10.39 4.72
N SER A 606 16.61 10.54 4.12
CA SER A 606 16.26 9.78 2.92
C SER A 606 17.03 10.26 1.70
N VAL A 607 17.20 11.56 1.55
CA VAL A 607 17.99 12.05 0.43
C VAL A 607 19.47 11.73 0.65
N GLN A 608 19.91 11.61 1.90
CA GLN A 608 21.26 11.12 2.17
C GLN A 608 21.42 9.67 1.74
N LYS A 609 20.44 8.82 2.03
CA LYS A 609 20.48 7.43 1.56
C LYS A 609 20.55 7.37 0.04
N LEU A 610 19.66 8.09 -0.62
CA LEU A 610 19.57 8.05 -2.07
C LEU A 610 20.70 8.80 -2.75
N SER A 611 21.43 9.65 -2.04
CA SER A 611 22.61 10.28 -2.64
C SER A 611 23.83 9.40 -2.61
N GLU A 612 24.06 8.68 -1.51
CA GLU A 612 25.19 7.75 -1.52
C GLU A 612 24.93 6.56 -2.43
N PHE A 613 23.67 6.22 -2.65
CA PHE A 613 23.37 5.19 -3.63
C PHE A 613 23.64 5.68 -5.05
N LEU A 614 23.16 6.89 -5.37
CA LEU A 614 23.15 7.35 -6.76
C LEU A 614 24.55 7.66 -7.27
N SER A 615 25.48 7.93 -6.36
CA SER A 615 26.85 8.22 -6.75
C SER A 615 27.79 7.18 -6.16
N SER A 616 27.43 5.90 -6.32
CA SER A 616 28.36 4.80 -6.13
C SER A 616 28.91 4.42 -7.51
N ALA A 617 29.84 3.46 -7.51
CA ALA A 617 30.66 3.21 -8.69
C ALA A 617 29.86 2.54 -9.79
N GLU A 618 29.97 3.07 -11.00
CA GLU A 618 29.28 2.52 -12.17
C GLU A 618 30.06 1.34 -12.71
N ILE A 619 29.62 0.77 -13.84
CA ILE A 619 30.38 -0.30 -14.46
C ILE A 619 31.49 0.23 -15.35
N ARG A 620 31.11 0.91 -16.44
CA ARG A 620 32.01 1.54 -17.40
C ARG A 620 31.16 2.36 -18.34
N GLU A 621 31.80 2.96 -19.34
CA GLU A 621 31.07 3.65 -20.39
C GLU A 621 30.50 2.62 -21.35
N CYS A 678 35.41 -12.28 -33.57
CA CYS A 678 34.49 -11.86 -32.54
C CYS A 678 35.22 -11.42 -31.29
N VAL A 679 35.43 -12.34 -30.36
CA VAL A 679 36.05 -12.02 -29.08
C VAL A 679 37.56 -11.83 -29.29
N GLN A 680 38.10 -10.76 -28.74
CA GLN A 680 39.53 -10.50 -28.83
C GLN A 680 39.96 -9.64 -27.66
N ILE A 681 40.96 -10.11 -26.92
CA ILE A 681 41.53 -9.38 -25.79
C ILE A 681 43.05 -9.43 -25.94
N ILE A 682 43.69 -8.26 -25.91
CA ILE A 682 45.13 -8.19 -26.11
C ILE A 682 45.86 -7.95 -24.80
N GLY A 683 45.50 -6.87 -24.11
CA GLY A 683 46.30 -6.41 -22.99
C GLY A 683 46.24 -7.32 -21.77
N GLY A 684 45.04 -7.76 -21.42
CA GLY A 684 44.93 -8.68 -20.29
C GLY A 684 45.03 -7.99 -18.95
N PHE A 685 44.06 -7.14 -18.65
CA PHE A 685 43.91 -6.57 -17.32
C PHE A 685 42.44 -6.43 -17.02
N PHE A 686 42.02 -6.91 -15.86
CA PHE A 686 40.63 -6.83 -15.44
C PHE A 686 40.61 -6.88 -13.92
N THR A 687 39.93 -5.92 -13.30
CA THR A 687 39.93 -5.79 -11.86
C THR A 687 38.50 -5.57 -11.38
N TRP A 688 38.34 -5.57 -10.06
CA TRP A 688 37.07 -5.29 -9.42
C TRP A 688 37.10 -4.02 -8.59
N THR A 689 38.08 -3.87 -7.73
CA THR A 689 38.38 -2.57 -7.16
C THR A 689 38.90 -1.69 -8.30
N PRO A 690 38.40 -0.44 -8.46
CA PRO A 690 38.66 0.31 -9.69
C PRO A 690 40.07 0.86 -9.86
N ASP A 691 41.01 0.46 -9.01
CA ASP A 691 42.43 0.66 -9.23
C ASP A 691 43.19 -0.39 -8.45
N GLY A 692 44.30 -0.87 -9.02
CA GLY A 692 45.16 -1.80 -8.32
C GLY A 692 44.68 -3.23 -8.32
N ILE A 693 45.63 -4.17 -8.39
CA ILE A 693 45.44 -5.62 -8.29
C ILE A 693 44.42 -6.16 -9.29
N PRO A 694 44.77 -6.30 -10.57
CA PRO A 694 43.85 -6.97 -11.51
C PRO A 694 43.67 -8.44 -11.16
N THR A 695 42.41 -8.80 -10.89
CA THR A 695 42.09 -10.14 -10.40
C THR A 695 42.20 -11.22 -11.46
N LEU A 696 42.32 -10.85 -12.73
CA LEU A 696 42.52 -11.82 -13.80
C LEU A 696 43.25 -11.08 -14.93
N SER A 697 44.55 -11.27 -15.03
CA SER A 697 45.36 -10.54 -16.00
C SER A 697 46.02 -11.52 -16.97
N ASN A 698 46.77 -10.94 -17.92
CA ASN A 698 47.48 -11.67 -18.99
C ASN A 698 46.52 -12.53 -19.82
N ILE A 699 45.34 -12.01 -20.08
CA ILE A 699 44.31 -12.69 -20.85
C ILE A 699 44.46 -12.24 -22.29
N THR A 700 45.13 -13.06 -23.10
CA THR A 700 45.30 -12.80 -24.53
C THR A 700 44.67 -13.96 -25.28
N ILE A 701 43.36 -13.86 -25.53
CA ILE A 701 42.60 -14.95 -26.14
C ILE A 701 41.67 -14.37 -27.20
N ARG A 702 41.57 -15.07 -28.32
CA ARG A 702 40.64 -14.74 -29.40
C ARG A 702 39.78 -15.94 -29.72
N ILE A 703 38.46 -15.75 -29.72
CA ILE A 703 37.51 -16.79 -30.10
C ILE A 703 36.53 -16.19 -31.11
N PRO A 704 36.82 -16.27 -32.42
CA PRO A 704 35.90 -15.70 -33.41
C PRO A 704 34.70 -16.58 -33.71
N ARG A 705 33.90 -16.19 -34.71
CA ARG A 705 32.64 -16.86 -34.99
C ARG A 705 32.87 -18.25 -35.57
N GLY A 706 31.80 -19.04 -35.59
CA GLY A 706 31.84 -20.41 -36.11
C GLY A 706 32.69 -21.31 -35.24
N GLN A 707 32.24 -21.56 -34.02
CA GLN A 707 33.09 -22.16 -33.00
C GLN A 707 32.19 -22.68 -31.88
N LEU A 708 32.68 -23.67 -31.14
CA LEU A 708 32.08 -24.07 -29.88
C LEU A 708 33.21 -24.37 -28.90
N THR A 709 33.65 -23.32 -28.18
CA THR A 709 34.83 -23.42 -27.32
C THR A 709 34.44 -24.06 -26.00
N MET A 710 34.83 -25.31 -25.80
CA MET A 710 34.85 -25.83 -24.45
C MET A 710 36.11 -25.30 -23.75
N ILE A 711 35.96 -24.86 -22.51
CA ILE A 711 37.05 -24.27 -21.77
C ILE A 711 37.39 -25.16 -20.58
N VAL A 712 38.54 -24.90 -19.99
CA VAL A 712 39.03 -25.65 -18.83
C VAL A 712 39.88 -24.71 -17.98
N GLY A 713 40.17 -25.14 -16.76
CA GLY A 713 40.98 -24.36 -15.86
C GLY A 713 40.90 -24.92 -14.46
N GLN A 714 41.65 -24.29 -13.56
CA GLN A 714 41.71 -24.74 -12.19
C GLN A 714 40.48 -24.28 -11.41
N VAL A 715 40.39 -24.70 -10.15
CA VAL A 715 39.27 -24.36 -9.28
C VAL A 715 39.47 -22.92 -8.80
N GLY A 716 38.64 -22.00 -9.28
CA GLY A 716 38.76 -20.62 -8.88
C GLY A 716 39.96 -19.91 -9.47
N CYS A 717 40.24 -20.13 -10.75
CA CYS A 717 41.39 -19.55 -11.42
C CYS A 717 41.02 -18.42 -12.38
N GLY A 718 39.96 -17.68 -12.09
CA GLY A 718 39.57 -16.59 -12.95
C GLY A 718 38.68 -16.98 -14.11
N LYS A 719 37.81 -17.98 -13.92
CA LYS A 719 37.01 -18.49 -15.03
C LYS A 719 35.86 -17.53 -15.35
N SER A 720 34.98 -17.29 -14.37
CA SER A 720 33.83 -16.42 -14.58
C SER A 720 34.27 -14.98 -14.81
N SER A 721 35.43 -14.59 -14.27
CA SER A 721 36.01 -13.30 -14.56
C SER A 721 36.40 -13.17 -16.03
N LEU A 722 36.91 -14.25 -16.63
CA LEU A 722 37.30 -14.21 -18.04
C LEU A 722 36.08 -14.09 -18.95
N LEU A 723 35.01 -14.83 -18.64
CA LEU A 723 33.79 -14.76 -19.45
C LEU A 723 33.13 -13.39 -19.33
N LEU A 724 33.02 -12.86 -18.11
CA LEU A 724 32.41 -11.56 -17.87
C LEU A 724 33.27 -10.42 -18.37
N ALA A 725 34.58 -10.61 -18.52
CA ALA A 725 35.41 -9.57 -19.13
C ALA A 725 35.12 -9.44 -20.61
N THR A 726 34.82 -10.56 -21.29
CA THR A 726 34.29 -10.46 -22.64
C THR A 726 32.92 -9.81 -22.65
N LEU A 727 32.16 -9.94 -21.56
CA LEU A 727 30.84 -9.34 -21.47
C LEU A 727 30.87 -7.84 -21.25
N GLY A 728 32.04 -7.26 -20.97
CA GLY A 728 32.12 -5.82 -20.79
C GLY A 728 31.57 -5.30 -19.48
N GLU A 729 31.57 -6.12 -18.44
CA GLU A 729 31.05 -5.75 -17.13
C GLU A 729 32.14 -5.68 -16.06
N MET A 730 33.41 -5.62 -16.48
CA MET A 730 34.52 -5.45 -15.57
C MET A 730 35.35 -4.25 -16.02
N GLN A 731 35.88 -3.51 -15.04
CA GLN A 731 36.68 -2.34 -15.35
C GLN A 731 38.06 -2.75 -15.86
N LYS A 732 38.18 -2.98 -17.16
CA LYS A 732 39.43 -3.44 -17.74
C LYS A 732 40.38 -2.27 -17.90
N VAL A 733 41.48 -2.31 -17.17
CA VAL A 733 42.42 -1.18 -17.11
C VAL A 733 43.25 -1.13 -18.39
N SER A 734 44.07 -2.15 -18.61
CA SER A 734 44.99 -2.20 -19.73
C SER A 734 44.52 -3.24 -20.73
N GLY A 735 44.18 -2.80 -21.93
CA GLY A 735 43.75 -3.72 -22.96
C GLY A 735 42.61 -3.22 -23.82
N ALA A 736 42.38 -3.89 -24.94
CA ALA A 736 41.33 -3.53 -25.87
C ALA A 736 40.42 -4.72 -26.10
N VAL A 737 39.21 -4.44 -26.56
CA VAL A 737 38.20 -5.46 -26.81
C VAL A 737 37.70 -5.24 -28.23
N PHE A 738 38.30 -5.92 -29.19
CA PHE A 738 37.69 -6.04 -30.50
C PHE A 738 36.46 -6.92 -30.38
N TRP A 739 35.39 -6.54 -31.08
CA TRP A 739 34.14 -7.25 -30.90
C TRP A 739 33.29 -7.11 -32.16
N ASN A 740 32.87 -8.25 -32.72
CA ASN A 740 32.03 -8.26 -33.90
C ASN A 740 31.16 -9.52 -33.87
N SER A 741 29.85 -9.33 -33.84
CA SER A 741 28.92 -10.44 -33.99
C SER A 741 28.63 -10.67 -35.46
N ASN A 742 28.64 -11.94 -35.87
CA ASN A 742 28.45 -12.28 -37.27
C ASN A 742 26.98 -12.23 -37.66
N ARG A 765 33.51 -0.23 -32.14
CA ARG A 765 33.34 -1.43 -31.32
C ARG A 765 32.02 -1.38 -30.55
N SER A 766 31.06 -2.19 -30.97
CA SER A 766 29.77 -2.27 -30.31
C SER A 766 29.39 -3.73 -30.13
N ARG A 767 28.42 -3.96 -29.26
CA ARG A 767 28.12 -5.28 -28.73
C ARG A 767 26.83 -5.84 -29.33
N GLY A 768 26.82 -7.15 -29.56
CA GLY A 768 25.61 -7.85 -29.94
C GLY A 768 24.98 -8.57 -28.78
N PRO A 769 23.74 -9.04 -28.95
CA PRO A 769 23.01 -9.65 -27.83
C PRO A 769 23.57 -11.01 -27.40
N VAL A 770 24.62 -10.97 -26.59
CA VAL A 770 25.29 -12.16 -26.11
C VAL A 770 24.38 -12.93 -25.16
N ALA A 771 24.06 -14.17 -25.51
CA ALA A 771 23.33 -15.02 -24.58
C ALA A 771 24.24 -15.43 -23.42
N TYR A 772 23.63 -15.69 -22.27
CA TYR A 772 24.40 -15.96 -21.08
C TYR A 772 23.56 -16.73 -20.07
N ALA A 773 24.24 -17.50 -19.22
CA ALA A 773 23.61 -18.18 -18.09
C ALA A 773 24.68 -18.40 -17.03
N SER A 774 24.57 -17.70 -15.91
CA SER A 774 25.64 -17.64 -14.92
C SER A 774 25.76 -18.95 -14.14
N GLN A 775 26.80 -19.00 -13.30
CA GLN A 775 26.98 -20.12 -12.39
C GLN A 775 25.84 -20.18 -11.39
N LYS A 776 25.60 -19.08 -10.70
CA LYS A 776 24.36 -18.95 -9.95
C LYS A 776 23.22 -18.78 -10.94
N PRO A 777 22.14 -19.56 -10.83
CA PRO A 777 21.02 -19.40 -11.75
C PRO A 777 20.22 -18.15 -11.41
N TRP A 778 19.24 -17.87 -12.27
CA TRP A 778 18.39 -16.70 -12.11
C TRP A 778 17.13 -16.90 -12.94
N LEU A 779 15.97 -16.62 -12.34
CA LEU A 779 14.71 -16.72 -13.04
C LEU A 779 13.77 -15.65 -12.52
N LEU A 780 13.09 -14.98 -13.44
CA LEU A 780 12.04 -14.05 -13.06
C LEU A 780 10.87 -14.80 -12.44
N ASN A 781 10.29 -14.21 -11.40
CA ASN A 781 9.21 -14.85 -10.64
C ASN A 781 7.93 -14.82 -11.48
N ALA A 782 7.85 -15.77 -12.41
CA ALA A 782 6.77 -15.81 -13.38
C ALA A 782 6.54 -17.26 -13.79
N THR A 783 5.83 -17.46 -14.90
CA THR A 783 5.58 -18.79 -15.43
C THR A 783 6.87 -19.40 -15.95
N VAL A 784 6.84 -20.74 -16.08
CA VAL A 784 8.03 -21.47 -16.51
C VAL A 784 8.31 -21.21 -17.98
N GLU A 785 7.27 -20.94 -18.78
CA GLU A 785 7.50 -20.54 -20.16
C GLU A 785 7.97 -19.10 -20.26
N GLU A 786 7.60 -18.26 -19.28
CA GLU A 786 8.03 -16.87 -19.27
C GLU A 786 9.50 -16.74 -18.91
N ASN A 787 10.01 -17.60 -18.04
CA ASN A 787 11.43 -17.64 -17.78
C ASN A 787 12.20 -18.43 -18.82
N ILE A 788 11.51 -19.04 -19.78
CA ILE A 788 12.13 -19.77 -20.87
C ILE A 788 12.20 -18.93 -22.14
N THR A 789 11.09 -18.30 -22.52
CA THR A 789 11.10 -17.44 -23.71
C THR A 789 11.75 -16.10 -23.42
N PHE A 790 11.52 -15.55 -22.22
CA PHE A 790 12.17 -14.36 -21.68
C PHE A 790 11.91 -13.13 -22.56
N GLU A 791 10.62 -12.75 -22.58
CA GLU A 791 10.14 -11.51 -23.21
C GLU A 791 10.45 -11.45 -24.71
N SER A 792 10.38 -12.60 -25.35
CA SER A 792 10.67 -12.80 -26.76
C SER A 792 9.49 -13.56 -27.35
N PRO A 793 9.31 -13.54 -28.68
CA PRO A 793 8.20 -14.29 -29.27
C PRO A 793 8.34 -15.79 -29.09
N PHE A 794 7.21 -16.47 -29.22
CA PHE A 794 7.05 -17.86 -28.80
C PHE A 794 6.55 -18.70 -29.96
N ASN A 795 7.34 -19.70 -30.35
CA ASN A 795 6.96 -20.66 -31.36
C ASN A 795 6.96 -22.06 -30.76
N LYS A 796 6.05 -22.90 -31.24
CA LYS A 796 5.86 -24.21 -30.64
C LYS A 796 6.98 -25.18 -31.00
N GLN A 797 7.57 -25.03 -32.18
CA GLN A 797 8.55 -26.01 -32.67
C GLN A 797 9.86 -25.94 -31.89
N ARG A 798 10.45 -24.74 -31.78
CA ARG A 798 11.73 -24.61 -31.09
C ARG A 798 11.58 -24.79 -29.59
N TYR A 799 10.44 -24.39 -29.03
CA TYR A 799 10.21 -24.62 -27.60
C TYR A 799 10.04 -26.10 -27.29
N LYS A 800 9.37 -26.85 -28.18
CA LYS A 800 9.25 -28.29 -27.98
C LYS A 800 10.59 -28.99 -28.09
N MET A 801 11.43 -28.54 -29.02
CA MET A 801 12.76 -29.12 -29.18
C MET A 801 13.65 -28.79 -28.00
N VAL A 802 13.54 -27.57 -27.47
CA VAL A 802 14.36 -27.20 -26.32
C VAL A 802 13.83 -27.85 -25.04
N ILE A 803 12.52 -28.11 -24.98
CA ILE A 803 11.98 -28.80 -23.81
C ILE A 803 12.31 -30.28 -23.87
N GLU A 804 12.47 -30.84 -25.08
CA GLU A 804 12.87 -32.23 -25.19
C GLU A 804 14.36 -32.42 -24.94
N ALA A 805 15.20 -31.53 -25.49
CA ALA A 805 16.64 -31.74 -25.42
C ALA A 805 17.19 -31.47 -24.02
N CYS A 806 16.62 -30.50 -23.31
CA CYS A 806 17.08 -30.15 -21.98
C CYS A 806 16.36 -30.93 -20.88
N SER A 807 15.55 -31.92 -21.25
CA SER A 807 14.76 -32.77 -20.33
C SER A 807 13.84 -31.92 -19.46
N LEU A 808 12.88 -31.27 -20.11
CA LEU A 808 12.00 -30.34 -19.44
C LEU A 808 10.56 -30.83 -19.28
N GLN A 809 10.14 -31.84 -20.04
CA GLN A 809 8.81 -32.41 -19.82
C GLN A 809 8.71 -33.15 -18.48
N PRO A 810 9.70 -33.93 -18.01
CA PRO A 810 9.68 -34.32 -16.59
C PRO A 810 9.85 -33.14 -15.65
N ASP A 811 10.57 -32.09 -16.07
CA ASP A 811 10.74 -30.92 -15.23
C ASP A 811 9.45 -30.11 -15.11
N ILE A 812 8.67 -30.03 -16.18
CA ILE A 812 7.38 -29.35 -16.09
C ILE A 812 6.41 -30.18 -15.26
N ASP A 813 6.46 -31.49 -15.38
CA ASP A 813 5.58 -32.35 -14.61
C ASP A 813 6.02 -32.48 -13.16
N ILE A 814 7.25 -32.07 -12.84
CA ILE A 814 7.73 -32.15 -11.46
C ILE A 814 7.04 -31.12 -10.59
N LEU A 815 6.59 -29.99 -11.19
CA LEU A 815 5.72 -28.97 -10.62
C LEU A 815 4.26 -29.31 -10.95
N PRO A 816 3.31 -29.00 -10.07
CA PRO A 816 1.92 -29.44 -10.31
C PRO A 816 1.15 -28.67 -11.36
N HIS A 817 1.79 -27.72 -12.06
CA HIS A 817 1.10 -27.03 -13.14
C HIS A 817 1.94 -26.95 -14.40
N GLY A 818 3.26 -26.97 -14.26
CA GLY A 818 4.12 -26.86 -15.41
C GLY A 818 4.20 -25.46 -16.00
N ASP A 819 3.67 -25.30 -17.21
CA ASP A 819 3.78 -24.05 -17.97
C ASP A 819 2.82 -22.96 -17.48
N GLN A 820 2.18 -23.14 -16.34
CA GLN A 820 1.39 -22.09 -15.71
C GLN A 820 1.79 -21.83 -14.27
N THR A 821 2.64 -22.65 -13.67
CA THR A 821 3.05 -22.44 -12.29
C THR A 821 4.01 -21.27 -12.19
N GLN A 822 3.87 -20.49 -11.12
CA GLN A 822 4.80 -19.40 -10.84
C GLN A 822 6.13 -20.03 -10.41
N ILE A 823 7.06 -20.12 -11.36
CA ILE A 823 8.31 -20.83 -11.15
C ILE A 823 9.25 -19.98 -10.31
N GLY A 824 10.30 -20.60 -9.78
CA GLY A 824 11.36 -19.87 -9.09
C GLY A 824 10.93 -19.37 -7.73
N GLU A 825 11.61 -18.32 -7.28
CA GLU A 825 11.33 -17.70 -6.00
C GLU A 825 10.00 -16.95 -6.07
N ARG A 826 9.38 -16.75 -4.90
CA ARG A 826 8.03 -16.23 -4.64
C ARG A 826 6.94 -17.16 -5.12
N GLY A 827 7.28 -18.38 -5.52
CA GLY A 827 6.32 -19.30 -6.11
C GLY A 827 6.58 -20.75 -5.74
N ILE A 828 6.55 -21.62 -6.74
CA ILE A 828 6.77 -23.05 -6.50
C ILE A 828 8.23 -23.27 -6.16
N ASN A 829 8.50 -23.78 -4.97
CA ASN A 829 9.86 -23.96 -4.47
C ASN A 829 10.54 -25.10 -5.24
N LEU A 830 11.55 -24.75 -6.03
CA LEU A 830 12.21 -25.70 -6.90
C LEU A 830 13.37 -26.38 -6.18
N SER A 831 14.19 -27.12 -6.91
CA SER A 831 15.39 -27.74 -6.41
C SER A 831 16.58 -27.26 -7.24
N GLY A 832 17.79 -27.54 -6.74
CA GLY A 832 18.97 -26.93 -7.32
C GLY A 832 19.31 -27.43 -8.70
N GLY A 833 19.11 -28.73 -8.93
CA GLY A 833 19.29 -29.27 -10.28
C GLY A 833 18.27 -28.74 -11.27
N GLN A 834 17.03 -28.58 -10.83
CA GLN A 834 15.97 -28.05 -11.69
C GLN A 834 16.22 -26.60 -12.10
N ARG A 835 16.68 -25.78 -11.16
CA ARG A 835 16.94 -24.37 -11.48
C ARG A 835 18.13 -24.20 -12.40
N GLN A 836 19.16 -25.03 -12.25
CA GLN A 836 20.31 -24.96 -13.16
C GLN A 836 19.93 -25.36 -14.57
N ARG A 837 19.03 -26.34 -14.72
CA ARG A 837 18.60 -26.76 -16.05
C ARG A 837 17.68 -25.74 -16.72
N ILE A 838 16.86 -25.03 -15.95
CA ILE A 838 15.98 -24.01 -16.50
C ILE A 838 16.77 -22.82 -17.05
N SER A 839 17.86 -22.46 -16.36
CA SER A 839 18.71 -21.36 -16.82
C SER A 839 19.42 -21.71 -18.14
N VAL A 840 19.84 -22.95 -18.31
CA VAL A 840 20.46 -23.40 -19.56
C VAL A 840 19.48 -23.36 -20.72
N ALA A 841 18.19 -23.60 -20.45
CA ALA A 841 17.16 -23.57 -21.49
C ALA A 841 16.94 -22.18 -22.07
N ARG A 842 16.90 -21.16 -21.21
CA ARG A 842 16.77 -19.77 -21.66
C ARG A 842 17.97 -19.30 -22.49
N ALA A 843 19.17 -19.82 -22.21
CA ALA A 843 20.34 -19.46 -23.02
C ALA A 843 20.23 -19.94 -24.46
N LEU A 844 19.79 -21.18 -24.68
CA LEU A 844 19.79 -21.72 -26.03
C LEU A 844 18.67 -21.16 -26.89
N TYR A 845 17.51 -20.88 -26.30
CA TYR A 845 16.31 -20.55 -27.05
C TYR A 845 16.32 -19.13 -27.60
N GLN A 846 17.12 -18.25 -27.02
CA GLN A 846 16.98 -16.82 -27.24
C GLN A 846 17.63 -16.32 -28.52
N GLN A 847 18.12 -17.21 -29.40
CA GLN A 847 18.43 -16.94 -30.81
C GLN A 847 19.51 -15.87 -30.95
N THR A 848 20.69 -16.20 -30.46
CA THR A 848 21.73 -15.19 -30.26
C THR A 848 23.00 -15.53 -31.02
N ASN A 849 23.79 -14.48 -31.30
CA ASN A 849 25.04 -14.60 -32.03
C ASN A 849 26.19 -15.04 -31.15
N VAL A 850 25.94 -15.37 -29.88
CA VAL A 850 26.88 -16.09 -29.04
C VAL A 850 26.04 -16.80 -27.99
N VAL A 851 26.61 -17.75 -27.27
CA VAL A 851 25.92 -18.37 -26.14
C VAL A 851 26.93 -18.79 -25.09
N PHE A 852 26.85 -18.21 -23.91
CA PHE A 852 27.77 -18.56 -22.84
C PHE A 852 27.07 -19.47 -21.85
N LEU A 853 27.71 -20.59 -21.52
CA LEU A 853 27.22 -21.51 -20.50
C LEU A 853 28.31 -21.62 -19.45
N ASP A 854 28.16 -20.90 -18.35
CA ASP A 854 29.15 -20.91 -17.28
C ASP A 854 28.83 -22.06 -16.34
N ASP A 855 29.41 -23.22 -16.65
CA ASP A 855 29.28 -24.50 -15.96
C ASP A 855 27.83 -24.94 -15.75
N PRO A 856 27.10 -25.34 -16.79
CA PRO A 856 25.74 -25.85 -16.56
C PRO A 856 25.74 -27.29 -16.04
N PHE A 857 26.75 -28.07 -16.44
CA PHE A 857 26.87 -29.47 -16.05
C PHE A 857 27.69 -29.66 -14.78
N SER A 858 27.72 -28.66 -13.89
CA SER A 858 28.43 -28.76 -12.63
C SER A 858 27.55 -29.35 -11.53
N ALA A 859 26.35 -28.81 -11.36
CA ALA A 859 25.44 -29.30 -10.32
C ALA A 859 24.47 -30.35 -10.82
N LEU A 860 24.23 -30.42 -12.13
CA LEU A 860 23.31 -31.41 -12.70
C LEU A 860 24.04 -32.74 -12.84
N ASP A 861 23.89 -33.61 -11.84
CA ASP A 861 24.58 -34.88 -11.80
C ASP A 861 23.93 -35.96 -12.68
N VAL A 862 22.83 -35.64 -13.35
CA VAL A 862 22.27 -36.54 -14.36
C VAL A 862 23.19 -36.51 -15.57
N HIS A 863 23.94 -37.60 -15.77
CA HIS A 863 25.03 -37.58 -16.74
C HIS A 863 24.53 -37.53 -18.17
N LEU A 864 23.49 -38.31 -18.49
CA LEU A 864 23.02 -38.40 -19.88
C LEU A 864 22.26 -37.16 -20.29
N SER A 865 21.67 -36.45 -19.31
CA SER A 865 21.11 -35.13 -19.57
C SER A 865 22.18 -34.18 -20.04
N ASP A 866 23.35 -34.21 -19.40
CA ASP A 866 24.47 -33.34 -19.79
C ASP A 866 25.05 -33.77 -21.13
N HIS A 867 25.11 -35.07 -21.38
CA HIS A 867 25.64 -35.57 -22.65
C HIS A 867 24.71 -35.22 -23.80
N LEU A 868 23.40 -35.43 -23.62
CA LEU A 868 22.43 -35.03 -24.63
C LEU A 868 22.40 -33.52 -24.79
N MET A 869 22.62 -32.77 -23.70
CA MET A 869 22.72 -31.33 -23.81
C MET A 869 23.97 -30.92 -24.55
N GLN A 870 25.10 -31.61 -24.31
CA GLN A 870 26.34 -31.29 -25.01
C GLN A 870 26.23 -31.60 -26.49
N ALA A 871 25.72 -32.79 -26.82
CA ALA A 871 25.55 -33.19 -28.20
C ALA A 871 24.47 -32.34 -28.87
N GLY A 872 23.40 -32.04 -28.14
CA GLY A 872 22.35 -31.18 -28.66
C GLY A 872 22.74 -29.72 -28.80
N ILE A 873 23.67 -29.23 -27.98
CA ILE A 873 24.14 -27.85 -28.14
C ILE A 873 24.99 -27.72 -29.39
N LEU A 874 25.90 -28.69 -29.60
CA LEU A 874 26.69 -28.75 -30.82
C LEU A 874 25.81 -28.89 -32.06
N GLU A 875 24.78 -29.75 -31.99
CA GLU A 875 23.90 -29.97 -33.12
C GLU A 875 23.04 -28.75 -33.44
N LEU A 876 22.49 -28.10 -32.40
CA LEU A 876 21.61 -26.95 -32.63
C LEU A 876 22.37 -25.76 -33.19
N LEU A 877 23.52 -25.45 -32.62
CA LEU A 877 24.34 -24.35 -33.13
C LEU A 877 25.02 -24.66 -34.46
N ARG A 878 25.17 -25.94 -34.84
CA ARG A 878 25.81 -26.20 -36.13
C ARG A 878 24.83 -26.00 -37.27
N ASP A 879 23.54 -26.25 -37.02
CA ASP A 879 22.50 -25.86 -37.97
C ASP A 879 22.09 -24.40 -37.82
N ASP A 880 22.70 -23.67 -36.88
CA ASP A 880 22.49 -22.24 -36.74
C ASP A 880 23.71 -21.40 -37.07
N LYS A 881 24.93 -21.99 -36.98
CA LYS A 881 26.21 -21.32 -37.22
C LYS A 881 26.40 -20.11 -36.31
N ARG A 882 26.45 -20.38 -35.01
CA ARG A 882 26.66 -19.35 -34.00
C ARG A 882 27.57 -19.88 -32.90
N THR A 883 28.34 -18.99 -32.31
CA THR A 883 29.39 -19.34 -31.37
C THR A 883 28.83 -19.75 -30.02
N VAL A 884 29.47 -20.73 -29.38
CA VAL A 884 29.13 -21.14 -28.03
C VAL A 884 30.42 -21.16 -27.21
N VAL A 885 30.27 -21.04 -25.90
CA VAL A 885 31.41 -21.16 -25.01
C VAL A 885 30.98 -21.74 -23.66
N LEU A 886 31.48 -22.94 -23.35
CA LEU A 886 31.15 -23.63 -22.10
C LEU A 886 32.40 -23.72 -21.25
N VAL A 887 32.43 -23.02 -20.12
CA VAL A 887 33.61 -22.93 -19.29
C VAL A 887 33.34 -23.71 -18.01
N THR A 888 33.91 -24.91 -17.92
CA THR A 888 33.77 -25.75 -16.73
C THR A 888 34.95 -26.70 -16.67
N HIS A 889 34.91 -27.59 -15.69
CA HIS A 889 35.95 -28.60 -15.52
C HIS A 889 35.52 -29.97 -16.03
N LYS A 890 34.43 -30.05 -16.81
CA LYS A 890 33.98 -31.33 -17.33
C LYS A 890 34.93 -31.74 -18.45
N LEU A 891 36.01 -32.44 -18.09
CA LEU A 891 37.09 -32.75 -19.02
C LEU A 891 36.83 -34.03 -19.80
N GLN A 892 35.56 -34.43 -19.95
CA GLN A 892 35.23 -35.60 -20.74
C GLN A 892 35.24 -35.30 -22.23
N TYR A 893 35.11 -34.03 -22.60
CA TYR A 893 35.09 -33.59 -23.99
C TYR A 893 36.20 -32.61 -24.34
N LEU A 894 36.85 -32.01 -23.33
CA LEU A 894 37.76 -30.90 -23.56
C LEU A 894 39.01 -31.18 -24.41
N PRO A 895 39.65 -32.35 -24.41
CA PRO A 895 40.69 -32.61 -25.42
C PRO A 895 40.17 -33.16 -26.74
N HIS A 896 38.85 -33.22 -26.96
CA HIS A 896 38.38 -33.91 -28.16
C HIS A 896 38.13 -32.98 -29.34
N ALA A 897 37.15 -32.08 -29.23
CA ALA A 897 36.66 -31.37 -30.41
C ALA A 897 36.31 -29.92 -30.09
N ASP A 898 37.20 -29.23 -29.40
CA ASP A 898 37.01 -27.81 -29.12
C ASP A 898 38.27 -27.03 -29.46
N TRP A 899 38.13 -25.71 -29.51
CA TRP A 899 39.27 -24.80 -29.65
C TRP A 899 39.59 -24.20 -28.28
N ILE A 900 40.08 -25.05 -27.39
CA ILE A 900 40.09 -24.81 -25.94
C ILE A 900 41.10 -23.77 -25.51
N ILE A 901 40.96 -23.29 -24.28
CA ILE A 901 41.85 -22.30 -23.67
C ILE A 901 41.82 -22.50 -22.16
N ALA A 902 42.99 -22.57 -21.54
CA ALA A 902 43.13 -22.99 -20.15
C ALA A 902 43.70 -21.85 -19.33
N MET A 903 43.01 -21.49 -18.25
CA MET A 903 43.42 -20.39 -17.39
C MET A 903 44.13 -20.96 -16.16
N LYS A 904 45.47 -20.93 -16.20
CA LYS A 904 46.28 -21.36 -15.07
C LYS A 904 46.69 -20.14 -14.27
N ASP A 905 46.38 -20.16 -12.96
CA ASP A 905 46.74 -19.12 -12.00
C ASP A 905 46.22 -17.73 -12.40
N GLY A 906 45.06 -17.69 -13.04
CA GLY A 906 44.49 -16.42 -13.44
C GLY A 906 45.11 -15.78 -14.66
N THR A 907 45.64 -16.58 -15.59
CA THR A 907 46.21 -16.04 -16.82
C THR A 907 46.02 -17.05 -17.95
N ILE A 908 46.11 -16.55 -19.18
CA ILE A 908 45.94 -17.39 -20.37
C ILE A 908 47.28 -18.01 -20.72
N GLN A 909 47.28 -19.33 -20.91
CA GLN A 909 48.47 -20.03 -21.38
C GLN A 909 48.43 -20.21 -22.90
N ARG A 910 47.42 -20.94 -23.40
CA ARG A 910 47.33 -21.24 -24.82
C ARG A 910 45.86 -21.31 -25.21
N GLU A 911 45.50 -20.60 -26.28
CA GLU A 911 44.15 -20.62 -26.84
C GLU A 911 44.28 -21.15 -28.26
N GLY A 912 44.19 -22.46 -28.40
CA GLY A 912 44.35 -23.08 -29.70
C GLY A 912 43.60 -24.39 -29.77
N THR A 913 44.10 -25.30 -30.61
CA THR A 913 43.44 -26.56 -30.87
C THR A 913 43.78 -27.58 -29.78
N LEU A 914 43.16 -28.75 -29.87
CA LEU A 914 43.43 -29.82 -28.92
C LEU A 914 44.81 -30.44 -29.10
N LYS A 915 45.39 -30.33 -30.31
CA LYS A 915 46.72 -30.87 -30.55
C LYS A 915 47.80 -30.02 -29.89
N ASP A 916 47.54 -28.73 -29.67
CA ASP A 916 48.48 -27.89 -28.93
C ASP A 916 48.49 -28.29 -27.46
N PHE A 917 47.32 -28.66 -26.92
CA PHE A 917 47.23 -29.24 -25.59
C PHE A 917 47.75 -30.68 -25.55
N GLN A 918 47.96 -31.30 -26.71
CA GLN A 918 48.78 -32.50 -26.83
C GLN A 918 50.26 -32.16 -27.02
N ARG A 919 50.66 -30.92 -26.75
CA ARG A 919 52.05 -30.52 -26.85
C ARG A 919 52.50 -29.64 -25.68
N SER A 920 51.72 -29.55 -24.60
CA SER A 920 52.09 -28.72 -23.46
C SER A 920 51.80 -29.40 -22.12
N GLU A 921 51.72 -30.74 -22.10
CA GLU A 921 51.62 -31.56 -20.89
C GLU A 921 50.35 -31.26 -20.08
N CYS A 922 49.21 -31.26 -20.77
CA CYS A 922 47.94 -30.94 -20.12
C CYS A 922 46.85 -31.96 -20.41
N GLN A 923 47.13 -33.01 -21.18
CA GLN A 923 46.16 -34.06 -21.47
C GLN A 923 46.21 -35.19 -20.46
N LEU A 924 47.08 -35.11 -19.46
CA LEU A 924 47.19 -36.17 -18.47
C LEU A 924 45.98 -36.22 -17.54
N PHE A 925 45.29 -35.09 -17.35
CA PHE A 925 44.14 -35.07 -16.45
C PHE A 925 42.90 -35.69 -17.07
N GLU A 926 42.71 -35.54 -18.38
CA GLU A 926 41.56 -36.14 -19.03
C GLU A 926 41.72 -37.65 -19.21
N HIS A 927 42.95 -38.16 -19.14
CA HIS A 927 43.19 -39.58 -18.95
C HIS A 927 43.32 -39.96 -17.48
N TRP A 928 42.83 -39.10 -16.59
CA TRP A 928 42.82 -39.37 -15.15
C TRP A 928 41.47 -39.01 -14.56
N GLN A 992 -19.57 -9.91 -3.93
CA GLN A 992 -20.19 -9.94 -2.61
C GLN A 992 -20.45 -8.52 -2.12
N ARG A 993 -19.34 -7.82 -1.81
CA ARG A 993 -19.34 -6.44 -1.31
C ARG A 993 -20.10 -6.30 0.01
N ALA A 994 -20.15 -7.36 0.80
CA ALA A 994 -20.67 -7.27 2.15
C ALA A 994 -19.63 -6.64 3.07
N LYS A 995 -20.02 -6.42 4.33
CA LYS A 995 -19.27 -5.53 5.20
C LYS A 995 -19.18 -6.16 6.59
N ILE A 996 -18.84 -5.32 7.56
CA ILE A 996 -18.50 -5.62 8.95
C ILE A 996 -19.44 -6.58 9.69
N PRO A 997 -20.72 -6.22 9.93
CA PRO A 997 -21.36 -6.51 11.25
C PRO A 997 -21.39 -7.97 11.66
N TRP A 998 -21.39 -8.90 10.73
CA TRP A 998 -21.21 -10.31 11.10
C TRP A 998 -19.79 -10.55 11.60
N ARG A 999 -18.79 -10.15 10.83
CA ARG A 999 -17.40 -10.33 11.23
C ARG A 999 -17.02 -9.46 12.41
N ALA A 1000 -17.54 -8.23 12.47
CA ALA A 1000 -17.23 -7.35 13.60
C ALA A 1000 -17.86 -7.82 14.90
N CYS A 1001 -19.04 -8.43 14.85
CA CYS A 1001 -19.62 -9.00 16.06
C CYS A 1001 -18.80 -10.18 16.54
N THR A 1002 -18.39 -11.04 15.61
CA THR A 1002 -17.56 -12.19 15.95
C THR A 1002 -16.20 -11.75 16.48
N LYS A 1003 -15.64 -10.67 15.92
CA LYS A 1003 -14.38 -10.14 16.42
C LYS A 1003 -14.52 -9.64 17.85
N TYR A 1004 -15.48 -8.76 18.10
CA TYR A 1004 -15.66 -8.14 19.42
C TYR A 1004 -16.05 -9.14 20.49
N LEU A 1005 -16.82 -10.17 20.16
CA LEU A 1005 -17.22 -11.16 21.15
C LEU A 1005 -16.06 -12.05 21.59
N SER A 1006 -15.51 -12.84 20.66
CA SER A 1006 -14.49 -13.83 21.03
C SER A 1006 -13.14 -13.23 21.40
N SER A 1007 -12.89 -11.95 21.16
CA SER A 1007 -11.61 -11.36 21.51
C SER A 1007 -11.67 -10.60 22.82
N ALA A 1008 -12.69 -9.76 23.01
CA ALA A 1008 -12.67 -8.80 24.11
C ALA A 1008 -13.10 -9.46 25.41
N GLY A 1009 -14.31 -10.03 25.44
CA GLY A 1009 -14.89 -10.40 26.71
C GLY A 1009 -15.73 -9.26 27.25
N ILE A 1010 -16.94 -9.58 27.73
CA ILE A 1010 -17.92 -8.54 28.02
C ILE A 1010 -17.56 -7.76 29.27
N LEU A 1011 -16.73 -8.32 30.15
CA LEU A 1011 -16.30 -7.60 31.36
C LEU A 1011 -15.42 -6.40 31.04
N LEU A 1012 -14.84 -6.33 29.85
CA LEU A 1012 -14.18 -5.13 29.35
C LEU A 1012 -14.89 -4.51 28.16
N LEU A 1013 -15.69 -5.28 27.43
CA LEU A 1013 -16.50 -4.71 26.35
C LEU A 1013 -17.54 -3.74 26.91
N SER A 1014 -18.13 -4.08 28.05
CA SER A 1014 -19.08 -3.18 28.70
C SER A 1014 -18.40 -1.92 29.21
N LEU A 1015 -17.19 -2.07 29.78
CA LEU A 1015 -16.45 -0.91 30.28
C LEU A 1015 -16.03 0.02 29.15
N LEU A 1016 -15.70 -0.52 27.98
CA LEU A 1016 -15.30 0.31 26.85
C LEU A 1016 -16.47 1.14 26.33
N VAL A 1017 -17.61 0.49 26.07
CA VAL A 1017 -18.75 1.19 25.49
C VAL A 1017 -19.36 2.18 26.48
N PHE A 1018 -19.39 1.81 27.77
CA PHE A 1018 -19.95 2.70 28.79
C PHE A 1018 -19.08 3.93 29.02
N SER A 1019 -17.76 3.77 29.01
CA SER A 1019 -16.87 4.91 29.24
C SER A 1019 -16.87 5.88 28.08
N GLN A 1020 -17.00 5.40 26.84
CA GLN A 1020 -17.07 6.32 25.72
C GLN A 1020 -18.33 7.16 25.77
N LEU A 1021 -19.49 6.53 26.04
CA LEU A 1021 -20.74 7.27 26.10
C LEU A 1021 -20.80 8.20 27.31
N LEU A 1022 -20.20 7.81 28.43
CA LEU A 1022 -20.18 8.68 29.60
C LEU A 1022 -19.26 9.89 29.38
N LYS A 1023 -18.12 9.68 28.72
CA LYS A 1023 -17.21 10.79 28.44
C LYS A 1023 -17.85 11.82 27.52
N HIS A 1024 -18.64 11.37 26.55
CA HIS A 1024 -19.22 12.28 25.57
C HIS A 1024 -20.45 13.00 26.10
N MET A 1025 -21.19 12.38 27.02
CA MET A 1025 -22.21 13.15 27.73
C MET A 1025 -21.56 14.22 28.58
N VAL A 1026 -20.38 13.95 29.13
CA VAL A 1026 -19.66 14.95 29.91
C VAL A 1026 -19.12 16.05 28.99
N LEU A 1027 -18.76 15.73 27.76
CA LEU A 1027 -18.27 16.76 26.84
C LEU A 1027 -19.40 17.65 26.34
N VAL A 1028 -20.59 17.07 26.14
CA VAL A 1028 -21.77 17.91 25.92
C VAL A 1028 -22.01 18.81 27.12
N ALA A 1029 -21.80 18.27 28.33
CA ALA A 1029 -22.03 19.02 29.56
C ALA A 1029 -21.03 20.13 29.76
N ILE A 1030 -19.76 19.93 29.39
CA ILE A 1030 -18.80 21.01 29.60
C ILE A 1030 -19.04 22.14 28.62
N ASP A 1031 -19.51 21.84 27.41
CA ASP A 1031 -19.85 22.88 26.46
C ASP A 1031 -21.12 23.62 26.86
N TYR A 1032 -22.15 22.87 27.29
CA TYR A 1032 -23.42 23.47 27.71
C TYR A 1032 -23.30 24.26 29.00
N TRP A 1033 -22.41 23.87 29.90
CA TRP A 1033 -22.22 24.64 31.13
C TRP A 1033 -21.58 25.98 30.84
N LEU A 1034 -20.67 26.02 29.85
CA LEU A 1034 -20.14 27.29 29.38
C LEU A 1034 -21.24 28.20 28.85
N ALA A 1035 -22.20 27.63 28.11
CA ALA A 1035 -23.29 28.43 27.55
C ALA A 1035 -24.21 28.99 28.63
N LYS A 1036 -24.59 28.19 29.61
CA LYS A 1036 -25.52 28.65 30.65
C LYS A 1036 -24.87 29.69 31.55
N TRP A 1037 -23.59 29.53 31.85
CA TRP A 1037 -22.87 30.52 32.65
C TRP A 1037 -22.67 31.84 31.91
N THR A 1038 -22.41 31.81 30.61
CA THR A 1038 -22.23 33.05 29.88
C THR A 1038 -23.53 33.84 29.69
N ASP A 1039 -24.68 33.17 29.59
CA ASP A 1039 -25.94 33.91 29.49
C ASP A 1039 -26.25 34.65 30.78
N SER A 1040 -26.12 33.97 31.93
CA SER A 1040 -26.39 34.61 33.22
C SER A 1040 -25.29 35.59 33.63
N ALA A 1041 -24.14 35.58 32.97
CA ALA A 1041 -23.11 36.58 33.22
C ALA A 1041 -23.22 37.83 32.34
N LEU A 1042 -23.80 37.73 31.15
CA LEU A 1042 -23.98 38.92 30.34
C LEU A 1042 -25.18 39.75 30.79
N VAL A 1043 -26.26 39.11 31.24
CA VAL A 1043 -27.46 39.84 31.66
C VAL A 1043 -27.35 40.42 33.06
N LEU A 1044 -26.22 40.26 33.73
CA LEU A 1044 -26.01 40.84 35.06
C LEU A 1044 -25.47 42.26 34.95
N ASP A 1060 -24.91 33.73 41.18
CA ASP A 1060 -24.32 32.43 41.51
C ASP A 1060 -23.12 32.15 40.65
N GLN A 1061 -22.27 33.15 40.43
CA GLN A 1061 -21.29 33.06 39.34
C GLN A 1061 -20.11 32.19 39.70
N SER A 1062 -19.63 32.27 40.94
CA SER A 1062 -18.55 31.39 41.39
C SER A 1062 -18.99 29.94 41.44
N VAL A 1063 -20.28 29.70 41.67
CA VAL A 1063 -20.83 28.34 41.56
C VAL A 1063 -20.71 27.84 40.14
N TYR A 1064 -20.93 28.70 39.15
CA TYR A 1064 -20.75 28.30 37.76
C TYR A 1064 -19.29 27.93 37.46
N ALA A 1065 -18.35 28.74 37.96
CA ALA A 1065 -16.93 28.44 37.71
C ALA A 1065 -16.48 27.18 38.44
N MET A 1066 -17.00 26.93 39.64
CA MET A 1066 -16.61 25.75 40.40
C MET A 1066 -17.15 24.47 39.76
N VAL A 1067 -18.41 24.49 39.30
CA VAL A 1067 -18.97 23.34 38.62
C VAL A 1067 -18.33 23.15 37.26
N PHE A 1068 -17.83 24.24 36.66
CA PHE A 1068 -17.07 24.12 35.41
C PHE A 1068 -15.75 23.38 35.64
N THR A 1069 -15.09 23.63 36.78
CA THR A 1069 -13.90 22.88 37.12
C THR A 1069 -14.21 21.41 37.37
N LEU A 1070 -15.31 21.12 38.05
CA LEU A 1070 -15.69 19.73 38.31
C LEU A 1070 -16.35 19.06 37.11
N LEU A 1071 -16.62 19.79 36.03
CA LEU A 1071 -16.97 19.14 34.77
C LEU A 1071 -15.74 18.94 33.90
N CYS A 1072 -14.77 19.86 33.98
CA CYS A 1072 -13.51 19.68 33.26
C CYS A 1072 -12.68 18.55 33.85
N SER A 1073 -12.76 18.33 35.17
CA SER A 1073 -12.07 17.22 35.79
C SER A 1073 -12.64 15.89 35.32
N LEU A 1074 -13.96 15.80 35.21
CA LEU A 1074 -14.59 14.60 34.64
C LEU A 1074 -14.23 14.42 33.18
N GLY A 1075 -14.03 15.51 32.44
CA GLY A 1075 -13.59 15.40 31.06
C GLY A 1075 -12.23 14.74 30.92
N ILE A 1076 -11.25 15.21 31.71
CA ILE A 1076 -9.91 14.65 31.64
C ILE A 1076 -9.87 13.22 32.16
N VAL A 1077 -10.61 12.94 33.23
CA VAL A 1077 -10.59 11.61 33.84
C VAL A 1077 -11.27 10.57 32.96
N LEU A 1078 -12.41 10.90 32.35
CA LEU A 1078 -13.09 9.95 31.49
C LEU A 1078 -12.34 9.71 30.19
N CYS A 1079 -11.59 10.69 29.69
CA CYS A 1079 -10.79 10.48 28.48
C CYS A 1079 -9.61 9.55 28.75
N LEU A 1080 -9.00 9.63 29.94
CA LEU A 1080 -7.96 8.66 30.30
C LEU A 1080 -8.53 7.25 30.39
N VAL A 1081 -9.75 7.12 30.91
CA VAL A 1081 -10.39 5.80 31.03
C VAL A 1081 -10.67 5.22 29.65
N THR A 1082 -11.21 6.03 28.73
CA THR A 1082 -11.50 5.54 27.40
C THR A 1082 -10.21 5.25 26.62
N SER A 1083 -9.17 6.05 26.84
CA SER A 1083 -7.90 5.81 26.17
C SER A 1083 -7.23 4.53 26.64
N VAL A 1084 -7.39 4.18 27.92
CA VAL A 1084 -6.83 2.93 28.40
C VAL A 1084 -7.67 1.75 27.93
N THR A 1085 -9.00 1.90 27.94
CA THR A 1085 -9.88 0.76 27.69
C THR A 1085 -9.82 0.31 26.24
N VAL A 1086 -9.65 1.23 25.30
CA VAL A 1086 -9.61 0.88 23.88
C VAL A 1086 -8.35 0.06 23.57
N GLU A 1087 -7.19 0.57 23.98
CA GLU A 1087 -5.93 -0.12 23.70
C GLU A 1087 -5.75 -1.40 24.50
N TRP A 1088 -6.27 -1.44 25.73
CA TRP A 1088 -6.17 -2.66 26.52
C TRP A 1088 -7.05 -3.78 25.94
N THR A 1089 -8.24 -3.43 25.46
CA THR A 1089 -9.11 -4.41 24.82
C THR A 1089 -8.47 -4.95 23.55
N GLY A 1090 -7.81 -4.09 22.78
CA GLY A 1090 -7.09 -4.54 21.60
C GLY A 1090 -5.90 -5.44 21.92
N LEU A 1091 -5.23 -5.19 23.04
CA LEU A 1091 -4.09 -6.02 23.43
C LEU A 1091 -4.53 -7.42 23.79
N LYS A 1092 -5.60 -7.54 24.58
CA LYS A 1092 -6.18 -8.83 24.93
C LYS A 1092 -6.76 -9.53 23.70
N VAL A 1093 -7.25 -8.76 22.73
CA VAL A 1093 -7.77 -9.29 21.47
C VAL A 1093 -6.71 -10.10 20.74
N ALA A 1094 -5.52 -9.51 20.57
CA ALA A 1094 -4.44 -10.15 19.84
C ALA A 1094 -3.91 -11.39 20.56
N LYS A 1095 -3.93 -11.40 21.90
CA LYS A 1095 -3.45 -12.56 22.65
C LYS A 1095 -4.27 -13.82 22.38
N ARG A 1096 -5.59 -13.76 22.59
CA ARG A 1096 -6.39 -14.99 22.44
C ARG A 1096 -6.59 -15.40 20.99
N LEU A 1097 -6.62 -14.46 20.05
CA LEU A 1097 -6.68 -14.85 18.64
C LEU A 1097 -5.41 -15.53 18.15
N HIS A 1098 -4.24 -15.13 18.68
CA HIS A 1098 -3.02 -15.78 18.21
C HIS A 1098 -2.89 -17.20 18.74
N ARG A 1099 -3.28 -17.45 19.99
CA ARG A 1099 -3.22 -18.82 20.50
C ARG A 1099 -4.25 -19.71 19.81
N SER A 1100 -5.40 -19.15 19.43
CA SER A 1100 -6.39 -19.93 18.70
C SER A 1100 -5.92 -20.27 17.30
N LEU A 1101 -5.28 -19.30 16.62
CA LEU A 1101 -4.79 -19.54 15.26
C LEU A 1101 -3.65 -20.54 15.26
N LEU A 1102 -2.75 -20.46 16.24
CA LEU A 1102 -1.65 -21.41 16.33
C LEU A 1102 -2.14 -22.82 16.67
N ASN A 1103 -3.08 -22.93 17.61
CA ASN A 1103 -3.55 -24.26 18.03
C ASN A 1103 -4.40 -24.92 16.96
N ARG A 1104 -5.25 -24.17 16.27
CA ARG A 1104 -6.06 -24.79 15.24
C ARG A 1104 -5.24 -25.09 13.99
N ILE A 1105 -4.16 -24.34 13.74
CA ILE A 1105 -3.28 -24.74 12.66
C ILE A 1105 -2.41 -25.91 13.08
N ILE A 1106 -2.18 -26.09 14.38
CA ILE A 1106 -1.45 -27.27 14.84
C ILE A 1106 -2.35 -28.49 14.78
N LEU A 1107 -3.56 -28.39 15.36
CA LEU A 1107 -4.51 -29.49 15.42
C LEU A 1107 -5.28 -29.58 14.10
N ALA A 1108 -4.54 -29.94 13.06
CA ALA A 1108 -5.05 -30.04 11.70
C ALA A 1108 -4.42 -31.26 11.06
N PRO A 1109 -5.06 -31.84 10.04
CA PRO A 1109 -4.42 -32.94 9.31
C PRO A 1109 -3.41 -32.42 8.31
N MET A 1110 -2.53 -33.33 7.87
CA MET A 1110 -1.57 -33.00 6.82
C MET A 1110 -2.23 -32.91 5.45
N ARG A 1111 -3.45 -33.44 5.31
CA ARG A 1111 -4.18 -33.38 4.05
C ARG A 1111 -4.58 -31.96 3.69
N PHE A 1112 -4.86 -31.14 4.70
CA PHE A 1112 -5.11 -29.72 4.46
C PHE A 1112 -3.88 -28.99 3.94
N PHE A 1113 -2.70 -29.40 4.40
CA PHE A 1113 -1.47 -28.81 3.89
C PHE A 1113 -1.15 -29.26 2.47
N GLU A 1114 -1.69 -30.39 2.03
CA GLU A 1114 -1.63 -30.73 0.61
C GLU A 1114 -2.52 -29.81 -0.22
N THR A 1115 -3.69 -29.45 0.31
CA THR A 1115 -4.65 -28.67 -0.46
C THR A 1115 -4.22 -27.23 -0.59
N THR A 1116 -4.10 -26.52 0.53
CA THR A 1116 -3.75 -25.10 0.46
C THR A 1116 -2.24 -24.93 0.51
N PRO A 1117 -1.67 -23.97 -0.21
CA PRO A 1117 -0.23 -23.79 -0.22
C PRO A 1117 0.27 -23.24 1.11
N LEU A 1118 1.59 -23.23 1.26
CA LEU A 1118 2.16 -22.59 2.44
C LEU A 1118 2.08 -21.08 2.34
N GLY A 1119 1.92 -20.54 1.14
CA GLY A 1119 1.80 -19.10 0.96
C GLY A 1119 0.54 -18.53 1.57
N SER A 1120 -0.58 -19.23 1.40
CA SER A 1120 -1.86 -18.77 1.93
C SER A 1120 -1.88 -18.80 3.45
N ILE A 1121 -1.37 -19.87 4.06
CA ILE A 1121 -1.39 -19.99 5.51
C ILE A 1121 -0.44 -18.99 6.16
N LEU A 1122 0.73 -18.77 5.57
CA LEU A 1122 1.70 -17.83 6.13
C LEU A 1122 1.26 -16.38 5.98
N ASN A 1123 0.59 -16.05 4.88
CA ASN A 1123 0.12 -14.68 4.66
C ASN A 1123 -0.95 -14.30 5.67
N ARG A 1124 -2.05 -15.05 5.72
CA ARG A 1124 -3.12 -14.79 6.67
C ARG A 1124 -2.74 -15.13 8.11
N PHE A 1125 -1.54 -15.66 8.35
CA PHE A 1125 -0.98 -15.68 9.70
C PHE A 1125 -0.32 -14.34 10.02
N SER A 1126 0.74 -14.00 9.29
CA SER A 1126 1.67 -12.96 9.73
C SER A 1126 1.16 -11.55 9.47
N SER A 1127 0.75 -11.24 8.23
CA SER A 1127 0.31 -9.89 7.90
C SER A 1127 -1.02 -9.53 8.55
N ASP A 1128 -1.91 -10.51 8.72
CA ASP A 1128 -3.21 -10.24 9.34
C ASP A 1128 -3.13 -10.18 10.86
N CYS A 1129 -2.14 -10.84 11.48
CA CYS A 1129 -1.93 -10.61 12.90
C CYS A 1129 -1.36 -9.23 13.17
N ASN A 1130 -0.55 -8.70 12.25
CA ASN A 1130 -0.07 -7.33 12.38
C ASN A 1130 -1.22 -6.33 12.30
N THR A 1131 -2.17 -6.56 11.38
CA THR A 1131 -3.31 -5.67 11.24
C THR A 1131 -4.23 -5.73 12.44
N ILE A 1132 -4.38 -6.90 13.07
CA ILE A 1132 -5.27 -7.01 14.22
C ILE A 1132 -4.53 -6.82 15.54
N ASP A 1133 -3.28 -6.36 15.49
CA ASP A 1133 -2.57 -6.04 16.72
C ASP A 1133 -2.21 -4.58 16.87
N GLN A 1134 -1.87 -3.89 15.79
CA GLN A 1134 -1.38 -2.51 15.90
C GLN A 1134 -2.14 -1.54 15.02
N HIS A 1135 -3.20 -1.97 14.36
CA HIS A 1135 -3.89 -1.10 13.43
C HIS A 1135 -5.38 -1.04 13.69
N ILE A 1136 -5.98 -2.15 14.10
CA ILE A 1136 -7.40 -2.16 14.47
C ILE A 1136 -7.69 -1.43 15.78
N PRO A 1137 -6.92 -1.57 16.88
CA PRO A 1137 -7.31 -0.82 18.10
C PRO A 1137 -7.21 0.69 17.96
N SER A 1138 -6.18 1.20 17.25
CA SER A 1138 -6.09 2.64 17.03
C SER A 1138 -7.22 3.13 16.13
N THR A 1139 -7.56 2.35 15.11
CA THR A 1139 -8.72 2.68 14.28
C THR A 1139 -10.02 2.57 15.07
N LEU A 1140 -10.07 1.68 16.07
CA LEU A 1140 -11.28 1.57 16.89
C LEU A 1140 -11.46 2.79 17.79
N GLU A 1141 -10.39 3.27 18.40
CA GLU A 1141 -10.46 4.49 19.20
C GLU A 1141 -10.85 5.68 18.34
N CYS A 1142 -10.28 5.77 17.14
CA CYS A 1142 -10.58 6.87 16.24
C CYS A 1142 -12.01 6.77 15.72
N LEU A 1143 -12.49 5.56 15.44
CA LEU A 1143 -13.85 5.42 14.95
C LEU A 1143 -14.87 5.67 16.04
N SER A 1144 -14.65 5.09 17.22
CA SER A 1144 -15.57 5.29 18.34
C SER A 1144 -15.52 6.71 18.88
N ARG A 1145 -14.49 7.47 18.56
CA ARG A 1145 -14.54 8.89 18.86
C ARG A 1145 -15.21 9.68 17.74
N SER A 1146 -15.01 9.29 16.48
CA SER A 1146 -15.51 10.12 15.39
C SER A 1146 -17.02 10.04 15.24
N THR A 1147 -17.58 8.84 15.21
CA THR A 1147 -19.03 8.74 15.06
C THR A 1147 -19.77 9.20 16.32
N LEU A 1148 -19.14 9.15 17.48
CA LEU A 1148 -19.81 9.57 18.69
C LEU A 1148 -19.80 11.08 18.83
N LEU A 1149 -18.70 11.72 18.41
CA LEU A 1149 -18.68 13.18 18.28
C LEU A 1149 -19.72 13.69 17.28
N CYS A 1150 -19.98 12.94 16.21
CA CYS A 1150 -20.98 13.38 15.24
C CYS A 1150 -22.39 13.29 15.80
N VAL A 1151 -22.71 12.19 16.48
CA VAL A 1151 -24.03 12.06 17.11
C VAL A 1151 -24.19 13.09 18.21
N SER A 1152 -23.11 13.36 18.96
CA SER A 1152 -23.09 14.43 19.94
C SER A 1152 -23.37 15.79 19.30
N ALA A 1153 -22.71 16.08 18.18
CA ALA A 1153 -22.84 17.41 17.58
C ALA A 1153 -24.21 17.63 16.97
N LEU A 1154 -24.78 16.62 16.34
CA LEU A 1154 -26.10 16.81 15.76
C LEU A 1154 -27.21 16.81 16.80
N THR A 1155 -27.01 16.13 17.94
CA THR A 1155 -27.97 16.27 19.03
C THR A 1155 -27.97 17.68 19.60
N VAL A 1156 -26.80 18.30 19.70
CA VAL A 1156 -26.70 19.66 20.21
C VAL A 1156 -27.26 20.68 19.22
N ILE A 1157 -26.98 20.50 17.93
CA ILE A 1157 -27.55 21.36 16.90
C ILE A 1157 -29.07 21.26 16.89
N SER A 1158 -29.60 20.04 17.02
CA SER A 1158 -31.05 19.89 17.09
C SER A 1158 -31.62 20.41 18.40
N TYR A 1159 -30.82 20.45 19.47
CA TYR A 1159 -31.31 20.98 20.73
C TYR A 1159 -31.46 22.49 20.70
N VAL A 1160 -30.49 23.20 20.13
CA VAL A 1160 -30.57 24.65 20.07
C VAL A 1160 -31.58 25.07 19.03
N THR A 1161 -31.54 24.45 17.87
CA THR A 1161 -32.48 24.71 16.78
C THR A 1161 -33.33 23.48 16.52
N PRO A 1162 -34.55 23.40 17.05
CA PRO A 1162 -35.43 22.28 16.72
C PRO A 1162 -36.07 22.38 15.34
N VAL A 1163 -35.72 23.40 14.55
CA VAL A 1163 -36.10 23.45 13.15
C VAL A 1163 -35.12 22.66 12.30
N PHE A 1164 -33.95 22.33 12.86
CA PHE A 1164 -32.88 21.72 12.07
C PHE A 1164 -33.21 20.30 11.66
N LEU A 1165 -33.92 19.56 12.51
CA LEU A 1165 -34.08 18.13 12.27
C LEU A 1165 -35.00 17.86 11.09
N VAL A 1166 -35.92 18.79 10.80
CA VAL A 1166 -36.69 18.71 9.57
C VAL A 1166 -35.80 18.91 8.35
N ALA A 1167 -34.79 19.76 8.46
CA ALA A 1167 -33.78 19.94 7.43
C ALA A 1167 -32.57 19.04 7.61
N LEU A 1168 -32.54 18.22 8.68
CA LEU A 1168 -31.49 17.21 8.82
C LEU A 1168 -31.83 15.96 8.03
N LEU A 1169 -33.11 15.58 8.01
CA LEU A 1169 -33.51 14.29 7.45
C LEU A 1169 -33.23 14.16 5.95
N PRO A 1170 -33.55 15.14 5.07
CA PRO A 1170 -33.04 15.00 3.69
C PRO A 1170 -31.53 15.12 3.62
N LEU A 1171 -30.95 15.92 4.50
CA LEU A 1171 -29.50 16.11 4.52
C LEU A 1171 -28.79 14.84 4.99
N ALA A 1172 -29.35 14.13 5.96
CA ALA A 1172 -28.77 12.85 6.39
C ALA A 1172 -28.94 11.75 5.36
N VAL A 1173 -30.01 11.80 4.56
CA VAL A 1173 -30.15 10.84 3.47
C VAL A 1173 -29.06 11.04 2.42
N VAL A 1174 -28.79 12.30 2.05
CA VAL A 1174 -27.75 12.59 1.07
C VAL A 1174 -26.38 12.23 1.62
N CYS A 1175 -26.16 12.49 2.91
CA CYS A 1175 -24.93 12.07 3.58
C CYS A 1175 -24.78 10.56 3.59
N TYR A 1176 -25.89 9.84 3.75
CA TYR A 1176 -25.83 8.38 3.74
C TYR A 1176 -25.45 7.81 2.38
N PHE A 1177 -26.03 8.33 1.30
CA PHE A 1177 -25.72 7.80 -0.03
C PHE A 1177 -24.30 8.12 -0.47
N ILE A 1178 -23.79 9.31 -0.13
CA ILE A 1178 -22.40 9.64 -0.40
C ILE A 1178 -21.48 8.69 0.34
N GLN A 1179 -21.84 8.37 1.59
CA GLN A 1179 -21.11 7.38 2.37
C GLN A 1179 -21.13 6.00 1.72
N LYS A 1180 -22.28 5.60 1.18
CA LYS A 1180 -22.43 4.26 0.61
C LYS A 1180 -21.58 4.09 -0.65
N TYR A 1181 -21.68 5.03 -1.58
CA TYR A 1181 -20.89 4.96 -2.81
C TYR A 1181 -19.40 5.10 -2.58
N PHE A 1182 -18.99 5.83 -1.54
CA PHE A 1182 -17.56 5.95 -1.27
C PHE A 1182 -16.97 4.65 -0.75
N ARG A 1183 -17.68 3.92 0.11
CA ARG A 1183 -17.16 2.63 0.60
C ARG A 1183 -16.93 1.65 -0.52
N VAL A 1184 -17.87 1.56 -1.46
CA VAL A 1184 -17.74 0.63 -2.58
C VAL A 1184 -16.53 0.97 -3.42
N ALA A 1185 -16.30 2.25 -3.69
CA ALA A 1185 -15.15 2.64 -4.50
C ALA A 1185 -13.84 2.56 -3.72
N SER A 1186 -13.84 2.94 -2.44
CA SER A 1186 -12.58 3.05 -1.72
C SER A 1186 -11.99 1.69 -1.40
N ARG A 1187 -12.83 0.69 -1.14
CA ARG A 1187 -12.34 -0.67 -0.92
C ARG A 1187 -11.62 -1.22 -2.13
N ASP A 1188 -12.25 -1.10 -3.31
CA ASP A 1188 -11.70 -1.69 -4.52
C ASP A 1188 -10.44 -1.00 -4.98
N LEU A 1189 -10.37 0.32 -4.84
CA LEU A 1189 -9.14 1.04 -5.15
C LEU A 1189 -8.06 0.77 -4.11
N GLN A 1190 -8.43 0.40 -2.89
CA GLN A 1190 -7.42 0.07 -1.91
C GLN A 1190 -6.72 -1.25 -2.23
N GLN A 1191 -7.50 -2.29 -2.60
CA GLN A 1191 -6.86 -3.53 -3.03
C GLN A 1191 -6.11 -3.35 -4.33
N LEU A 1192 -6.58 -2.45 -5.18
CA LEU A 1192 -5.86 -2.16 -6.42
C LEU A 1192 -4.58 -1.39 -6.14
N ASP A 1193 -4.52 -0.66 -5.03
CA ASP A 1193 -3.26 -0.04 -4.63
C ASP A 1193 -2.27 -1.07 -4.13
N ASP A 1194 -2.73 -1.99 -3.26
CA ASP A 1194 -1.83 -2.95 -2.63
C ASP A 1194 -1.26 -3.93 -3.65
N THR A 1195 -2.13 -4.55 -4.43
CA THR A 1195 -1.70 -5.54 -5.41
C THR A 1195 -1.10 -4.92 -6.66
N THR A 1196 -0.84 -3.62 -6.69
CA THR A 1196 -0.02 -3.04 -7.75
C THR A 1196 1.36 -2.60 -7.29
N GLN A 1197 1.51 -2.13 -6.06
CA GLN A 1197 2.86 -1.84 -5.61
C GLN A 1197 3.61 -3.09 -5.19
N LEU A 1198 2.94 -4.25 -5.12
CA LEU A 1198 3.69 -5.50 -4.90
C LEU A 1198 4.49 -5.94 -6.12
N PRO A 1199 3.94 -6.02 -7.36
CA PRO A 1199 4.79 -6.49 -8.47
C PRO A 1199 5.92 -5.53 -8.82
N LEU A 1200 5.83 -4.26 -8.42
CA LEU A 1200 6.89 -3.32 -8.74
C LEU A 1200 8.12 -3.55 -7.87
N VAL A 1201 7.94 -3.75 -6.57
CA VAL A 1201 9.10 -4.09 -5.74
C VAL A 1201 9.56 -5.52 -5.99
N SER A 1202 8.68 -6.38 -6.50
CA SER A 1202 9.10 -7.68 -7.01
C SER A 1202 10.04 -7.50 -8.20
N HIS A 1203 9.76 -6.52 -9.06
CA HIS A 1203 10.62 -6.25 -10.20
C HIS A 1203 11.98 -5.72 -9.78
N PHE A 1204 12.04 -4.86 -8.76
CA PHE A 1204 13.31 -4.36 -8.30
C PHE A 1204 14.14 -5.43 -7.60
N ALA A 1205 13.50 -6.44 -7.05
CA ALA A 1205 14.26 -7.60 -6.57
C ALA A 1205 14.80 -8.41 -7.73
N GLU A 1206 13.94 -8.74 -8.68
CA GLU A 1206 14.32 -9.62 -9.77
C GLU A 1206 15.29 -8.98 -10.76
N THR A 1207 15.43 -7.66 -10.74
CA THR A 1207 16.43 -7.02 -11.58
C THR A 1207 17.82 -7.03 -10.96
N VAL A 1208 17.94 -6.60 -9.71
CA VAL A 1208 19.25 -6.47 -9.08
C VAL A 1208 19.91 -7.82 -8.84
N GLU A 1209 19.11 -8.88 -8.65
CA GLU A 1209 19.66 -10.22 -8.49
C GLU A 1209 20.31 -10.71 -9.77
N GLY A 1210 19.54 -10.83 -10.83
CA GLY A 1210 20.11 -11.22 -12.09
C GLY A 1210 20.47 -10.03 -12.95
N LEU A 1211 21.42 -9.22 -12.48
CA LEU A 1211 21.76 -8.02 -13.23
C LEU A 1211 22.60 -8.33 -14.45
N THR A 1212 23.62 -9.18 -14.28
CA THR A 1212 24.57 -9.45 -15.35
C THR A 1212 23.95 -10.22 -16.50
N THR A 1213 22.88 -10.96 -16.27
CA THR A 1213 22.14 -11.60 -17.35
C THR A 1213 21.46 -10.56 -18.23
N ILE A 1214 20.92 -9.50 -17.64
CA ILE A 1214 20.18 -8.50 -18.40
C ILE A 1214 21.12 -7.65 -19.23
N ARG A 1215 22.23 -7.22 -18.65
CA ARG A 1215 23.22 -6.49 -19.43
C ARG A 1215 23.99 -7.38 -20.40
N ALA A 1216 23.92 -8.70 -20.25
CA ALA A 1216 24.55 -9.56 -21.23
C ALA A 1216 23.77 -9.56 -22.52
N PHE A 1217 22.44 -9.65 -22.43
CA PHE A 1217 21.61 -9.74 -23.61
C PHE A 1217 21.50 -8.43 -24.37
N ARG A 1218 21.99 -7.32 -23.79
CA ARG A 1218 21.68 -5.95 -24.20
C ARG A 1218 20.18 -5.75 -24.36
N TYR A 1219 19.44 -6.34 -23.44
CA TYR A 1219 17.99 -6.35 -23.44
C TYR A 1219 17.50 -5.57 -22.24
N GLU A 1220 18.26 -4.51 -21.92
CA GLU A 1220 17.95 -3.65 -20.80
C GLU A 1220 16.76 -2.75 -21.09
N ALA A 1221 16.60 -2.35 -22.34
CA ALA A 1221 15.57 -1.39 -22.69
C ALA A 1221 14.18 -1.97 -22.57
N ARG A 1222 14.03 -3.28 -22.77
CA ARG A 1222 12.73 -3.91 -22.59
C ARG A 1222 12.32 -3.96 -21.13
N PHE A 1223 13.29 -4.14 -20.22
CA PHE A 1223 12.99 -4.07 -18.80
C PHE A 1223 12.79 -2.64 -18.31
N GLN A 1224 13.39 -1.66 -18.99
CA GLN A 1224 13.09 -0.27 -18.71
C GLN A 1224 11.62 0.04 -18.95
N GLN A 1225 11.07 -0.47 -20.06
CA GLN A 1225 9.64 -0.29 -20.33
C GLN A 1225 8.75 -1.08 -19.40
N LYS A 1226 9.22 -2.24 -18.90
CA LYS A 1226 8.42 -2.99 -17.94
C LYS A 1226 8.27 -2.23 -16.63
N LEU A 1227 9.32 -1.53 -16.19
CA LEU A 1227 9.20 -0.68 -15.02
C LEU A 1227 8.20 0.45 -15.25
N LEU A 1228 8.33 1.13 -16.39
CA LEU A 1228 7.48 2.29 -16.66
C LEU A 1228 6.02 1.90 -16.82
N GLU A 1229 5.74 0.69 -17.31
CA GLU A 1229 4.35 0.25 -17.30
C GLU A 1229 3.90 -0.04 -15.88
N TYR A 1230 4.78 -0.63 -15.06
CA TYR A 1230 4.43 -0.90 -13.68
C TYR A 1230 4.26 0.37 -12.88
N THR A 1231 5.09 1.38 -13.15
CA THR A 1231 5.00 2.63 -12.40
C THR A 1231 3.76 3.43 -12.82
N ASP A 1232 3.37 3.34 -14.09
CA ASP A 1232 2.12 3.97 -14.49
C ASP A 1232 0.92 3.27 -13.91
N SER A 1233 0.94 1.93 -13.85
CA SER A 1233 -0.17 1.24 -13.22
C SER A 1233 -0.20 1.43 -11.71
N ASN A 1234 0.92 1.80 -11.10
CA ASN A 1234 0.88 2.13 -9.69
C ASN A 1234 0.39 3.54 -9.44
N ASN A 1235 0.88 4.52 -10.21
CA ASN A 1235 0.49 5.91 -9.97
C ASN A 1235 -0.96 6.17 -10.35
N ILE A 1236 -1.50 5.46 -11.34
CA ILE A 1236 -2.90 5.71 -11.65
C ILE A 1236 -3.80 5.09 -10.60
N ALA A 1237 -3.36 4.00 -9.96
CA ALA A 1237 -4.17 3.44 -8.88
C ALA A 1237 -4.06 4.34 -7.65
N SER A 1238 -2.88 4.89 -7.42
CA SER A 1238 -2.70 5.81 -6.31
C SER A 1238 -3.44 7.13 -6.52
N LEU A 1239 -3.50 7.62 -7.76
CA LEU A 1239 -4.22 8.87 -8.02
C LEU A 1239 -5.73 8.70 -7.97
N PHE A 1240 -6.27 7.56 -8.37
CA PHE A 1240 -7.70 7.36 -8.17
C PHE A 1240 -8.07 7.20 -6.71
N LEU A 1241 -7.19 6.60 -5.91
CA LEU A 1241 -7.45 6.53 -4.48
C LEU A 1241 -7.45 7.92 -3.85
N THR A 1242 -6.51 8.77 -4.28
CA THR A 1242 -6.48 10.16 -3.80
C THR A 1242 -7.72 10.92 -4.23
N ALA A 1243 -8.06 10.85 -5.50
CA ALA A 1243 -9.16 11.67 -6.01
C ALA A 1243 -10.52 11.16 -5.53
N ALA A 1244 -10.64 9.87 -5.25
CA ALA A 1244 -11.88 9.40 -4.63
C ALA A 1244 -11.98 9.87 -3.18
N ASN A 1245 -10.86 9.92 -2.46
CA ASN A 1245 -10.86 10.49 -1.12
C ASN A 1245 -11.23 11.95 -1.12
N ARG A 1246 -10.75 12.71 -2.09
CA ARG A 1246 -11.10 14.13 -2.14
C ARG A 1246 -12.55 14.34 -2.54
N TRP A 1247 -13.10 13.45 -3.36
CA TRP A 1247 -14.50 13.60 -3.73
C TRP A 1247 -15.41 13.36 -2.53
N LEU A 1248 -15.11 12.36 -1.72
CA LEU A 1248 -15.82 12.19 -0.45
C LEU A 1248 -15.66 13.42 0.41
N GLU A 1249 -14.42 13.90 0.56
CA GLU A 1249 -14.17 14.96 1.51
C GLU A 1249 -14.78 16.28 1.06
N VAL A 1250 -14.79 16.59 -0.24
CA VAL A 1250 -15.44 17.82 -0.69
C VAL A 1250 -16.94 17.72 -0.50
N CYS A 1251 -17.54 16.59 -0.86
CA CYS A 1251 -18.99 16.47 -0.81
C CYS A 1251 -19.53 16.39 0.61
N MET A 1252 -18.88 15.64 1.50
CA MET A 1252 -19.33 15.60 2.88
C MET A 1252 -19.10 16.91 3.62
N GLU A 1253 -18.10 17.69 3.21
CA GLU A 1253 -17.82 18.95 3.88
C GLU A 1253 -18.77 20.06 3.42
N TYR A 1254 -19.25 19.99 2.17
CA TYR A 1254 -20.32 20.89 1.75
C TYR A 1254 -21.62 20.60 2.47
N ILE A 1255 -21.89 19.32 2.76
CA ILE A 1255 -23.02 18.98 3.62
C ILE A 1255 -22.83 19.63 4.99
N GLY A 1256 -21.60 19.65 5.48
CA GLY A 1256 -21.31 20.35 6.72
C GLY A 1256 -21.49 21.86 6.61
N ALA A 1257 -21.17 22.43 5.45
CA ALA A 1257 -21.40 23.86 5.26
C ALA A 1257 -22.89 24.20 5.26
N CYS A 1258 -23.71 23.31 4.70
CA CYS A 1258 -25.16 23.50 4.72
C CYS A 1258 -25.71 23.32 6.13
N VAL A 1259 -25.08 22.46 6.94
CA VAL A 1259 -25.40 22.39 8.37
C VAL A 1259 -25.20 23.75 9.03
N VAL A 1260 -24.08 24.42 8.73
CA VAL A 1260 -23.80 25.73 9.31
C VAL A 1260 -24.84 26.76 8.89
N LEU A 1261 -25.23 26.75 7.61
CA LEU A 1261 -26.21 27.72 7.11
C LEU A 1261 -27.56 27.55 7.80
N ILE A 1262 -28.09 26.32 7.82
CA ILE A 1262 -29.39 26.05 8.41
C ILE A 1262 -29.36 26.30 9.92
N ALA A 1263 -28.29 25.88 10.59
CA ALA A 1263 -28.20 26.05 12.04
C ALA A 1263 -28.09 27.51 12.43
N ALA A 1264 -27.27 28.29 11.74
CA ALA A 1264 -27.10 29.70 12.09
C ALA A 1264 -28.34 30.52 11.77
N ALA A 1265 -28.99 30.25 10.65
CA ALA A 1265 -30.19 31.00 10.27
C ALA A 1265 -31.33 30.78 11.26
N THR A 1266 -31.64 29.52 11.56
CA THR A 1266 -32.72 29.24 12.49
C THR A 1266 -32.39 29.61 13.94
N SER A 1267 -31.11 29.62 14.30
CA SER A 1267 -30.76 29.97 15.68
C SER A 1267 -30.92 31.46 15.95
N ILE A 1268 -30.45 32.28 15.02
CA ILE A 1268 -30.58 33.73 15.17
C ILE A 1268 -32.03 34.15 15.06
N SER A 1269 -32.79 33.46 14.20
CA SER A 1269 -34.22 33.73 14.08
C SER A 1269 -34.95 33.41 15.38
N ASN A 1270 -34.59 32.30 16.01
CA ASN A 1270 -35.21 31.94 17.27
C ASN A 1270 -34.61 32.69 18.45
N SER A 1271 -33.55 33.46 18.26
CA SER A 1271 -33.08 34.27 19.37
C SER A 1271 -33.42 35.74 19.24
N LEU A 1272 -33.86 36.20 18.07
CA LEU A 1272 -34.42 37.54 17.98
C LEU A 1272 -35.78 37.61 18.68
N HIS A 1273 -36.59 36.57 18.54
CA HIS A 1273 -37.97 36.62 19.00
C HIS A 1273 -38.21 35.70 20.19
N ARG A 1274 -37.92 34.41 20.04
CA ARG A 1274 -38.17 33.39 21.07
C ARG A 1274 -37.17 33.49 22.23
N GLU A 1275 -36.14 34.32 22.10
CA GLU A 1275 -35.19 34.69 23.15
C GLU A 1275 -34.43 33.48 23.69
N LEU A 1276 -33.57 32.93 22.82
CA LEU A 1276 -32.67 31.85 23.22
C LEU A 1276 -31.61 32.31 24.21
N SER A 1277 -31.42 33.62 24.35
CA SER A 1277 -30.55 34.38 25.28
C SER A 1277 -29.10 34.37 24.81
N ALA A 1278 -28.81 33.81 23.63
CA ALA A 1278 -27.53 33.85 22.90
C ALA A 1278 -26.42 33.06 23.56
N GLY A 1279 -26.63 32.50 24.75
CA GLY A 1279 -25.65 31.57 25.28
C GLY A 1279 -25.66 30.27 24.49
N LEU A 1280 -26.86 29.75 24.22
CA LEU A 1280 -27.01 28.53 23.44
C LEU A 1280 -26.59 28.75 22.00
N VAL A 1281 -26.93 29.91 21.42
CA VAL A 1281 -26.65 30.18 20.01
C VAL A 1281 -25.17 30.08 19.70
N GLY A 1282 -24.31 30.61 20.57
CA GLY A 1282 -22.87 30.41 20.42
C GLY A 1282 -22.48 28.97 20.57
N LEU A 1283 -23.16 28.25 21.45
CA LEU A 1283 -22.99 26.81 21.60
C LEU A 1283 -23.58 26.07 20.41
N GLY A 1284 -24.54 26.68 19.71
CA GLY A 1284 -24.99 26.11 18.46
C GLY A 1284 -23.95 26.25 17.36
N LEU A 1285 -23.44 27.47 17.17
CA LEU A 1285 -22.57 27.73 16.03
C LEU A 1285 -21.20 27.07 16.17
N THR A 1286 -20.69 26.92 17.40
CA THR A 1286 -19.39 26.31 17.57
C THR A 1286 -19.40 24.79 17.41
N TYR A 1287 -20.56 24.16 17.32
CA TYR A 1287 -20.62 22.78 16.89
C TYR A 1287 -21.00 22.60 15.43
N ALA A 1288 -21.71 23.58 14.85
CA ALA A 1288 -21.98 23.50 13.42
C ALA A 1288 -20.71 23.57 12.60
N LEU A 1289 -19.73 24.34 13.05
CA LEU A 1289 -18.43 24.35 12.37
C LEU A 1289 -17.71 23.02 12.49
N MET A 1290 -17.89 22.32 13.61
CA MET A 1290 -17.18 21.07 13.82
C MET A 1290 -17.86 19.86 13.20
N VAL A 1291 -19.08 20.00 12.67
CA VAL A 1291 -19.73 18.89 11.98
C VAL A 1291 -18.99 18.56 10.69
N SER A 1292 -18.46 19.58 10.01
CA SER A 1292 -17.93 19.43 8.66
C SER A 1292 -16.69 18.53 8.60
N ASN A 1293 -15.95 18.41 9.69
CA ASN A 1293 -14.82 17.49 9.74
C ASN A 1293 -15.01 16.41 10.80
N TYR A 1294 -16.26 16.09 11.11
CA TYR A 1294 -16.58 14.85 11.80
C TYR A 1294 -17.32 13.87 10.91
N LEU A 1295 -18.10 14.35 9.96
CA LEU A 1295 -18.65 13.49 8.93
C LEU A 1295 -17.55 12.93 8.06
N ASN A 1296 -16.55 13.76 7.76
CA ASN A 1296 -15.37 13.32 7.03
C ASN A 1296 -14.68 12.17 7.74
N TRP A 1297 -14.38 12.35 9.03
CA TRP A 1297 -13.67 11.34 9.79
C TRP A 1297 -14.50 10.10 10.06
N MET A 1298 -15.81 10.24 10.18
CA MET A 1298 -16.66 9.07 10.38
C MET A 1298 -16.63 8.14 9.16
N VAL A 1299 -16.77 8.70 7.96
CA VAL A 1299 -16.84 7.86 6.77
C VAL A 1299 -15.47 7.28 6.45
N ARG A 1300 -14.40 8.05 6.63
CA ARG A 1300 -13.07 7.55 6.31
C ARG A 1300 -12.60 6.49 7.29
N ASN A 1301 -12.84 6.70 8.59
CA ASN A 1301 -12.45 5.67 9.55
C ASN A 1301 -13.33 4.43 9.43
N LEU A 1302 -14.55 4.58 8.94
CA LEU A 1302 -15.40 3.41 8.70
C LEU A 1302 -14.88 2.60 7.52
N ALA A 1303 -14.36 3.26 6.49
CA ALA A 1303 -13.75 2.54 5.37
C ALA A 1303 -12.48 1.83 5.81
N ASP A 1304 -11.66 2.47 6.65
CA ASP A 1304 -10.45 1.82 7.13
C ASP A 1304 -10.76 0.67 8.07
N MET A 1305 -11.80 0.82 8.89
CA MET A 1305 -12.25 -0.28 9.74
C MET A 1305 -12.81 -1.44 8.92
N GLU A 1306 -13.42 -1.14 7.77
CA GLU A 1306 -13.91 -2.19 6.88
C GLU A 1306 -12.80 -3.09 6.36
N ILE A 1307 -11.75 -2.49 5.78
CA ILE A 1307 -10.65 -3.26 5.21
C ILE A 1307 -9.85 -3.96 6.31
N GLN A 1308 -9.78 -3.36 7.49
CA GLN A 1308 -9.03 -4.01 8.56
C GLN A 1308 -9.83 -5.09 9.27
N LEU A 1309 -11.15 -4.99 9.32
CA LEU A 1309 -11.92 -6.08 9.89
C LEU A 1309 -12.05 -7.24 8.93
N GLY A 1310 -11.84 -7.00 7.63
CA GLY A 1310 -11.69 -8.07 6.66
C GLY A 1310 -10.51 -8.99 6.90
N ALA A 1311 -9.51 -8.54 7.66
CA ALA A 1311 -8.38 -9.37 8.04
C ALA A 1311 -8.59 -10.08 9.36
N VAL A 1312 -9.81 -10.07 9.90
CA VAL A 1312 -10.16 -10.89 11.05
C VAL A 1312 -11.24 -11.86 10.60
N LYS A 1313 -12.03 -11.44 9.60
CA LYS A 1313 -12.94 -12.34 8.91
C LYS A 1313 -12.20 -13.54 8.32
N ARG A 1314 -11.04 -13.30 7.71
CA ARG A 1314 -10.27 -14.39 7.13
C ARG A 1314 -9.66 -15.30 8.17
N ILE A 1315 -9.29 -14.76 9.34
CA ILE A 1315 -8.72 -15.60 10.39
C ILE A 1315 -9.79 -16.49 11.00
N HIS A 1316 -11.01 -15.98 11.15
CA HIS A 1316 -12.13 -16.83 11.60
C HIS A 1316 -12.46 -17.89 10.57
N ALA A 1317 -12.38 -17.55 9.28
CA ALA A 1317 -12.64 -18.53 8.22
C ALA A 1317 -11.61 -19.65 8.22
N LEU A 1318 -10.37 -19.36 8.57
CA LEU A 1318 -9.33 -20.37 8.68
C LEU A 1318 -9.30 -21.07 10.03
N LEU A 1319 -9.97 -20.53 11.04
CA LEU A 1319 -10.26 -21.32 12.23
C LEU A 1319 -11.39 -22.31 12.01
N LYS A 1320 -12.16 -22.16 10.93
CA LYS A 1320 -13.26 -23.04 10.61
C LYS A 1320 -12.85 -24.32 9.88
N THR A 1321 -11.55 -24.63 9.86
CA THR A 1321 -11.07 -25.87 9.26
C THR A 1321 -10.45 -26.71 10.36
N GLU A 1322 -11.25 -27.62 10.92
CA GLU A 1322 -10.81 -28.47 12.01
C GLU A 1322 -11.06 -29.92 11.65
N ALA A 1323 -10.05 -30.76 11.85
CA ALA A 1323 -10.15 -32.18 11.61
C ALA A 1323 -9.08 -32.89 12.43
N GLU A 1324 -8.96 -34.20 12.22
CA GLU A 1324 -7.99 -35.09 12.85
C GLU A 1324 -8.07 -35.04 14.38
N SER A 1325 -9.25 -35.41 14.88
CA SER A 1325 -9.48 -35.41 16.31
C SER A 1325 -8.82 -36.62 16.96
N TYR A 1326 -8.10 -36.38 18.05
CA TYR A 1326 -7.35 -37.41 18.76
C TYR A 1326 -8.33 -38.27 19.54
N GLU A 1327 -8.96 -39.20 18.82
CA GLU A 1327 -10.04 -40.03 19.36
C GLU A 1327 -9.49 -41.41 19.69
N GLY A 1328 -9.12 -41.60 20.95
CA GLY A 1328 -8.76 -42.92 21.43
C GLY A 1328 -9.94 -43.61 22.07
N LEU A 1329 -10.62 -44.47 21.33
CA LEU A 1329 -11.88 -45.08 21.78
C LEU A 1329 -11.63 -46.43 22.46
N LEU A 1330 -10.84 -46.39 23.52
CA LEU A 1330 -10.62 -47.51 24.42
C LEU A 1330 -10.06 -46.94 25.73
N ALA A 1331 -9.56 -47.82 26.59
CA ALA A 1331 -8.76 -47.42 27.74
C ALA A 1331 -7.34 -47.18 27.22
N PRO A 1332 -6.92 -45.92 27.08
CA PRO A 1332 -5.84 -45.59 26.12
C PRO A 1332 -4.46 -46.05 26.53
N SER A 1333 -4.27 -46.54 27.76
CA SER A 1333 -3.00 -47.12 28.13
C SER A 1333 -2.96 -48.63 27.97
N LEU A 1334 -4.12 -49.28 27.93
CA LEU A 1334 -4.19 -50.74 27.79
C LEU A 1334 -4.14 -51.20 26.35
N ILE A 1335 -4.37 -50.31 25.39
CA ILE A 1335 -4.34 -50.69 23.98
C ILE A 1335 -2.91 -50.83 23.45
N PRO A 1336 -1.94 -49.95 23.74
CA PRO A 1336 -0.55 -50.29 23.38
C PRO A 1336 0.19 -50.94 24.53
N LYS A 1337 1.39 -51.41 24.21
CA LYS A 1337 2.34 -51.86 25.22
C LYS A 1337 3.12 -50.65 25.72
N ASN A 1338 4.22 -50.90 26.43
CA ASN A 1338 5.12 -49.81 26.78
C ASN A 1338 5.76 -49.21 25.54
N TRP A 1339 6.23 -50.07 24.63
CA TRP A 1339 6.73 -49.68 23.32
C TRP A 1339 6.58 -50.87 22.40
N PRO A 1340 6.00 -50.71 21.21
CA PRO A 1340 5.80 -51.88 20.33
C PRO A 1340 7.11 -52.33 19.72
N ASP A 1341 7.67 -53.42 20.26
CA ASP A 1341 8.94 -53.97 19.82
C ASP A 1341 8.77 -55.27 19.06
N GLN A 1342 7.53 -55.71 18.84
CA GLN A 1342 7.28 -56.83 17.96
C GLN A 1342 7.63 -56.46 16.52
N GLY A 1343 7.15 -55.30 16.07
CA GLY A 1343 7.21 -54.97 14.66
C GLY A 1343 6.29 -55.82 13.82
N LYS A 1344 5.27 -56.42 14.44
CA LYS A 1344 4.43 -57.44 13.82
C LYS A 1344 3.13 -56.86 13.30
N ILE A 1345 3.17 -55.66 12.76
CA ILE A 1345 1.96 -54.99 12.27
C ILE A 1345 1.53 -55.65 10.98
N GLN A 1346 0.56 -56.56 11.07
CA GLN A 1346 -0.02 -57.22 9.91
C GLN A 1346 -1.12 -56.32 9.37
N ILE A 1347 -0.83 -55.62 8.28
CA ILE A 1347 -1.84 -54.83 7.59
C ILE A 1347 -2.85 -55.76 6.94
N GLN A 1348 -4.13 -55.54 7.24
CA GLN A 1348 -5.20 -56.43 6.79
C GLN A 1348 -6.16 -55.63 5.91
N ASN A 1349 -5.91 -55.67 4.59
CA ASN A 1349 -6.82 -55.18 3.54
C ASN A 1349 -7.15 -53.70 3.69
N LEU A 1350 -6.21 -52.90 4.19
CA LEU A 1350 -6.43 -51.50 4.50
C LEU A 1350 -6.58 -50.70 3.21
N SER A 1351 -7.82 -50.34 2.87
CA SER A 1351 -8.12 -49.63 1.63
C SER A 1351 -8.12 -48.14 1.88
N VAL A 1352 -7.48 -47.40 0.98
CA VAL A 1352 -7.14 -45.99 1.22
C VAL A 1352 -8.07 -45.09 0.43
N ARG A 1353 -8.27 -43.87 0.95
CA ARG A 1353 -8.88 -42.76 0.22
C ARG A 1353 -8.39 -41.48 0.87
N TYR A 1354 -8.65 -40.35 0.20
CA TYR A 1354 -8.41 -39.06 0.82
C TYR A 1354 -9.69 -38.25 0.98
N ASP A 1355 -10.40 -37.97 -0.12
CA ASP A 1355 -11.68 -37.29 -0.05
C ASP A 1355 -12.85 -38.27 -0.04
N SER A 1356 -12.56 -39.57 -0.19
CA SER A 1356 -13.54 -40.65 -0.26
C SER A 1356 -14.56 -40.40 -1.38
N SER A 1357 -14.05 -40.01 -2.55
CA SER A 1357 -14.90 -39.55 -3.64
C SER A 1357 -15.03 -40.56 -4.77
N LEU A 1358 -13.92 -40.93 -5.43
CA LEU A 1358 -14.06 -41.67 -6.68
C LEU A 1358 -13.09 -42.82 -6.90
N LYS A 1359 -11.98 -42.93 -6.18
CA LYS A 1359 -10.93 -43.90 -6.54
C LYS A 1359 -10.09 -44.28 -5.33
N PRO A 1360 -10.42 -45.36 -4.65
CA PRO A 1360 -9.45 -45.98 -3.74
C PRO A 1360 -8.28 -46.55 -4.52
N VAL A 1361 -7.16 -46.71 -3.81
CA VAL A 1361 -5.93 -47.23 -4.40
C VAL A 1361 -5.57 -48.60 -3.82
N LEU A 1362 -5.33 -48.68 -2.52
CA LEU A 1362 -4.93 -49.93 -1.89
C LEU A 1362 -6.07 -50.93 -1.88
N LYS A 1363 -5.74 -52.20 -2.17
CA LYS A 1363 -6.76 -53.25 -2.29
C LYS A 1363 -6.22 -54.53 -1.67
N HIS A 1364 -6.86 -54.97 -0.58
CA HIS A 1364 -6.78 -56.35 -0.07
C HIS A 1364 -5.37 -56.76 0.36
N VAL A 1365 -4.54 -55.79 0.74
CA VAL A 1365 -3.14 -56.05 1.05
C VAL A 1365 -3.10 -56.70 2.44
N ASN A 1366 -3.03 -58.04 2.45
CA ASN A 1366 -3.00 -58.78 3.71
C ASN A 1366 -1.56 -59.18 4.04
N THR A 1367 -0.75 -58.17 4.36
CA THR A 1367 0.69 -58.31 4.40
C THR A 1367 1.21 -57.96 5.79
N LEU A 1368 2.15 -58.76 6.26
CA LEU A 1368 2.69 -58.65 7.62
C LEU A 1368 4.19 -58.41 7.56
N ILE A 1369 4.68 -57.62 8.51
CA ILE A 1369 6.11 -57.48 8.75
C ILE A 1369 6.48 -58.43 9.88
N SER A 1370 7.31 -59.39 9.58
CA SER A 1370 7.73 -60.31 10.62
C SER A 1370 8.78 -59.65 11.52
N PRO A 1371 8.84 -60.06 12.81
CA PRO A 1371 9.91 -59.54 13.68
C PRO A 1371 11.29 -59.95 13.21
N GLY A 1372 12.06 -58.98 12.76
CA GLY A 1372 13.37 -59.23 12.19
C GLY A 1372 13.38 -59.02 10.68
N GLN A 1373 12.33 -59.50 10.01
CA GLN A 1373 12.27 -59.46 8.55
C GLN A 1373 12.02 -58.04 8.06
N LYS A 1374 13.10 -57.27 7.92
CA LYS A 1374 13.03 -55.86 7.54
C LYS A 1374 12.63 -55.77 6.08
N ILE A 1375 11.32 -55.84 5.85
CA ILE A 1375 10.75 -56.04 4.52
C ILE A 1375 10.88 -54.76 3.70
N GLY A 1376 11.92 -54.68 2.88
CA GLY A 1376 12.02 -53.59 1.93
C GLY A 1376 11.07 -53.81 0.77
N ILE A 1377 10.00 -53.02 0.73
CA ILE A 1377 8.90 -53.25 -0.20
C ILE A 1377 8.82 -52.03 -1.10
N CYS A 1378 9.40 -52.13 -2.30
CA CYS A 1378 9.25 -51.13 -3.33
C CYS A 1378 8.15 -51.54 -4.29
N GLY A 1379 7.48 -50.56 -4.88
CA GLY A 1379 6.43 -50.82 -5.84
C GLY A 1379 6.46 -49.88 -7.03
N ARG A 1380 5.31 -49.65 -7.64
CA ARG A 1380 5.21 -48.69 -8.72
C ARG A 1380 5.23 -47.28 -8.14
N THR A 1381 6.17 -46.46 -8.63
CA THR A 1381 6.31 -45.10 -8.12
C THR A 1381 5.22 -44.16 -8.61
N GLY A 1382 4.41 -44.58 -9.57
CA GLY A 1382 3.38 -43.71 -10.12
C GLY A 1382 2.08 -43.74 -9.35
N SER A 1383 1.70 -44.90 -8.82
CA SER A 1383 0.40 -45.07 -8.19
C SER A 1383 0.48 -45.41 -6.71
N GLY A 1384 1.23 -46.44 -6.34
CA GLY A 1384 1.12 -46.96 -4.99
C GLY A 1384 2.34 -46.81 -4.09
N LYS A 1385 3.29 -45.98 -4.46
CA LYS A 1385 4.47 -45.77 -3.61
C LYS A 1385 4.26 -44.64 -2.60
N SER A 1386 4.02 -43.43 -3.11
CA SER A 1386 3.95 -42.26 -2.23
C SER A 1386 2.66 -42.23 -1.43
N SER A 1387 1.55 -42.66 -2.04
CA SER A 1387 0.27 -42.72 -1.34
C SER A 1387 0.30 -43.72 -0.18
N PHE A 1388 0.91 -44.89 -0.40
CA PHE A 1388 1.03 -45.87 0.67
C PHE A 1388 1.99 -45.42 1.76
N SER A 1389 3.07 -44.71 1.39
CA SER A 1389 4.03 -44.24 2.38
C SER A 1389 3.43 -43.21 3.33
N LEU A 1390 2.50 -42.38 2.86
CA LEU A 1390 1.82 -41.45 3.75
C LEU A 1390 0.76 -42.16 4.59
N ALA A 1391 -0.02 -43.06 3.97
CA ALA A 1391 -1.11 -43.73 4.66
C ALA A 1391 -0.65 -44.83 5.61
N PHE A 1392 0.65 -45.15 5.61
CA PHE A 1392 1.15 -46.15 6.55
C PHE A 1392 1.12 -45.66 7.99
N PHE A 1393 1.18 -44.34 8.19
CA PHE A 1393 1.33 -43.74 9.51
C PHE A 1393 0.00 -43.31 10.12
N ARG A 1394 -1.12 -43.85 9.62
CA ARG A 1394 -2.47 -43.40 9.95
C ARG A 1394 -2.63 -41.90 9.69
N MET A 1395 -2.03 -41.43 8.60
CA MET A 1395 -2.11 -40.03 8.19
C MET A 1395 -2.94 -39.86 6.93
N VAL A 1396 -3.82 -40.81 6.63
CA VAL A 1396 -4.75 -40.71 5.52
C VAL A 1396 -6.04 -41.41 5.91
N ASP A 1397 -7.06 -41.37 5.04
CA ASP A 1397 -8.36 -41.95 5.36
C ASP A 1397 -8.37 -43.40 4.89
N MET A 1398 -8.14 -44.32 5.82
CA MET A 1398 -8.32 -45.75 5.58
C MET A 1398 -9.77 -46.05 5.93
N PHE A 1399 -10.64 -46.00 4.93
CA PHE A 1399 -12.08 -46.04 5.15
C PHE A 1399 -12.60 -47.40 5.59
N GLU A 1400 -11.83 -48.45 5.43
CA GLU A 1400 -12.27 -49.79 5.81
C GLU A 1400 -11.05 -50.65 6.12
N GLY A 1401 -11.25 -51.96 6.18
CA GLY A 1401 -10.15 -52.88 6.37
C GLY A 1401 -9.80 -53.05 7.84
N ARG A 1402 -8.51 -53.30 8.09
CA ARG A 1402 -8.01 -53.43 9.44
C ARG A 1402 -6.53 -53.10 9.43
N ILE A 1403 -6.14 -52.08 10.19
CA ILE A 1403 -4.74 -51.68 10.27
C ILE A 1403 -4.22 -52.09 11.64
N ILE A 1404 -3.67 -53.30 11.73
CA ILE A 1404 -3.25 -53.83 13.02
C ILE A 1404 -1.89 -53.29 13.41
N ILE A 1405 -1.60 -53.38 14.70
CA ILE A 1405 -0.29 -53.02 15.22
C ILE A 1405 0.10 -54.05 16.26
N ASP A 1406 0.94 -55.02 15.86
CA ASP A 1406 1.35 -56.17 16.67
C ASP A 1406 0.15 -56.97 17.17
N GLY A 1407 -0.89 -57.05 16.33
CA GLY A 1407 -2.13 -57.71 16.71
C GLY A 1407 -3.07 -56.90 17.56
N ILE A 1408 -2.76 -55.62 17.82
CA ILE A 1408 -3.58 -54.78 18.68
C ILE A 1408 -4.35 -53.79 17.82
N ASP A 1409 -5.27 -53.06 18.47
CA ASP A 1409 -6.18 -52.15 17.77
C ASP A 1409 -5.50 -50.80 17.62
N ILE A 1410 -5.10 -50.47 16.39
CA ILE A 1410 -4.45 -49.21 16.09
C ILE A 1410 -5.46 -48.17 15.58
N ALA A 1411 -6.75 -48.41 15.79
CA ALA A 1411 -7.78 -47.43 15.48
C ALA A 1411 -8.28 -46.68 16.70
N LYS A 1412 -7.85 -47.08 17.90
CA LYS A 1412 -8.25 -46.45 19.15
C LYS A 1412 -7.06 -46.29 20.06
N LEU A 1413 -5.95 -45.87 19.51
CA LEU A 1413 -4.71 -45.60 20.22
C LEU A 1413 -4.50 -44.10 20.37
N PRO A 1414 -3.78 -43.66 21.41
CA PRO A 1414 -3.38 -42.24 21.49
C PRO A 1414 -2.46 -41.87 20.34
N LEU A 1415 -2.94 -41.01 19.45
CA LEU A 1415 -2.18 -40.68 18.24
C LEU A 1415 -0.92 -39.88 18.52
N HIS A 1416 -0.83 -39.23 19.69
CA HIS A 1416 0.45 -38.72 20.15
C HIS A 1416 1.40 -39.85 20.48
N THR A 1417 0.94 -40.82 21.27
CA THR A 1417 1.75 -41.97 21.62
C THR A 1417 1.98 -42.91 20.43
N LEU A 1418 1.00 -42.99 19.52
CA LEU A 1418 1.16 -43.83 18.34
C LEU A 1418 2.16 -43.24 17.35
N ARG A 1419 2.16 -41.92 17.20
CA ARG A 1419 3.16 -41.27 16.36
C ARG A 1419 4.46 -40.99 17.09
N SER A 1420 4.62 -41.51 18.30
CA SER A 1420 5.85 -41.34 19.05
C SER A 1420 6.87 -42.45 18.77
N ARG A 1421 6.41 -43.70 18.79
CA ARG A 1421 7.29 -44.86 18.78
C ARG A 1421 7.35 -45.56 17.43
N LEU A 1422 7.35 -44.79 16.33
CA LEU A 1422 7.54 -45.37 14.99
C LEU A 1422 8.26 -44.32 14.13
N SER A 1423 9.58 -44.41 14.08
CA SER A 1423 10.41 -43.41 13.45
C SER A 1423 10.32 -43.50 11.93
N ILE A 1424 10.83 -42.47 11.25
CA ILE A 1424 10.83 -42.41 9.80
C ILE A 1424 12.05 -41.63 9.33
N ILE A 1425 12.29 -41.70 8.02
CA ILE A 1425 13.16 -40.77 7.32
C ILE A 1425 12.34 -40.18 6.17
N LEU A 1426 12.94 -39.23 5.46
CA LEU A 1426 12.21 -38.45 4.47
C LEU A 1426 12.96 -38.47 3.15
N GLN A 1427 12.33 -37.86 2.14
CA GLN A 1427 12.88 -37.73 0.80
C GLN A 1427 13.57 -36.38 0.60
N ASP A 1428 12.89 -35.29 0.96
CA ASP A 1428 13.45 -33.94 0.87
C ASP A 1428 13.68 -33.43 2.28
N PRO A 1429 14.83 -33.68 2.89
CA PRO A 1429 14.99 -33.43 4.32
C PRO A 1429 15.18 -31.95 4.64
N VAL A 1430 14.76 -31.59 5.85
CA VAL A 1430 14.87 -30.23 6.35
C VAL A 1430 15.15 -30.29 7.83
N LEU A 1431 15.97 -29.37 8.32
CA LEU A 1431 16.35 -29.30 9.73
C LEU A 1431 15.70 -28.09 10.37
N PHE A 1432 14.83 -28.35 11.35
CA PHE A 1432 14.22 -27.26 12.11
C PHE A 1432 15.28 -26.61 12.99
N SER A 1433 15.39 -25.28 12.87
CA SER A 1433 16.46 -24.56 13.55
C SER A 1433 16.25 -24.52 15.05
N GLY A 1434 17.34 -24.60 15.79
CA GLY A 1434 17.29 -24.62 17.24
C GLY A 1434 18.62 -25.16 17.78
N THR A 1435 18.55 -25.67 19.01
CA THR A 1435 19.70 -26.35 19.56
C THR A 1435 19.91 -27.69 18.84
N ILE A 1436 21.16 -28.17 18.87
CA ILE A 1436 21.44 -29.47 18.27
C ILE A 1436 20.81 -30.58 19.10
N ARG A 1437 20.75 -30.41 20.42
CA ARG A 1437 19.99 -31.33 21.25
C ARG A 1437 18.49 -31.21 21.00
N PHE A 1438 18.02 -30.02 20.63
CA PHE A 1438 16.65 -29.88 20.14
C PHE A 1438 16.48 -30.44 18.75
N ASN A 1439 17.55 -30.53 17.96
CA ASN A 1439 17.49 -31.20 16.67
C ASN A 1439 17.48 -32.72 16.82
N LEU A 1440 17.97 -33.23 17.94
CA LEU A 1440 17.98 -34.67 18.19
C LEU A 1440 16.67 -35.14 18.82
N ASP A 1441 16.31 -34.56 19.96
CA ASP A 1441 15.10 -34.97 20.69
C ASP A 1441 14.58 -33.81 21.50
N PRO A 1442 13.69 -32.98 20.92
CA PRO A 1442 13.14 -31.86 21.69
C PRO A 1442 12.12 -32.30 22.72
N GLU A 1443 11.30 -33.30 22.40
CA GLU A 1443 10.31 -33.78 23.36
C GLU A 1443 10.96 -34.54 24.50
N LYS A 1444 12.07 -35.22 24.23
CA LYS A 1444 12.79 -35.94 25.30
C LYS A 1444 13.74 -35.00 26.04
N LYS A 1445 14.75 -34.48 25.34
CA LYS A 1445 15.90 -33.79 25.90
C LYS A 1445 16.51 -34.56 27.07
N CYS A 1446 16.94 -35.79 26.76
CA CYS A 1446 17.24 -36.76 27.81
C CYS A 1446 18.59 -36.52 28.46
N SER A 1447 19.67 -36.67 27.69
CA SER A 1447 21.01 -36.59 28.24
C SER A 1447 22.01 -36.39 27.11
N ASP A 1448 23.20 -35.93 27.46
CA ASP A 1448 24.25 -35.71 26.48
C ASP A 1448 24.91 -37.02 26.06
N SER A 1449 25.02 -37.98 26.97
CA SER A 1449 25.68 -39.25 26.65
C SER A 1449 24.88 -40.06 25.65
N THR A 1450 23.55 -39.95 25.67
CA THR A 1450 22.74 -40.52 24.62
C THR A 1450 23.01 -39.85 23.29
N LEU A 1451 23.28 -38.54 23.31
CA LEU A 1451 23.67 -37.82 22.10
C LEU A 1451 25.10 -38.15 21.68
N TRP A 1452 25.99 -38.48 22.62
CA TRP A 1452 27.32 -38.94 22.24
C TRP A 1452 27.25 -40.27 21.51
N GLU A 1453 26.43 -41.20 22.01
CA GLU A 1453 26.20 -42.45 21.29
C GLU A 1453 25.59 -42.19 19.92
N ALA A 1454 24.64 -41.24 19.86
CA ALA A 1454 23.97 -40.91 18.62
C ALA A 1454 24.90 -40.24 17.60
N LEU A 1455 25.47 -39.08 17.97
CA LEU A 1455 26.28 -38.35 16.99
C LEU A 1455 27.68 -38.92 16.76
N GLU A 1456 28.07 -40.00 17.42
CA GLU A 1456 29.27 -40.74 17.03
C GLU A 1456 28.95 -42.01 16.26
N ILE A 1457 28.21 -42.93 16.88
CA ILE A 1457 28.00 -44.26 16.28
C ILE A 1457 26.97 -44.30 15.17
N ALA A 1458 26.19 -43.25 14.94
CA ALA A 1458 25.33 -43.27 13.77
C ALA A 1458 26.09 -42.74 12.56
N GLN A 1459 26.50 -41.48 12.61
CA GLN A 1459 27.30 -40.81 11.58
C GLN A 1459 27.73 -39.47 12.13
N LEU A 1460 28.43 -38.70 11.29
CA LEU A 1460 28.69 -37.26 11.48
C LEU A 1460 29.54 -36.97 12.72
N LYS A 1461 30.41 -37.92 13.10
CA LYS A 1461 31.22 -37.73 14.30
C LYS A 1461 32.31 -36.70 14.07
N LEU A 1462 32.92 -36.69 12.89
CA LEU A 1462 33.92 -35.70 12.54
C LEU A 1462 33.33 -34.36 12.13
N VAL A 1463 32.02 -34.20 12.20
CA VAL A 1463 31.38 -32.89 12.09
C VAL A 1463 30.84 -32.43 13.44
N VAL A 1464 30.31 -33.36 14.24
CA VAL A 1464 29.75 -33.00 15.55
C VAL A 1464 30.87 -32.65 16.53
N LYS A 1465 31.87 -33.53 16.64
CA LYS A 1465 33.00 -33.25 17.54
C LYS A 1465 33.88 -32.14 17.01
N ALA A 1466 33.83 -31.84 15.71
CA ALA A 1466 34.52 -30.70 15.14
C ALA A 1466 33.65 -29.45 15.08
N LEU A 1467 32.40 -29.53 15.53
CA LEU A 1467 31.58 -28.35 15.64
C LEU A 1467 32.04 -27.52 16.84
N PRO A 1468 31.79 -26.20 16.81
CA PRO A 1468 32.21 -25.38 17.97
C PRO A 1468 31.43 -25.65 19.23
N GLY A 1469 30.15 -25.98 19.13
CA GLY A 1469 29.34 -26.19 20.32
C GLY A 1469 29.27 -27.64 20.76
N GLY A 1470 28.89 -28.53 19.85
CA GLY A 1470 28.68 -29.92 20.20
C GLY A 1470 27.23 -30.30 20.03
N LEU A 1471 26.64 -30.88 21.07
CA LEU A 1471 25.20 -31.15 21.08
C LEU A 1471 24.39 -29.96 21.51
N ASP A 1472 25.03 -28.86 21.92
CA ASP A 1472 24.32 -27.70 22.43
C ASP A 1472 24.70 -26.45 21.66
N ALA A 1473 24.70 -26.52 20.33
CA ALA A 1473 24.93 -25.36 19.49
C ALA A 1473 23.68 -25.06 18.67
N ILE A 1474 23.58 -23.81 18.21
CA ILE A 1474 22.41 -23.35 17.47
C ILE A 1474 22.50 -23.85 16.03
N ILE A 1475 21.48 -24.59 15.60
CA ILE A 1475 21.40 -25.04 14.22
C ILE A 1475 21.07 -23.83 13.36
N THR A 1476 22.06 -23.34 12.61
CA THR A 1476 21.96 -22.06 11.90
C THR A 1476 21.08 -22.20 10.67
N GLU A 1477 19.76 -22.22 10.93
CA GLU A 1477 18.70 -22.21 9.91
C GLU A 1477 18.79 -23.43 8.99
N GLY A 1478 18.94 -24.60 9.59
CA GLY A 1478 18.89 -25.85 8.86
C GLY A 1478 20.20 -26.57 8.69
N GLY A 1479 21.31 -26.01 9.17
CA GLY A 1479 22.62 -26.59 8.87
C GLY A 1479 22.93 -26.37 7.40
N GLU A 1480 23.22 -25.12 7.04
CA GLU A 1480 23.26 -24.68 5.65
C GLU A 1480 24.37 -25.34 4.84
N ASN A 1481 25.44 -25.79 5.49
CA ASN A 1481 26.50 -26.49 4.79
C ASN A 1481 26.98 -27.69 5.60
N PHE A 1482 26.05 -28.41 6.23
CA PHE A 1482 26.45 -29.55 7.04
C PHE A 1482 26.66 -30.80 6.18
N SER A 1483 25.58 -31.36 5.64
CA SER A 1483 25.60 -32.64 4.93
C SER A 1483 24.19 -32.94 4.41
N GLN A 1484 24.10 -34.01 3.63
CA GLN A 1484 22.85 -34.71 3.41
C GLN A 1484 22.74 -35.95 4.31
N GLY A 1485 23.87 -36.49 4.75
CA GLY A 1485 23.92 -37.63 5.65
C GLY A 1485 23.53 -37.31 7.09
N GLN A 1486 23.43 -36.02 7.43
CA GLN A 1486 22.88 -35.65 8.73
C GLN A 1486 21.41 -35.99 8.83
N ARG A 1487 20.71 -36.06 7.69
CA ARG A 1487 19.34 -36.56 7.68
C ARG A 1487 19.29 -38.00 8.15
N GLN A 1488 20.15 -38.85 7.58
CA GLN A 1488 20.21 -40.26 7.99
C GLN A 1488 20.79 -40.41 9.39
N LEU A 1489 21.70 -39.51 9.77
CA LEU A 1489 22.26 -39.54 11.13
C LEU A 1489 21.20 -39.18 12.16
N PHE A 1490 20.38 -38.16 11.86
CA PHE A 1490 19.27 -37.84 12.74
C PHE A 1490 18.21 -38.93 12.74
N CYS A 1491 18.07 -39.64 11.61
CA CYS A 1491 17.15 -40.77 11.54
C CYS A 1491 17.56 -41.90 12.47
N LEU A 1492 18.84 -42.28 12.45
CA LEU A 1492 19.34 -43.33 13.33
C LEU A 1492 19.37 -42.88 14.78
N ALA A 1493 19.59 -41.58 15.01
CA ALA A 1493 19.57 -41.05 16.37
C ALA A 1493 18.18 -41.14 16.98
N ARG A 1494 17.17 -40.69 16.24
CA ARG A 1494 15.78 -40.78 16.70
C ARG A 1494 15.26 -42.20 16.74
N ALA A 1495 15.86 -43.12 15.98
CA ALA A 1495 15.42 -44.51 15.99
C ALA A 1495 15.94 -45.29 17.20
N PHE A 1496 17.11 -44.95 17.72
CA PHE A 1496 17.62 -45.63 18.90
C PHE A 1496 17.20 -44.98 20.21
N VAL A 1497 16.82 -43.71 20.19
CA VAL A 1497 16.55 -42.96 21.42
C VAL A 1497 15.07 -42.94 21.76
N ARG A 1498 14.20 -42.86 20.76
CA ARG A 1498 12.76 -42.71 20.99
C ARG A 1498 12.04 -44.04 21.11
N LYS A 1499 12.76 -45.11 21.52
CA LYS A 1499 12.25 -46.48 21.63
C LYS A 1499 11.62 -46.98 20.33
N THR A 1500 12.17 -46.54 19.20
CA THR A 1500 11.57 -46.79 17.90
C THR A 1500 12.05 -48.15 17.39
N SER A 1501 11.16 -49.14 17.43
CA SER A 1501 11.45 -50.43 16.83
C SER A 1501 11.30 -50.38 15.32
N ILE A 1502 10.18 -49.87 14.83
CA ILE A 1502 9.98 -49.76 13.40
C ILE A 1502 10.79 -48.58 12.85
N PHE A 1503 11.07 -48.63 11.55
CA PHE A 1503 11.73 -47.53 10.86
C PHE A 1503 11.27 -47.58 9.40
N ILE A 1504 10.23 -46.82 9.08
CA ILE A 1504 9.69 -46.78 7.72
C ILE A 1504 10.53 -45.80 6.92
N MET A 1505 11.11 -46.28 5.83
CA MET A 1505 12.14 -45.54 5.11
C MET A 1505 11.65 -45.09 3.74
N ASP A 1506 12.19 -43.97 3.29
CA ASP A 1506 12.02 -43.49 1.93
C ASP A 1506 13.40 -43.23 1.34
N GLU A 1507 13.45 -43.11 0.02
CA GLU A 1507 14.72 -43.03 -0.68
C GLU A 1507 15.27 -41.61 -0.63
N ALA A 1508 16.58 -41.52 -0.84
CA ALA A 1508 17.23 -40.22 -0.95
C ALA A 1508 16.86 -39.57 -2.28
N THR A 1509 16.60 -38.27 -2.24
CA THR A 1509 16.33 -37.55 -3.47
C THR A 1509 17.62 -37.23 -4.21
N ALA A 1510 18.51 -36.48 -3.58
CA ALA A 1510 19.84 -36.22 -4.09
C ALA A 1510 20.85 -36.50 -3.00
N SER A 1511 21.83 -37.34 -3.30
CA SER A 1511 22.82 -37.76 -2.32
C SER A 1511 24.09 -38.19 -3.06
N ILE A 1512 25.12 -38.51 -2.29
CA ILE A 1512 26.35 -39.05 -2.85
C ILE A 1512 26.30 -40.57 -2.77
N ASP A 1513 27.10 -41.21 -3.62
CA ASP A 1513 27.14 -42.67 -3.67
C ASP A 1513 27.73 -43.25 -2.39
N MET A 1514 28.76 -42.61 -1.84
CA MET A 1514 29.26 -43.01 -0.53
C MET A 1514 28.29 -42.62 0.57
N ALA A 1515 27.51 -41.55 0.37
CA ALA A 1515 26.48 -41.20 1.34
C ALA A 1515 25.35 -42.21 1.32
N THR A 1516 24.99 -42.71 0.14
CA THR A 1516 24.02 -43.79 0.07
C THR A 1516 24.60 -45.07 0.65
N GLU A 1517 25.91 -45.27 0.49
CA GLU A 1517 26.57 -46.43 1.09
C GLU A 1517 26.64 -46.29 2.60
N ASN A 1518 26.86 -45.07 3.10
CA ASN A 1518 26.85 -44.84 4.54
C ASN A 1518 25.45 -45.00 5.11
N ILE A 1519 24.43 -44.62 4.34
CA ILE A 1519 23.05 -44.86 4.74
C ILE A 1519 22.76 -46.36 4.74
N LEU A 1520 23.36 -47.10 3.81
CA LEU A 1520 23.22 -48.55 3.80
C LEU A 1520 23.90 -49.20 4.99
N GLN A 1521 25.07 -48.69 5.37
CA GLN A 1521 25.76 -49.22 6.54
C GLN A 1521 25.00 -48.89 7.82
N LYS A 1522 24.41 -47.69 7.87
CA LYS A 1522 23.54 -47.32 8.99
C LYS A 1522 22.25 -48.12 8.96
N VAL A 1523 21.79 -48.53 7.77
CA VAL A 1523 20.61 -49.38 7.68
C VAL A 1523 20.92 -50.78 8.19
N VAL A 1524 22.15 -51.27 7.97
CA VAL A 1524 22.57 -52.53 8.54
C VAL A 1524 22.58 -52.44 10.06
N MET A 1525 23.03 -51.29 10.58
CA MET A 1525 22.96 -51.02 12.01
C MET A 1525 21.53 -50.82 12.49
N THR A 1526 20.65 -50.35 11.59
CA THR A 1526 19.25 -50.16 11.95
C THR A 1526 18.51 -51.48 12.14
N ALA A 1527 18.78 -52.47 11.29
CA ALA A 1527 18.22 -53.80 11.53
C ALA A 1527 18.85 -54.46 12.75
N PHE A 1528 20.14 -54.21 12.98
CA PHE A 1528 20.83 -54.78 14.13
C PHE A 1528 20.41 -54.18 15.46
N ALA A 1529 19.82 -52.98 15.46
CA ALA A 1529 19.44 -52.32 16.69
C ALA A 1529 17.95 -52.08 16.85
N ASP A 1530 17.19 -51.98 15.76
CA ASP A 1530 15.76 -51.70 15.86
C ASP A 1530 14.88 -52.87 15.44
N ARG A 1531 15.37 -53.76 14.57
CA ARG A 1531 14.82 -55.09 14.26
C ARG A 1531 13.48 -55.06 13.51
N THR A 1532 12.91 -53.89 13.26
CA THR A 1532 11.67 -53.78 12.50
C THR A 1532 11.81 -52.67 11.47
N VAL A 1533 11.39 -52.95 10.23
CA VAL A 1533 11.45 -51.97 9.15
C VAL A 1533 10.46 -52.37 8.08
N VAL A 1534 9.92 -51.38 7.38
CA VAL A 1534 9.17 -51.59 6.15
C VAL A 1534 9.52 -50.46 5.19
N THR A 1535 10.42 -50.72 4.25
CA THR A 1535 11.04 -49.67 3.46
C THR A 1535 10.58 -49.67 2.01
N ILE A 1536 10.32 -48.49 1.49
CA ILE A 1536 10.07 -48.28 0.06
C ILE A 1536 11.12 -47.28 -0.43
N ALA A 1537 11.72 -47.59 -1.58
CA ALA A 1537 12.82 -46.78 -2.10
C ALA A 1537 12.62 -46.57 -3.59
N HIS A 1538 12.47 -45.31 -4.00
CA HIS A 1538 12.32 -44.99 -5.41
C HIS A 1538 13.61 -45.19 -6.19
N ARG A 1539 14.76 -45.27 -5.52
CA ARG A 1539 16.01 -45.72 -6.14
C ARG A 1539 15.90 -47.23 -6.27
N VAL A 1540 15.26 -47.67 -7.36
CA VAL A 1540 14.82 -49.07 -7.47
C VAL A 1540 15.97 -50.02 -7.77
N HIS A 1541 17.05 -49.55 -8.36
CA HIS A 1541 18.17 -50.42 -8.71
C HIS A 1541 19.02 -50.84 -7.52
N THR A 1542 18.75 -50.31 -6.33
CA THR A 1542 19.50 -50.68 -5.13
C THR A 1542 18.63 -51.25 -4.02
N ILE A 1543 17.31 -51.34 -4.21
CA ILE A 1543 16.37 -51.64 -3.13
C ILE A 1543 16.09 -53.13 -3.04
N LEU A 1544 16.91 -53.96 -3.67
CA LEU A 1544 16.65 -55.39 -3.71
C LEU A 1544 17.03 -56.12 -2.42
N SER A 1545 17.87 -55.53 -1.58
CA SER A 1545 18.31 -56.19 -0.36
C SER A 1545 17.21 -56.07 0.68
N ALA A 1546 16.51 -57.17 0.93
CA ALA A 1546 15.43 -57.24 1.91
C ALA A 1546 15.36 -58.68 2.42
N ASP A 1547 14.23 -59.04 3.03
CA ASP A 1547 13.91 -60.43 3.28
C ASP A 1547 12.70 -60.86 2.46
N LEU A 1548 11.57 -60.18 2.62
CA LEU A 1548 10.39 -60.35 1.79
C LEU A 1548 10.06 -59.01 1.16
N VAL A 1549 9.41 -59.04 -0.01
CA VAL A 1549 9.09 -57.83 -0.75
C VAL A 1549 7.80 -58.02 -1.51
N MET A 1550 7.15 -56.91 -1.84
CA MET A 1550 5.94 -56.92 -2.64
C MET A 1550 5.93 -55.71 -3.55
N VAL A 1551 5.74 -55.95 -4.84
CA VAL A 1551 5.58 -54.89 -5.83
C VAL A 1551 4.10 -54.85 -6.18
N LEU A 1552 3.45 -53.74 -5.83
CA LEU A 1552 1.99 -53.63 -5.87
C LEU A 1552 1.65 -52.47 -6.79
N LYS A 1553 1.59 -52.76 -8.08
CA LYS A 1553 1.45 -51.72 -9.09
C LYS A 1553 -0.02 -51.52 -9.44
N ARG A 1554 -0.42 -50.25 -9.55
CA ARG A 1554 -1.78 -49.81 -9.90
C ARG A 1554 -2.83 -50.36 -8.92
N GLY A 1555 -2.45 -50.54 -7.65
CA GLY A 1555 -3.37 -50.92 -6.61
C GLY A 1555 -3.90 -52.34 -6.69
N ALA A 1556 -3.03 -53.33 -6.46
CA ALA A 1556 -3.43 -54.73 -6.37
C ALA A 1556 -2.32 -55.48 -5.64
N ILE A 1557 -2.54 -56.78 -5.45
CA ILE A 1557 -1.48 -57.68 -5.01
C ILE A 1557 -1.00 -58.40 -6.26
N LEU A 1558 -0.01 -57.81 -6.94
CA LEU A 1558 0.47 -58.29 -8.23
C LEU A 1558 1.69 -59.18 -8.13
N GLU A 1559 2.67 -58.80 -7.31
CA GLU A 1559 3.90 -59.56 -7.18
C GLU A 1559 4.24 -59.73 -5.70
N PHE A 1560 4.60 -60.95 -5.32
CA PHE A 1560 5.06 -61.22 -3.96
C PHE A 1560 6.21 -62.22 -4.02
N ASP A 1561 7.28 -61.91 -3.31
CA ASP A 1561 8.49 -62.73 -3.31
C ASP A 1561 9.01 -62.84 -1.88
N LYS A 1562 8.60 -63.90 -1.18
CA LYS A 1562 9.03 -64.12 0.19
C LYS A 1562 10.50 -64.54 0.28
N PRO A 1563 11.06 -65.27 -0.68
CA PRO A 1563 12.51 -65.13 -0.92
C PRO A 1563 12.78 -64.04 -1.93
N GLU A 1564 13.96 -63.42 -1.80
CA GLU A 1564 14.31 -62.31 -2.69
C GLU A 1564 14.67 -62.80 -4.09
N THR A 1565 15.15 -64.03 -4.21
CA THR A 1565 15.59 -64.55 -5.50
C THR A 1565 14.44 -64.98 -6.40
N LEU A 1566 13.28 -65.28 -5.83
CA LEU A 1566 12.12 -65.68 -6.63
C LEU A 1566 11.54 -64.54 -7.46
N LEU A 1567 11.76 -63.29 -7.07
CA LEU A 1567 11.35 -62.15 -7.88
C LEU A 1567 12.16 -62.05 -9.16
N SER A 1568 13.46 -62.29 -9.11
CA SER A 1568 14.32 -62.25 -10.29
C SER A 1568 14.20 -63.48 -11.19
N GLN A 1569 13.51 -64.53 -10.75
CA GLN A 1569 13.28 -65.70 -11.59
C GLN A 1569 11.97 -65.64 -12.38
N LYS A 1570 10.93 -65.03 -11.82
CA LYS A 1570 9.59 -65.09 -12.39
C LYS A 1570 9.45 -64.15 -13.58
N ASP A 1571 8.20 -63.94 -14.02
CA ASP A 1571 7.92 -63.10 -15.19
C ASP A 1571 7.65 -61.64 -14.81
N SER A 1572 6.63 -61.39 -13.98
CA SER A 1572 6.14 -60.03 -13.76
C SER A 1572 6.98 -59.27 -12.74
N VAL A 1573 7.41 -59.93 -11.67
CA VAL A 1573 8.25 -59.28 -10.66
C VAL A 1573 9.64 -58.98 -11.19
N PHE A 1574 10.16 -59.84 -12.08
CA PHE A 1574 11.44 -59.60 -12.72
C PHE A 1574 11.38 -58.44 -13.72
N ALA A 1575 10.24 -58.27 -14.41
CA ALA A 1575 10.13 -57.19 -15.38
C ALA A 1575 10.11 -55.82 -14.71
N SER A 1576 9.60 -55.71 -13.49
CA SER A 1576 9.77 -54.47 -12.74
C SER A 1576 11.13 -54.37 -12.06
N PHE A 1577 11.88 -55.48 -12.00
CA PHE A 1577 13.25 -55.47 -11.53
C PHE A 1577 14.28 -55.49 -12.66
N VAL A 1578 13.87 -55.64 -13.91
CA VAL A 1578 14.79 -55.55 -15.04
C VAL A 1578 14.80 -54.13 -15.62
N MET B 1 -8.60 13.77 15.84
CA MET B 1 -8.98 12.37 15.74
C MET B 1 -8.81 11.86 14.32
N LEU B 2 -7.56 11.73 13.90
CA LEU B 2 -7.26 11.34 12.51
C LEU B 2 -5.98 10.52 12.53
N SER B 3 -6.08 9.26 12.11
CA SER B 3 -4.92 8.38 12.03
C SER B 3 -4.44 8.16 10.61
N ARG B 4 -5.36 8.05 9.64
CA ARG B 4 -4.97 7.97 8.24
C ARG B 4 -4.41 9.29 7.74
N LYS B 5 -4.88 10.42 8.29
CA LYS B 5 -4.29 11.72 7.97
C LYS B 5 -2.92 11.89 8.59
N GLY B 6 -2.60 11.12 9.63
CA GLY B 6 -1.26 11.05 10.16
C GLY B 6 -0.32 10.31 9.22
N ILE B 7 0.92 10.16 9.67
CA ILE B 7 1.94 9.52 8.85
C ILE B 7 1.62 8.03 8.78
N ILE B 8 0.94 7.64 7.70
CA ILE B 8 0.55 6.26 7.45
C ILE B 8 1.79 5.43 7.17
N PRO B 9 2.88 6.04 6.70
CA PRO B 9 4.09 5.28 6.36
C PRO B 9 4.73 4.66 7.60
N GLU B 10 4.91 3.34 7.54
CA GLU B 10 5.56 2.57 8.59
C GLU B 10 6.55 1.62 7.96
N GLU B 11 7.36 0.97 8.80
CA GLU B 11 8.35 0.04 8.30
C GLU B 11 7.69 -1.25 7.82
N TYR B 12 8.13 -1.74 6.67
CA TYR B 12 7.63 -2.98 6.09
C TYR B 12 8.83 -3.73 5.51
N VAL B 13 9.37 -4.67 6.28
CA VAL B 13 10.42 -5.55 5.79
C VAL B 13 9.78 -6.81 5.25
N LEU B 14 9.02 -7.49 6.10
CA LEU B 14 8.22 -8.61 5.64
C LEU B 14 7.04 -8.10 4.81
N THR B 15 6.70 -8.86 3.77
CA THR B 15 5.68 -8.47 2.82
C THR B 15 4.63 -9.57 2.71
N ARG B 16 3.62 -9.31 1.89
CA ARG B 16 2.63 -10.33 1.56
C ARG B 16 3.28 -11.37 0.67
N LEU B 17 3.14 -12.64 1.04
CA LEU B 17 3.90 -13.69 0.36
C LEU B 17 3.25 -14.11 -0.95
N ALA B 18 2.04 -14.66 -0.89
CA ALA B 18 1.51 -15.40 -2.03
C ALA B 18 -0.02 -15.40 -1.96
N GLU B 19 -0.63 -16.29 -2.75
CA GLU B 19 -2.07 -16.54 -2.80
C GLU B 19 -2.87 -15.31 -3.21
O3 GBM C . -3.71 9.72 1.85
O4 GBM C . -4.69 10.08 3.93
O5 GBM C . -6.78 11.81 3.74
O6 GBM C . -1.77 15.75 6.20
CL1 GBM C . -3.05 20.84 9.08
S2 GBM C . -5.37 11.30 3.06
O7 GBM C . -4.79 15.75 6.62
N8 GBM C . -4.47 9.36 -0.27
N9 GBM C . -5.62 10.81 1.46
N10 GBM C . -1.97 17.33 4.61
C11 GBM C . -3.32 8.50 -0.53
C12 GBM C . -2.10 9.29 -0.96
C13 GBM C . -3.61 7.53 -1.65
C14 GBM C . -0.91 8.35 -0.94
C15 GBM C . -2.50 6.50 -1.68
C16 GBM C . -1.11 7.13 -1.84
C17 GBM C . -4.54 9.94 1.05
C18 GBM C . -4.23 12.69 2.96
C19 GBM C . -2.58 14.85 2.71
C20 GBM C . -1.72 16.08 2.51
C21 GBM C . -3.09 12.76 3.74
C22 GBM C . -4.54 13.68 2.07
C23 GBM C . -2.26 13.86 3.61
C24 GBM C . -3.71 14.76 1.95
C25 GBM C . -1.07 16.54 3.80
C26 GBM C . -2.26 16.77 5.90
C27 GBM C . -3.18 17.49 6.88
C28 GBM C . -4.40 16.95 7.20
C29 GBM C . -2.77 18.66 7.45
C30 GBM C . -5.22 17.59 8.11
C31 GBM C . -3.59 19.31 8.35
C32 GBM C . -4.81 18.77 8.67
C33 GBM C . -6.09 15.77 6.08
PG ATP D . 33.60 -21.47 -9.62
O1G ATP D . 34.96 -21.94 -9.17
O2G ATP D . 33.21 -21.92 -11.00
O3G ATP D . 32.51 -21.58 -8.58
PB ATP D . 34.96 -19.40 -10.80
O1B ATP D . 36.12 -20.35 -10.66
O2B ATP D . 34.34 -19.16 -12.16
O3B ATP D . 33.82 -19.89 -9.79
PA ATP D . 36.62 -17.24 -10.82
O1A ATP D . 36.17 -16.54 -12.09
O2A ATP D . 37.72 -18.25 -10.85
O3A ATP D . 35.37 -17.99 -10.17
O5' ATP D . 37.01 -16.17 -9.68
C5' ATP D . 38.34 -15.66 -9.58
C4' ATP D . 38.43 -14.68 -8.43
O4' ATP D . 37.86 -13.44 -8.81
C3' ATP D . 37.68 -15.21 -7.22
O3' ATP D . 38.59 -15.41 -6.15
C2' ATP D . 36.69 -14.12 -6.86
O2' ATP D . 36.89 -13.72 -5.50
C1' ATP D . 37.00 -12.96 -7.79
N9 ATP D . 35.76 -12.58 -8.50
C8 ATP D . 35.47 -12.97 -9.74
N7 ATP D . 34.27 -12.47 -10.14
C5 ATP D . 33.80 -11.73 -9.13
C6 ATP D . 32.58 -10.93 -8.89
N6 ATP D . 31.62 -10.81 -9.84
N1 ATP D . 32.47 -10.31 -7.69
C2 ATP D . 33.42 -10.43 -6.74
N3 ATP D . 34.53 -11.14 -6.89
C4 ATP D . 34.78 -11.79 -8.05
#